data_6K40
#
_entry.id   6K40
#
_cell.length_a   52.094
_cell.length_b   166.862
_cell.length_c   285.047
_cell.angle_alpha   90.000
_cell.angle_beta   90.000
_cell.angle_gamma   90.000
#
_symmetry.space_group_name_H-M   'P 21 21 21'
#
loop_
_entity.id
_entity.type
_entity.pdbx_description
1 polymer 'Alkyl hydroperoxide reductase AhpD'
2 non-polymer GLYCEROL
3 non-polymer DI(HYDROXYETHYL)ETHER
4 non-polymer 2-AMINO-2-HYDROXYMETHYL-PROPANE-1,3-DIOL
5 water water
#
_entity_poly.entity_id   1
_entity_poly.type   'polypeptide(L)'
_entity_poly.pdbx_seq_one_letter_code
;MHHHHHHPTTQPRLSFLAVPTEDNAHEGVKKLWSKAEANMGFVPNVFRAQALNGEQFLAWWNYFNLLVNKEGGLSNAERE
LLAVVVSGLNRCVYCAVSHGAALREFSGDAVKADAVAVNWRQAELSEREQAMCAYAEKLTLRPAEMTEADLAPLRAAGLS
DEAILEAVQVIAMFNMTNRVSSALGFVPNPEYHIQSR
;
_entity_poly.pdbx_strand_id   A,B,C,D,E,G,F,H,I,J,K,L
#
loop_
_chem_comp.id
_chem_comp.type
_chem_comp.name
_chem_comp.formula
GOL non-polymer GLYCEROL 'C3 H8 O3'
PEG non-polymer DI(HYDROXYETHYL)ETHER 'C4 H10 O3'
TRS non-polymer 2-AMINO-2-HYDROXYMETHYL-PROPANE-1,3-DIOL 'C4 H12 N O3 1'
#
# COMPACT_ATOMS: atom_id res chain seq x y z
N PRO A 12 -35.74 10.85 -9.74
CA PRO A 12 -35.84 9.43 -10.10
C PRO A 12 -34.93 8.54 -9.27
N ARG A 13 -35.20 7.23 -9.26
CA ARG A 13 -34.45 6.27 -8.44
C ARG A 13 -33.23 5.81 -9.21
N LEU A 14 -32.11 6.49 -8.96
CA LEU A 14 -30.86 6.22 -9.67
C LEU A 14 -30.20 4.90 -9.26
N SER A 15 -30.54 4.35 -8.10
CA SER A 15 -29.81 3.19 -7.60
C SER A 15 -30.67 2.40 -6.62
N PHE A 16 -30.31 1.12 -6.44
CA PHE A 16 -30.87 0.33 -5.37
C PHE A 16 -30.25 0.66 -4.01
N LEU A 17 -29.14 1.38 -3.99
CA LEU A 17 -28.48 1.81 -2.76
C LEU A 17 -28.65 3.31 -2.59
N ALA A 18 -28.20 3.80 -1.44
CA ALA A 18 -28.24 5.23 -1.19
C ALA A 18 -27.33 5.95 -2.18
N VAL A 19 -27.75 7.14 -2.56
CA VAL A 19 -27.00 7.98 -3.50
C VAL A 19 -26.44 9.16 -2.73
N PRO A 20 -25.17 9.50 -2.88
CA PRO A 20 -24.63 10.66 -2.17
C PRO A 20 -25.27 11.94 -2.67
N THR A 21 -25.64 12.84 -1.75
CA THR A 21 -26.20 14.14 -2.10
C THR A 21 -25.12 15.22 -2.19
N GLU A 22 -25.50 16.47 -2.44
CA GLU A 22 -24.47 17.50 -2.49
C GLU A 22 -23.86 17.73 -1.13
N ASP A 23 -24.54 17.27 -0.10
CA ASP A 23 -24.08 17.61 1.24
C ASP A 23 -23.04 16.63 1.72
N ASN A 24 -23.25 15.34 1.46
CA ASN A 24 -22.39 14.29 2.00
C ASN A 24 -21.44 13.71 0.96
N ALA A 25 -21.45 14.20 -0.27
CA ALA A 25 -20.59 13.62 -1.29
C ALA A 25 -19.14 14.00 -1.05
N HIS A 26 -18.25 13.12 -1.49
CA HIS A 26 -16.83 13.44 -1.54
C HIS A 26 -16.64 14.69 -2.39
N GLU A 27 -15.64 15.52 -2.04
CA GLU A 27 -15.49 16.77 -2.77
C GLU A 27 -14.85 16.58 -4.14
N GLY A 28 -14.29 15.41 -4.41
CA GLY A 28 -13.73 15.17 -5.73
C GLY A 28 -14.83 14.61 -6.59
N VAL A 29 -15.78 13.92 -5.96
CA VAL A 29 -17.01 13.55 -6.66
C VAL A 29 -17.77 14.79 -7.09
N LYS A 30 -17.84 15.80 -6.21
CA LYS A 30 -18.53 17.04 -6.58
C LYS A 30 -17.76 17.79 -7.67
N LYS A 31 -16.42 17.75 -7.63
CA LYS A 31 -15.67 18.41 -8.69
C LYS A 31 -15.90 17.71 -10.03
N LEU A 32 -16.01 16.38 -10.01
CA LEU A 32 -16.30 15.66 -11.24
C LEU A 32 -17.72 15.94 -11.72
N TRP A 33 -18.67 16.07 -10.78
CA TRP A 33 -20.04 16.45 -11.15
C TRP A 33 -20.05 17.79 -11.87
N SER A 34 -19.32 18.77 -11.34
CA SER A 34 -19.31 20.10 -11.95
C SER A 34 -18.61 20.07 -13.30
N LYS A 35 -17.56 19.25 -13.44
CA LYS A 35 -16.88 19.16 -14.73
C LYS A 35 -17.76 18.48 -15.77
N ALA A 36 -18.50 17.45 -15.36
CA ALA A 36 -19.38 16.74 -16.28
C ALA A 36 -20.48 17.67 -16.76
N GLU A 37 -21.04 18.47 -15.85
CA GLU A 37 -22.09 19.41 -16.22
C GLU A 37 -21.57 20.56 -17.07
N ALA A 38 -20.33 21.02 -16.83
CA ALA A 38 -19.77 22.03 -17.71
C ALA A 38 -19.56 21.47 -19.11
N ASN A 39 -19.29 20.16 -19.22
CA ASN A 39 -18.92 19.63 -20.51
C ASN A 39 -20.07 19.05 -21.32
N MET A 40 -21.13 18.50 -20.70
CA MET A 40 -22.17 17.85 -21.51
C MET A 40 -23.59 18.35 -21.25
N GLY A 41 -23.81 19.20 -20.24
CA GLY A 41 -25.13 19.67 -19.92
C GLY A 41 -25.88 18.82 -18.91
N PHE A 42 -25.27 17.75 -18.42
CA PHE A 42 -25.87 16.93 -17.37
C PHE A 42 -24.75 16.14 -16.70
N VAL A 43 -25.09 15.49 -15.60
CA VAL A 43 -24.16 14.63 -14.86
C VAL A 43 -24.59 13.19 -15.07
N PRO A 44 -23.74 12.35 -15.66
CA PRO A 44 -24.11 10.93 -15.82
C PRO A 44 -24.54 10.29 -14.51
N ASN A 45 -25.66 9.57 -14.56
CA ASN A 45 -26.24 9.01 -13.35
C ASN A 45 -25.30 8.02 -12.67
N VAL A 46 -24.37 7.41 -13.41
CA VAL A 46 -23.40 6.53 -12.77
C VAL A 46 -22.50 7.34 -11.84
N PHE A 47 -22.18 8.58 -12.22
CA PHE A 47 -21.35 9.45 -11.40
C PHE A 47 -22.02 9.76 -10.07
N ARG A 48 -23.34 9.70 -10.01
CA ARG A 48 -24.06 9.89 -8.76
C ARG A 48 -24.20 8.59 -7.99
N ALA A 49 -24.59 7.52 -8.67
CA ALA A 49 -24.93 6.28 -7.98
C ALA A 49 -23.69 5.56 -7.48
N GLN A 50 -22.72 5.32 -8.35
CA GLN A 50 -21.54 4.54 -7.94
C GLN A 50 -20.62 5.30 -7.01
N ALA A 51 -20.81 6.61 -6.85
CA ALA A 51 -19.90 7.43 -6.06
C ALA A 51 -20.18 7.35 -4.56
N LEU A 52 -21.05 6.44 -4.11
CA LEU A 52 -21.32 6.31 -2.69
C LEU A 52 -20.04 6.01 -1.90
N ASN A 53 -19.14 5.22 -2.49
CA ASN A 53 -17.80 5.00 -1.95
C ASN A 53 -16.83 5.88 -2.74
N GLY A 54 -16.53 7.06 -2.18
CA GLY A 54 -15.80 8.10 -2.89
C GLY A 54 -14.47 7.76 -3.53
N GLU A 55 -13.51 7.31 -2.71
CA GLU A 55 -12.17 7.07 -3.24
C GLU A 55 -12.16 5.90 -4.22
N GLN A 56 -12.94 4.85 -3.92
CA GLN A 56 -13.05 3.74 -4.85
C GLN A 56 -13.62 4.20 -6.18
N PHE A 57 -14.65 5.05 -6.14
CA PHE A 57 -15.23 5.57 -7.37
C PHE A 57 -14.23 6.42 -8.14
N LEU A 58 -13.45 7.24 -7.44
CA LEU A 58 -12.51 8.11 -8.14
C LEU A 58 -11.40 7.31 -8.81
N ALA A 59 -10.89 6.28 -8.12
CA ALA A 59 -9.90 5.42 -8.75
C ALA A 59 -10.50 4.65 -9.94
N TRP A 60 -11.71 4.13 -9.77
CA TRP A 60 -12.39 3.46 -10.88
C TRP A 60 -12.53 4.39 -12.08
N TRP A 61 -12.92 5.64 -11.84
CA TRP A 61 -13.12 6.57 -12.95
C TRP A 61 -11.79 6.92 -13.60
N ASN A 62 -10.73 7.10 -12.82
CA ASN A 62 -9.41 7.32 -13.39
C ASN A 62 -9.07 6.21 -14.39
N TYR A 63 -9.17 4.95 -13.94
CA TYR A 63 -8.82 3.84 -14.83
C TYR A 63 -9.75 3.77 -16.03
N PHE A 64 -11.07 3.81 -15.79
CA PHE A 64 -12.05 3.64 -16.86
C PHE A 64 -11.93 4.75 -17.90
N ASN A 65 -11.81 5.99 -17.44
CA ASN A 65 -11.65 7.11 -18.36
C ASN A 65 -10.39 6.97 -19.19
N LEU A 66 -9.27 6.59 -18.56
CA LEU A 66 -8.05 6.41 -19.34
C LEU A 66 -8.21 5.31 -20.38
N LEU A 67 -8.88 4.21 -20.03
CA LEU A 67 -8.95 3.06 -20.90
C LEU A 67 -9.93 3.26 -22.05
N VAL A 68 -11.09 3.84 -21.79
CA VAL A 68 -12.20 3.84 -22.74
C VAL A 68 -12.29 5.14 -23.52
N ASN A 69 -12.08 6.28 -22.85
CA ASN A 69 -12.34 7.58 -23.47
C ASN A 69 -11.09 8.27 -23.99
N LYS A 70 -10.00 8.26 -23.22
CA LYS A 70 -8.81 8.99 -23.61
C LYS A 70 -8.08 8.27 -24.74
N GLU A 71 -7.00 8.89 -25.22
CA GLU A 71 -6.30 8.40 -26.39
C GLU A 71 -5.56 7.11 -26.06
N GLY A 72 -5.55 6.19 -27.01
CA GLY A 72 -4.89 4.92 -26.81
C GLY A 72 -4.63 4.19 -28.11
N GLY A 73 -4.40 2.87 -27.98
CA GLY A 73 -4.09 2.06 -29.14
C GLY A 73 -5.26 1.79 -30.04
N LEU A 74 -6.48 1.98 -29.55
CA LEU A 74 -7.70 1.76 -30.32
C LEU A 74 -8.44 3.08 -30.48
N SER A 75 -9.14 3.22 -31.61
CA SER A 75 -10.01 4.37 -31.81
C SER A 75 -11.19 4.32 -30.83
N ASN A 76 -11.81 5.48 -30.63
CA ASN A 76 -13.02 5.53 -29.82
C ASN A 76 -14.13 4.68 -30.42
N ALA A 77 -14.24 4.65 -31.74
CA ALA A 77 -15.29 3.87 -32.40
C ALA A 77 -15.13 2.38 -32.10
N GLU A 78 -13.89 1.88 -32.13
CA GLU A 78 -13.67 0.46 -31.85
C GLU A 78 -13.99 0.14 -30.39
N ARG A 79 -13.60 1.02 -29.47
CA ARG A 79 -13.90 0.78 -28.06
C ARG A 79 -15.40 0.77 -27.82
N GLU A 80 -16.13 1.69 -28.46
CA GLU A 80 -17.57 1.70 -28.28
C GLU A 80 -18.24 0.52 -28.96
N LEU A 81 -17.66 0.02 -30.06
CA LEU A 81 -18.17 -1.19 -30.67
C LEU A 81 -18.07 -2.36 -29.69
N LEU A 82 -16.90 -2.53 -29.08
CA LEU A 82 -16.73 -3.57 -28.07
C LEU A 82 -17.71 -3.36 -26.90
N ALA A 83 -17.83 -2.13 -26.43
CA ALA A 83 -18.73 -1.83 -25.32
C ALA A 83 -20.16 -2.22 -25.64
N VAL A 84 -20.62 -1.86 -26.84
CA VAL A 84 -22.01 -2.13 -27.24
C VAL A 84 -22.24 -3.63 -27.34
N VAL A 85 -21.31 -4.37 -27.94
CA VAL A 85 -21.48 -5.81 -28.06
C VAL A 85 -21.58 -6.45 -26.67
N VAL A 86 -20.65 -6.09 -25.78
CA VAL A 86 -20.60 -6.71 -24.46
C VAL A 86 -21.86 -6.35 -23.67
N SER A 87 -22.28 -5.09 -23.73
CA SER A 87 -23.45 -4.66 -22.97
C SER A 87 -24.73 -5.31 -23.49
N GLY A 88 -24.82 -5.54 -24.79
CA GLY A 88 -25.96 -6.29 -25.32
C GLY A 88 -25.94 -7.74 -24.85
N LEU A 89 -24.75 -8.35 -24.81
CA LEU A 89 -24.67 -9.73 -24.36
C LEU A 89 -25.05 -9.89 -22.90
N ASN A 90 -24.55 -9.00 -22.04
CA ASN A 90 -24.87 -9.06 -20.62
C ASN A 90 -26.21 -8.43 -20.30
N ARG A 91 -26.85 -7.78 -21.28
CA ARG A 91 -28.16 -7.16 -21.11
C ARG A 91 -28.14 -6.11 -20.01
N CYS A 92 -27.22 -5.16 -20.12
CA CYS A 92 -27.14 -4.03 -19.20
C CYS A 92 -27.71 -2.80 -19.89
N VAL A 93 -28.84 -2.29 -19.36
CA VAL A 93 -29.54 -1.20 -20.02
C VAL A 93 -28.71 0.09 -19.95
N TYR A 94 -28.12 0.39 -18.80
CA TYR A 94 -27.32 1.60 -18.68
C TYR A 94 -26.22 1.65 -19.72
N CYS A 95 -25.40 0.59 -19.78
CA CYS A 95 -24.27 0.61 -20.69
C CYS A 95 -24.75 0.49 -22.14
N ALA A 96 -25.79 -0.29 -22.39
CA ALA A 96 -26.36 -0.37 -23.74
C ALA A 96 -26.75 1.02 -24.24
N VAL A 97 -27.55 1.74 -23.46
CA VAL A 97 -28.05 3.05 -23.91
C VAL A 97 -26.89 4.04 -24.07
N SER A 98 -26.08 4.22 -23.01
CA SER A 98 -25.07 5.27 -23.05
C SER A 98 -24.00 4.97 -24.11
N HIS A 99 -23.47 3.76 -24.15
CA HIS A 99 -22.44 3.45 -25.10
C HIS A 99 -22.98 3.20 -26.51
N GLY A 100 -24.28 2.94 -26.66
CA GLY A 100 -24.86 2.98 -27.98
C GLY A 100 -24.93 4.39 -28.51
N ALA A 101 -25.26 5.35 -27.63
CA ALA A 101 -25.16 6.75 -28.03
C ALA A 101 -23.74 7.09 -28.45
N ALA A 102 -22.77 6.65 -27.66
CA ALA A 102 -21.37 6.92 -27.99
C ALA A 102 -20.96 6.30 -29.33
N LEU A 103 -21.41 5.07 -29.59
CA LEU A 103 -21.07 4.41 -30.85
C LEU A 103 -21.76 5.10 -32.03
N ARG A 104 -23.01 5.52 -31.86
CA ARG A 104 -23.68 6.30 -32.90
C ARG A 104 -22.90 7.58 -33.20
N GLU A 105 -22.41 8.25 -32.16
CA GLU A 105 -21.65 9.48 -32.37
C GLU A 105 -20.34 9.22 -33.09
N PHE A 106 -19.55 8.26 -32.60
CA PHE A 106 -18.20 8.08 -33.14
C PHE A 106 -18.20 7.39 -34.50
N SER A 107 -19.20 6.57 -34.78
CA SER A 107 -19.25 5.86 -36.05
C SER A 107 -20.02 6.60 -37.12
N GLY A 108 -20.95 7.46 -36.73
CA GLY A 108 -21.80 8.14 -37.70
C GLY A 108 -22.75 7.24 -38.45
N ASP A 109 -22.94 6.00 -37.98
CA ASP A 109 -23.79 5.01 -38.64
C ASP A 109 -24.74 4.45 -37.59
N ALA A 110 -25.92 5.06 -37.47
CA ALA A 110 -26.90 4.61 -36.48
C ALA A 110 -27.40 3.21 -36.80
N VAL A 111 -27.54 2.88 -38.10
CA VAL A 111 -28.00 1.55 -38.48
C VAL A 111 -27.03 0.49 -38.00
N LYS A 112 -25.73 0.73 -38.21
CA LYS A 112 -24.71 -0.21 -37.76
C LYS A 112 -24.71 -0.35 -36.25
N ALA A 113 -24.87 0.76 -35.53
CA ALA A 113 -24.89 0.69 -34.06
C ALA A 113 -26.09 -0.12 -33.58
N ASP A 114 -27.27 0.14 -34.15
CA ASP A 114 -28.46 -0.61 -33.77
C ASP A 114 -28.30 -2.09 -34.07
N ALA A 115 -27.71 -2.43 -35.21
CA ALA A 115 -27.54 -3.83 -35.57
C ALA A 115 -26.54 -4.52 -34.64
N VAL A 116 -25.41 -3.87 -34.40
CA VAL A 116 -24.37 -4.46 -33.57
C VAL A 116 -24.85 -4.62 -32.12
N ALA A 117 -25.74 -3.73 -31.66
CA ALA A 117 -26.28 -3.86 -30.31
C ALA A 117 -27.05 -5.16 -30.13
N VAL A 118 -27.60 -5.71 -31.21
CA VAL A 118 -28.42 -6.90 -31.14
C VAL A 118 -27.58 -8.12 -31.52
N ASN A 119 -27.02 -8.10 -32.73
CA ASN A 119 -26.24 -9.23 -33.23
C ASN A 119 -25.25 -8.71 -34.25
N TRP A 120 -23.96 -8.72 -33.90
CA TRP A 120 -22.93 -8.26 -34.83
C TRP A 120 -22.85 -9.14 -36.07
N ARG A 121 -23.32 -10.39 -36.00
CA ARG A 121 -23.33 -11.25 -37.17
C ARG A 121 -24.27 -10.73 -38.25
N GLN A 122 -25.30 -9.98 -37.86
CA GLN A 122 -26.28 -9.46 -38.80
C GLN A 122 -26.08 -7.97 -39.08
N ALA A 123 -24.86 -7.47 -38.89
CA ALA A 123 -24.49 -6.13 -39.30
C ALA A 123 -23.47 -6.25 -40.43
N GLU A 124 -23.30 -5.16 -41.16
CA GLU A 124 -22.30 -5.10 -42.21
C GLU A 124 -21.04 -4.49 -41.60
N LEU A 125 -20.11 -5.36 -41.22
CA LEU A 125 -18.91 -5.01 -40.48
C LEU A 125 -17.68 -5.35 -41.31
N SER A 126 -16.60 -4.60 -41.10
CA SER A 126 -15.33 -4.95 -41.72
C SER A 126 -14.83 -6.27 -41.15
N GLU A 127 -13.75 -6.79 -41.72
CA GLU A 127 -13.24 -8.07 -41.23
C GLU A 127 -12.62 -7.89 -39.86
N ARG A 128 -12.02 -6.72 -39.62
CA ARG A 128 -11.46 -6.43 -38.31
C ARG A 128 -12.56 -6.27 -37.27
N GLU A 129 -13.65 -5.59 -37.63
CA GLU A 129 -14.77 -5.45 -36.71
C GLU A 129 -15.39 -6.81 -36.39
N GLN A 130 -15.49 -7.68 -37.41
CA GLN A 130 -16.00 -9.03 -37.18
C GLN A 130 -15.13 -9.80 -36.21
N ALA A 131 -13.81 -9.76 -36.44
CA ALA A 131 -12.90 -10.47 -35.54
C ALA A 131 -13.01 -9.93 -34.12
N MET A 132 -13.02 -8.60 -33.97
CA MET A 132 -13.10 -8.01 -32.65
C MET A 132 -14.42 -8.37 -31.96
N CYS A 133 -15.52 -8.42 -32.72
CA CYS A 133 -16.81 -8.71 -32.12
C CYS A 133 -16.93 -10.18 -31.74
N ALA A 134 -16.40 -11.08 -32.57
CA ALA A 134 -16.38 -12.50 -32.22
C ALA A 134 -15.53 -12.73 -30.98
N TYR A 135 -14.37 -12.09 -30.91
CA TYR A 135 -13.52 -12.22 -29.72
C TYR A 135 -14.21 -11.67 -28.48
N ALA A 136 -14.86 -10.51 -28.59
CA ALA A 136 -15.57 -9.94 -27.46
C ALA A 136 -16.68 -10.87 -26.99
N GLU A 137 -17.43 -11.44 -27.93
CA GLU A 137 -18.51 -12.34 -27.55
C GLU A 137 -17.98 -13.59 -26.86
N LYS A 138 -16.90 -14.17 -27.39
CA LYS A 138 -16.35 -15.37 -26.75
C LYS A 138 -15.83 -15.04 -25.35
N LEU A 139 -15.12 -13.93 -25.20
CA LEU A 139 -14.57 -13.57 -23.89
C LEU A 139 -15.66 -13.22 -22.89
N THR A 140 -16.79 -12.71 -23.36
CA THR A 140 -17.89 -12.40 -22.45
C THR A 140 -18.65 -13.66 -22.05
N LEU A 141 -18.94 -14.54 -23.00
CA LEU A 141 -19.82 -15.66 -22.73
C LEU A 141 -19.09 -16.91 -22.28
N ARG A 142 -17.87 -17.15 -22.74
CA ARG A 142 -17.12 -18.36 -22.44
C ARG A 142 -15.68 -18.03 -22.05
N PRO A 143 -15.48 -17.29 -20.96
CA PRO A 143 -14.10 -16.90 -20.60
C PRO A 143 -13.18 -18.07 -20.33
N ALA A 144 -13.72 -19.21 -19.87
CA ALA A 144 -12.88 -20.36 -19.56
C ALA A 144 -12.27 -21.01 -20.80
N GLU A 145 -12.78 -20.70 -21.99
CA GLU A 145 -12.36 -21.37 -23.21
C GLU A 145 -11.37 -20.58 -24.04
N MET A 146 -10.82 -19.49 -23.52
CA MET A 146 -9.85 -18.70 -24.26
C MET A 146 -8.58 -19.51 -24.53
N THR A 147 -8.08 -19.40 -25.75
CA THR A 147 -6.81 -20.00 -26.13
C THR A 147 -5.96 -18.95 -26.85
N GLU A 148 -4.68 -19.28 -27.04
CA GLU A 148 -3.81 -18.39 -27.80
C GLU A 148 -4.27 -18.27 -29.25
N ALA A 149 -4.82 -19.34 -29.82
CA ALA A 149 -5.27 -19.32 -31.21
C ALA A 149 -6.34 -18.26 -31.44
N ASP A 150 -7.13 -17.94 -30.40
CA ASP A 150 -8.15 -16.91 -30.52
C ASP A 150 -7.57 -15.54 -30.87
N LEU A 151 -6.27 -15.32 -30.64
CA LEU A 151 -5.66 -14.06 -31.02
C LEU A 151 -5.35 -13.98 -32.50
N ALA A 152 -5.36 -15.11 -33.20
CA ALA A 152 -4.96 -15.13 -34.62
C ALA A 152 -5.79 -14.20 -35.49
N PRO A 153 -7.14 -14.19 -35.42
CA PRO A 153 -7.88 -13.22 -36.25
C PRO A 153 -7.53 -11.77 -35.92
N LEU A 154 -7.40 -11.44 -34.63
CA LEU A 154 -7.05 -10.08 -34.25
C LEU A 154 -5.73 -9.65 -34.88
N ARG A 155 -4.72 -10.52 -34.84
CA ARG A 155 -3.46 -10.21 -35.51
C ARG A 155 -3.62 -10.15 -37.02
N ALA A 156 -4.54 -10.95 -37.59
CA ALA A 156 -4.76 -10.87 -39.03
C ALA A 156 -5.39 -9.55 -39.43
N ALA A 157 -6.10 -8.91 -38.51
CA ALA A 157 -6.71 -7.61 -38.73
C ALA A 157 -5.76 -6.46 -38.46
N GLY A 158 -4.50 -6.74 -38.16
CA GLY A 158 -3.52 -5.68 -37.96
C GLY A 158 -3.42 -5.10 -36.57
N LEU A 159 -3.92 -5.79 -35.55
CA LEU A 159 -3.87 -5.28 -34.20
C LEU A 159 -2.52 -5.62 -33.56
N SER A 160 -1.82 -4.60 -33.10
CA SER A 160 -0.58 -4.82 -32.36
C SER A 160 -0.87 -5.46 -31.01
N ASP A 161 0.18 -5.94 -30.36
CA ASP A 161 0.02 -6.52 -29.03
C ASP A 161 -0.53 -5.50 -28.04
N GLU A 162 -0.10 -4.25 -28.16
CA GLU A 162 -0.63 -3.19 -27.30
C GLU A 162 -2.12 -2.99 -27.55
N ALA A 163 -2.53 -2.97 -28.82
CA ALA A 163 -3.95 -2.84 -29.14
C ALA A 163 -4.74 -4.06 -28.67
N ILE A 164 -4.13 -5.25 -28.74
CA ILE A 164 -4.81 -6.45 -28.27
C ILE A 164 -5.02 -6.38 -26.76
N LEU A 165 -3.99 -5.95 -26.02
CA LEU A 165 -4.12 -5.78 -24.58
C LEU A 165 -5.19 -4.75 -24.25
N GLU A 166 -5.24 -3.65 -25.01
CA GLU A 166 -6.26 -2.64 -24.79
C GLU A 166 -7.66 -3.19 -25.05
N ALA A 167 -7.83 -3.96 -26.12
CA ALA A 167 -9.14 -4.53 -26.44
C ALA A 167 -9.58 -5.53 -25.38
N VAL A 168 -8.66 -6.38 -24.92
CA VAL A 168 -8.99 -7.32 -23.86
C VAL A 168 -9.40 -6.56 -22.60
N GLN A 169 -8.67 -5.51 -22.26
CA GLN A 169 -9.02 -4.68 -21.12
C GLN A 169 -10.41 -4.08 -21.26
N VAL A 170 -10.75 -3.60 -22.46
CA VAL A 170 -12.05 -2.97 -22.66
C VAL A 170 -13.17 -3.99 -22.51
N ILE A 171 -13.02 -5.16 -23.13
CA ILE A 171 -14.04 -6.20 -23.03
C ILE A 171 -14.26 -6.59 -21.57
N ALA A 172 -13.16 -6.82 -20.84
CA ALA A 172 -13.28 -7.22 -19.45
C ALA A 172 -13.83 -6.10 -18.58
N MET A 173 -13.46 -4.85 -18.88
CA MET A 173 -13.95 -3.71 -18.12
C MET A 173 -15.44 -3.51 -18.31
N PHE A 174 -15.95 -3.82 -19.49
CA PHE A 174 -17.40 -3.71 -19.65
C PHE A 174 -18.11 -4.92 -19.06
N ASN A 175 -17.45 -6.08 -19.03
CA ASN A 175 -17.99 -7.18 -18.24
C ASN A 175 -18.08 -6.82 -16.76
N MET A 176 -17.24 -5.88 -16.31
CA MET A 176 -17.33 -5.39 -14.93
C MET A 176 -18.43 -4.35 -14.76
N THR A 177 -18.47 -3.35 -15.64
CA THR A 177 -19.44 -2.27 -15.48
C THR A 177 -20.86 -2.77 -15.69
N ASN A 178 -21.07 -3.71 -16.61
CA ASN A 178 -22.38 -4.33 -16.76
C ASN A 178 -22.85 -4.92 -15.44
N ARG A 179 -21.97 -5.66 -14.76
CA ARG A 179 -22.38 -6.33 -13.53
C ARG A 179 -22.66 -5.31 -12.44
N VAL A 180 -21.84 -4.27 -12.31
CA VAL A 180 -22.11 -3.25 -11.30
C VAL A 180 -23.46 -2.58 -11.56
N SER A 181 -23.68 -2.12 -12.79
CA SER A 181 -24.88 -1.37 -13.11
C SER A 181 -26.14 -2.21 -13.01
N SER A 182 -26.06 -3.49 -13.40
CA SER A 182 -27.24 -4.34 -13.34
C SER A 182 -27.52 -4.78 -11.91
N ALA A 183 -26.47 -5.04 -11.12
CA ALA A 183 -26.68 -5.44 -9.74
C ALA A 183 -27.26 -4.32 -8.90
N LEU A 184 -26.87 -3.07 -9.18
CA LEU A 184 -27.30 -1.96 -8.34
C LEU A 184 -28.38 -1.10 -8.98
N GLY A 185 -28.93 -1.51 -10.11
CA GLY A 185 -30.07 -0.83 -10.69
C GLY A 185 -29.82 0.57 -11.20
N PHE A 186 -28.68 0.79 -11.87
CA PHE A 186 -28.37 2.10 -12.42
C PHE A 186 -29.26 2.39 -13.64
N VAL A 187 -29.62 3.66 -13.80
CA VAL A 187 -30.55 4.10 -14.84
C VAL A 187 -29.83 5.09 -15.73
N PRO A 188 -29.81 4.89 -17.05
CA PRO A 188 -29.14 5.86 -17.94
C PRO A 188 -29.93 7.15 -18.05
N ASN A 189 -29.20 8.24 -18.22
CA ASN A 189 -29.81 9.55 -18.37
C ASN A 189 -30.68 9.59 -19.62
N PRO A 190 -31.82 10.29 -19.59
CA PRO A 190 -32.67 10.36 -20.80
C PRO A 190 -31.95 10.95 -22.01
N GLU A 191 -30.97 11.83 -21.78
CA GLU A 191 -30.27 12.48 -22.89
C GLU A 191 -29.61 11.45 -23.82
N TYR A 192 -29.12 10.35 -23.26
CA TYR A 192 -28.44 9.34 -24.07
C TYR A 192 -29.34 8.78 -25.16
N HIS A 193 -30.64 8.66 -24.89
CA HIS A 193 -31.55 8.04 -25.85
C HIS A 193 -31.66 8.85 -27.14
N ILE A 194 -31.57 10.18 -27.06
CA ILE A 194 -31.77 11.03 -28.23
C ILE A 194 -30.47 11.40 -28.93
N GLN A 195 -29.32 11.14 -28.33
CA GLN A 195 -28.07 11.63 -28.87
C GLN A 195 -27.79 11.00 -30.23
N SER A 196 -27.00 11.71 -31.05
CA SER A 196 -26.59 11.35 -32.41
C SER A 196 -27.55 10.44 -33.19
N ARG A 197 -28.76 10.22 -32.67
CA ARG A 197 -29.82 9.55 -33.38
C ARG A 197 -30.03 10.12 -34.79
N ARG B 13 5.66 -18.17 -22.33
CA ARG B 13 5.59 -18.11 -20.88
C ARG B 13 5.23 -16.70 -20.42
N LEU B 14 4.51 -16.64 -19.29
CA LEU B 14 3.99 -15.42 -18.66
C LEU B 14 2.89 -14.73 -19.47
N SER B 15 2.95 -14.79 -20.79
CA SER B 15 1.99 -14.03 -21.58
C SER B 15 1.94 -14.56 -23.00
N PHE B 16 0.79 -14.35 -23.65
CA PHE B 16 0.68 -14.53 -25.09
C PHE B 16 1.19 -13.32 -25.87
N LEU B 17 1.40 -12.19 -25.20
CA LEU B 17 1.87 -10.97 -25.83
C LEU B 17 3.30 -10.67 -25.40
N ALA B 18 3.87 -9.63 -25.99
CA ALA B 18 5.20 -9.17 -25.59
C ALA B 18 5.15 -8.67 -24.15
N VAL B 19 6.22 -8.90 -23.42
CA VAL B 19 6.35 -8.51 -22.02
C VAL B 19 7.39 -7.41 -21.92
N PRO B 20 7.11 -6.32 -21.21
CA PRO B 20 8.13 -5.26 -21.07
C PRO B 20 9.32 -5.76 -20.27
N THR B 21 10.50 -5.38 -20.72
CA THR B 21 11.74 -5.70 -20.03
C THR B 21 12.10 -4.56 -19.06
N GLU B 22 13.24 -4.71 -18.39
CA GLU B 22 13.73 -3.65 -17.53
C GLU B 22 14.19 -2.43 -18.32
N ASP B 23 14.37 -2.56 -19.64
CA ASP B 23 14.86 -1.45 -20.44
C ASP B 23 13.73 -0.53 -20.90
N ASN B 24 12.60 -1.11 -21.32
CA ASN B 24 11.50 -0.34 -21.91
C ASN B 24 10.33 -0.13 -20.97
N ALA B 25 10.42 -0.61 -19.73
CA ALA B 25 9.29 -0.52 -18.81
C ALA B 25 9.08 0.91 -18.30
N HIS B 26 7.83 1.24 -18.03
CA HIS B 26 7.46 2.46 -17.32
C HIS B 26 8.12 2.51 -15.94
N GLU B 27 8.35 3.70 -15.40
CA GLU B 27 9.00 3.79 -14.09
C GLU B 27 8.12 3.32 -12.94
N GLY B 28 6.83 3.63 -12.94
CA GLY B 28 5.98 3.07 -11.90
C GLY B 28 5.94 1.55 -11.97
N VAL B 29 6.07 1.00 -13.19
CA VAL B 29 6.17 -0.45 -13.35
C VAL B 29 7.45 -0.99 -12.73
N LYS B 30 8.59 -0.33 -12.98
CA LYS B 30 9.83 -0.79 -12.39
C LYS B 30 9.82 -0.61 -10.88
N LYS B 31 9.23 0.48 -10.39
CA LYS B 31 9.17 0.69 -8.95
C LYS B 31 8.28 -0.34 -8.28
N LEU B 32 7.18 -0.72 -8.94
CA LEU B 32 6.31 -1.75 -8.41
C LEU B 32 6.99 -3.12 -8.43
N TRP B 33 7.77 -3.40 -9.48
CA TRP B 33 8.55 -4.63 -9.53
C TRP B 33 9.51 -4.70 -8.35
N SER B 34 10.23 -3.60 -8.09
CA SER B 34 11.21 -3.61 -7.01
C SER B 34 10.53 -3.72 -5.65
N LYS B 35 9.35 -3.09 -5.50
CA LYS B 35 8.64 -3.16 -4.25
C LYS B 35 8.10 -4.57 -4.00
N ALA B 36 7.61 -5.22 -5.06
CA ALA B 36 7.13 -6.58 -4.93
C ALA B 36 8.27 -7.54 -4.61
N GLU B 37 9.43 -7.35 -5.23
CA GLU B 37 10.57 -8.21 -4.95
C GLU B 37 11.07 -8.00 -3.52
N ALA B 38 11.04 -6.76 -3.03
CA ALA B 38 11.47 -6.51 -1.66
C ALA B 38 10.49 -7.08 -0.64
N ASN B 39 9.21 -7.13 -0.96
CA ASN B 39 8.23 -7.55 0.05
C ASN B 39 7.85 -9.02 -0.01
N MET B 40 7.94 -9.67 -1.18
CA MET B 40 7.50 -11.04 -1.31
C MET B 40 8.58 -12.01 -1.79
N GLY B 41 9.72 -11.52 -2.23
CA GLY B 41 10.76 -12.39 -2.74
C GLY B 41 10.62 -12.72 -4.21
N PHE B 42 9.58 -12.21 -4.87
CA PHE B 42 9.36 -12.41 -6.28
C PHE B 42 8.48 -11.27 -6.79
N VAL B 43 8.36 -11.18 -8.11
CA VAL B 43 7.51 -10.19 -8.76
C VAL B 43 6.30 -10.91 -9.33
N PRO B 44 5.08 -10.57 -8.90
CA PRO B 44 3.89 -11.20 -9.49
C PRO B 44 3.90 -11.11 -11.00
N ASN B 45 3.64 -12.24 -11.65
CA ASN B 45 3.73 -12.32 -13.10
C ASN B 45 2.74 -11.38 -13.78
N VAL B 46 1.64 -11.03 -13.12
CA VAL B 46 0.72 -10.06 -13.71
C VAL B 46 1.39 -8.70 -13.81
N PHE B 47 2.21 -8.33 -12.83
CA PHE B 47 2.90 -7.03 -12.86
C PHE B 47 3.85 -6.95 -14.05
N ARG B 48 4.35 -8.08 -14.54
CA ARG B 48 5.20 -8.09 -15.71
C ARG B 48 4.38 -8.15 -17.00
N ALA B 49 3.38 -9.03 -17.05
CA ALA B 49 2.66 -9.27 -18.29
C ALA B 49 1.72 -8.12 -18.63
N GLN B 50 0.87 -7.72 -17.69
CA GLN B 50 -0.13 -6.70 -17.98
C GLN B 50 0.47 -5.30 -18.13
N ALA B 51 1.73 -5.11 -17.76
CA ALA B 51 2.33 -3.78 -17.79
C ALA B 51 2.80 -3.36 -19.16
N LEU B 52 2.46 -4.11 -20.22
CA LEU B 52 2.87 -3.72 -21.56
C LEU B 52 2.32 -2.35 -21.93
N ASN B 53 1.11 -2.03 -21.48
CA ASN B 53 0.54 -0.69 -21.60
C ASN B 53 0.72 -0.01 -20.25
N GLY B 54 1.78 0.78 -20.13
CA GLY B 54 2.20 1.34 -18.85
C GLY B 54 1.15 2.11 -18.06
N GLU B 55 0.62 3.18 -18.66
CA GLU B 55 -0.31 4.04 -17.92
C GLU B 55 -1.62 3.32 -17.62
N GLN B 56 -2.11 2.52 -18.57
CA GLN B 56 -3.32 1.74 -18.32
C GLN B 56 -3.10 0.78 -17.16
N PHE B 57 -1.96 0.09 -17.15
CA PHE B 57 -1.66 -0.83 -16.06
C PHE B 57 -1.56 -0.11 -14.73
N LEU B 58 -0.96 1.09 -14.71
CA LEU B 58 -0.80 1.79 -13.44
C LEU B 58 -2.14 2.28 -12.90
N ALA B 59 -3.02 2.77 -13.77
CA ALA B 59 -4.35 3.15 -13.32
C ALA B 59 -5.15 1.94 -12.84
N TRP B 60 -5.08 0.84 -13.60
CA TRP B 60 -5.73 -0.39 -13.17
C TRP B 60 -5.23 -0.85 -11.82
N TRP B 61 -3.92 -0.81 -11.60
CA TRP B 61 -3.36 -1.28 -10.34
C TRP B 61 -3.75 -0.38 -9.19
N ASN B 62 -3.75 0.94 -9.42
CA ASN B 62 -4.24 1.85 -8.40
C ASN B 62 -5.65 1.45 -7.95
N TYR B 63 -6.55 1.30 -8.92
CA TYR B 63 -7.93 0.96 -8.59
C TYR B 63 -8.03 -0.40 -7.90
N PHE B 64 -7.39 -1.41 -8.49
CA PHE B 64 -7.49 -2.78 -7.97
C PHE B 64 -6.93 -2.88 -6.56
N ASN B 65 -5.76 -2.28 -6.34
CA ASN B 65 -5.14 -2.29 -5.01
C ASN B 65 -6.03 -1.59 -3.99
N LEU B 66 -6.61 -0.45 -4.37
CA LEU B 66 -7.51 0.24 -3.44
C LEU B 66 -8.72 -0.61 -3.12
N LEU B 67 -9.27 -1.31 -4.12
CA LEU B 67 -10.52 -2.04 -3.94
C LEU B 67 -10.33 -3.33 -3.16
N VAL B 68 -9.28 -4.09 -3.46
CA VAL B 68 -9.13 -5.45 -2.97
C VAL B 68 -8.20 -5.53 -1.76
N ASN B 69 -7.10 -4.77 -1.78
CA ASN B 69 -6.06 -4.91 -0.77
C ASN B 69 -6.14 -3.87 0.34
N LYS B 70 -6.37 -2.60 0.01
CA LYS B 70 -6.35 -1.57 1.03
C LYS B 70 -7.62 -1.63 1.88
N GLU B 71 -7.67 -0.77 2.89
CA GLU B 71 -8.75 -0.82 3.87
C GLU B 71 -10.07 -0.37 3.25
N GLY B 72 -11.15 -1.03 3.65
CA GLY B 72 -12.45 -0.69 3.14
C GLY B 72 -13.56 -1.26 3.99
N GLY B 73 -14.77 -1.31 3.40
CA GLY B 73 -15.94 -1.78 4.11
C GLY B 73 -15.99 -3.27 4.36
N LEU B 74 -15.18 -4.05 3.63
CA LEU B 74 -15.12 -5.49 3.79
C LEU B 74 -13.73 -5.89 4.27
N SER B 75 -13.68 -6.96 5.05
CA SER B 75 -12.40 -7.52 5.46
C SER B 75 -11.66 -8.08 4.24
N ASN B 76 -10.35 -8.24 4.40
CA ASN B 76 -9.56 -8.90 3.36
C ASN B 76 -10.04 -10.32 3.13
N ALA B 77 -10.43 -11.01 4.19
CA ALA B 77 -10.87 -12.40 4.08
C ALA B 77 -12.14 -12.50 3.23
N GLU B 78 -13.09 -11.60 3.43
CA GLU B 78 -14.33 -11.64 2.66
C GLU B 78 -14.06 -11.33 1.18
N ARG B 79 -13.20 -10.35 0.92
CA ARG B 79 -12.88 -10.01 -0.46
C ARG B 79 -12.16 -11.16 -1.17
N GLU B 80 -11.26 -11.84 -0.46
CA GLU B 80 -10.58 -12.98 -1.07
C GLU B 80 -11.53 -14.16 -1.25
N LEU B 81 -12.52 -14.30 -0.37
CA LEU B 81 -13.55 -15.32 -0.57
C LEU B 81 -14.32 -15.07 -1.86
N LEU B 82 -14.76 -13.82 -2.05
CA LEU B 82 -15.42 -13.45 -3.31
C LEU B 82 -14.52 -13.73 -4.49
N ALA B 83 -13.26 -13.33 -4.40
CA ALA B 83 -12.31 -13.53 -5.48
C ALA B 83 -12.17 -15.02 -5.83
N VAL B 84 -12.05 -15.86 -4.81
CA VAL B 84 -11.85 -17.28 -5.03
C VAL B 84 -13.07 -17.90 -5.69
N VAL B 85 -14.28 -17.53 -5.23
CA VAL B 85 -15.49 -18.06 -5.84
C VAL B 85 -15.58 -17.66 -7.31
N VAL B 86 -15.38 -16.37 -7.60
CA VAL B 86 -15.51 -15.89 -8.97
C VAL B 86 -14.47 -16.52 -9.87
N SER B 87 -13.22 -16.61 -9.39
CA SER B 87 -12.15 -17.17 -10.20
C SER B 87 -12.37 -18.66 -10.45
N GLY B 88 -12.93 -19.38 -9.49
CA GLY B 88 -13.29 -20.76 -9.74
C GLY B 88 -14.38 -20.90 -10.78
N LEU B 89 -15.37 -20.00 -10.73
CA LEU B 89 -16.46 -20.08 -11.72
C LEU B 89 -15.96 -19.77 -13.13
N ASN B 90 -15.14 -18.72 -13.29
CA ASN B 90 -14.62 -18.40 -14.60
C ASN B 90 -13.44 -19.28 -15.00
N ARG B 91 -12.94 -20.11 -14.07
CA ARG B 91 -11.86 -21.06 -14.34
C ARG B 91 -10.60 -20.35 -14.83
N CYS B 92 -10.17 -19.36 -14.07
CA CYS B 92 -8.94 -18.63 -14.33
C CYS B 92 -7.87 -19.13 -13.36
N VAL B 93 -6.83 -19.77 -13.89
CA VAL B 93 -5.83 -20.40 -13.03
C VAL B 93 -5.04 -19.37 -12.25
N TYR B 94 -4.67 -18.26 -12.89
CA TYR B 94 -3.86 -17.24 -12.21
C TYR B 94 -4.56 -16.75 -10.95
N CYS B 95 -5.79 -16.25 -11.11
CA CYS B 95 -6.48 -15.64 -9.97
C CYS B 95 -6.89 -16.71 -8.96
N ALA B 96 -7.30 -17.89 -9.45
CA ALA B 96 -7.61 -18.99 -8.54
C ALA B 96 -6.42 -19.30 -7.63
N VAL B 97 -5.24 -19.52 -8.21
CA VAL B 97 -4.08 -19.90 -7.41
C VAL B 97 -3.67 -18.77 -6.47
N SER B 98 -3.46 -17.56 -7.02
CA SER B 98 -2.93 -16.48 -6.20
C SER B 98 -3.91 -16.07 -5.10
N HIS B 99 -5.19 -15.89 -5.43
CA HIS B 99 -6.14 -15.48 -4.42
C HIS B 99 -6.57 -16.64 -3.53
N GLY B 100 -6.34 -17.89 -3.94
CA GLY B 100 -6.47 -18.98 -2.99
C GLY B 100 -5.40 -18.94 -1.93
N ALA B 101 -4.17 -18.62 -2.35
CA ALA B 101 -3.12 -18.36 -1.36
C ALA B 101 -3.52 -17.21 -0.43
N ALA B 102 -4.05 -16.13 -1.00
CA ALA B 102 -4.47 -14.99 -0.19
C ALA B 102 -5.58 -15.37 0.79
N LEU B 103 -6.54 -16.19 0.34
CA LEU B 103 -7.64 -16.60 1.21
C LEU B 103 -7.15 -17.52 2.31
N ARG B 104 -6.23 -18.44 1.99
CA ARG B 104 -5.63 -19.27 3.02
C ARG B 104 -4.92 -18.41 4.06
N GLU B 105 -4.22 -17.37 3.63
CA GLU B 105 -3.52 -16.50 4.57
C GLU B 105 -4.51 -15.77 5.48
N PHE B 106 -5.50 -15.09 4.89
CA PHE B 106 -6.36 -14.23 5.69
C PHE B 106 -7.36 -15.02 6.52
N SER B 107 -7.75 -16.21 6.07
CA SER B 107 -8.73 -17.00 6.81
C SER B 107 -8.08 -17.97 7.79
N GLY B 108 -6.85 -18.40 7.54
CA GLY B 108 -6.24 -19.41 8.37
C GLY B 108 -6.90 -20.76 8.31
N ASP B 109 -7.75 -21.00 7.31
CA ASP B 109 -8.52 -22.23 7.18
C ASP B 109 -8.31 -22.73 5.75
N ALA B 110 -7.29 -23.57 5.57
CA ALA B 110 -7.00 -24.08 4.23
C ALA B 110 -8.11 -24.98 3.72
N VAL B 111 -8.75 -25.73 4.61
CA VAL B 111 -9.85 -26.61 4.21
C VAL B 111 -11.00 -25.80 3.64
N LYS B 112 -11.38 -24.72 4.34
CA LYS B 112 -12.47 -23.87 3.88
C LYS B 112 -12.13 -23.22 2.55
N ALA B 113 -10.88 -22.77 2.38
CA ALA B 113 -10.46 -22.15 1.13
C ALA B 113 -10.52 -23.15 -0.02
N ASP B 114 -10.01 -24.37 0.20
CA ASP B 114 -10.05 -25.39 -0.83
C ASP B 114 -11.48 -25.74 -1.20
N ALA B 115 -12.37 -25.82 -0.22
CA ALA B 115 -13.76 -26.15 -0.50
C ALA B 115 -14.45 -25.03 -1.27
N VAL B 116 -14.24 -23.79 -0.85
CA VAL B 116 -14.87 -22.66 -1.51
C VAL B 116 -14.34 -22.49 -2.94
N ALA B 117 -13.08 -22.87 -3.19
CA ALA B 117 -12.55 -22.78 -4.54
C ALA B 117 -13.32 -23.66 -5.52
N VAL B 118 -13.92 -24.75 -5.03
CA VAL B 118 -14.61 -25.69 -5.90
C VAL B 118 -16.11 -25.44 -5.87
N ASN B 119 -16.70 -25.50 -4.68
CA ASN B 119 -18.15 -25.32 -4.53
C ASN B 119 -18.42 -24.84 -3.12
N TRP B 120 -18.80 -23.57 -2.99
CA TRP B 120 -19.09 -23.00 -1.68
C TRP B 120 -20.28 -23.69 -1.01
N ARG B 121 -21.14 -24.35 -1.79
CA ARG B 121 -22.26 -25.07 -1.20
C ARG B 121 -21.79 -26.23 -0.33
N GLN B 122 -20.61 -26.77 -0.60
CA GLN B 122 -20.08 -27.90 0.15
C GLN B 122 -18.97 -27.51 1.11
N ALA B 123 -18.96 -26.25 1.54
CA ALA B 123 -18.05 -25.76 2.55
C ALA B 123 -18.83 -25.44 3.81
N GLU B 124 -18.12 -25.29 4.93
CA GLU B 124 -18.75 -24.91 6.18
C GLU B 124 -18.68 -23.40 6.29
N LEU B 125 -19.77 -22.74 5.92
CA LEU B 125 -19.80 -21.29 5.82
C LEU B 125 -20.87 -20.72 6.75
N SER B 126 -20.60 -19.53 7.27
CA SER B 126 -21.60 -18.79 8.02
C SER B 126 -22.72 -18.34 7.08
N GLU B 127 -23.75 -17.72 7.66
CA GLU B 127 -24.88 -17.28 6.85
C GLU B 127 -24.50 -16.08 6.00
N ARG B 128 -23.61 -15.23 6.50
CA ARG B 128 -23.12 -14.11 5.70
C ARG B 128 -22.26 -14.59 4.54
N GLU B 129 -21.38 -15.57 4.81
CA GLU B 129 -20.55 -16.11 3.73
C GLU B 129 -21.39 -16.80 2.67
N GLN B 130 -22.43 -17.53 3.10
CA GLN B 130 -23.32 -18.19 2.14
C GLN B 130 -24.03 -17.15 1.28
N ALA B 131 -24.56 -16.10 1.90
CA ALA B 131 -25.25 -15.06 1.14
C ALA B 131 -24.30 -14.41 0.13
N MET B 132 -23.10 -14.05 0.59
CA MET B 132 -22.14 -13.39 -0.29
C MET B 132 -21.73 -14.29 -1.45
N CYS B 133 -21.54 -15.58 -1.18
CA CYS B 133 -21.07 -16.48 -2.23
C CYS B 133 -22.17 -16.76 -3.25
N ALA B 134 -23.42 -16.92 -2.79
CA ALA B 134 -24.53 -17.10 -3.72
C ALA B 134 -24.71 -15.86 -4.58
N TYR B 135 -24.61 -14.67 -3.99
CA TYR B 135 -24.71 -13.45 -4.77
C TYR B 135 -23.58 -13.35 -5.80
N ALA B 136 -22.35 -13.68 -5.39
CA ALA B 136 -21.23 -13.63 -6.32
C ALA B 136 -21.44 -14.60 -7.48
N GLU B 137 -21.91 -15.81 -7.20
CA GLU B 137 -22.12 -16.78 -8.26
C GLU B 137 -23.20 -16.31 -9.23
N LYS B 138 -24.30 -15.77 -8.71
CA LYS B 138 -25.36 -15.30 -9.60
C LYS B 138 -24.87 -14.12 -10.45
N LEU B 139 -24.14 -13.19 -9.85
CA LEU B 139 -23.66 -12.03 -10.61
C LEU B 139 -22.61 -12.45 -11.64
N THR B 140 -21.88 -13.53 -11.39
CA THR B 140 -20.89 -14.02 -12.35
C THR B 140 -21.54 -14.78 -13.50
N LEU B 141 -22.48 -15.68 -13.20
CA LEU B 141 -23.01 -16.58 -14.20
C LEU B 141 -24.26 -16.07 -14.91
N ARG B 142 -25.10 -15.28 -14.23
CA ARG B 142 -26.36 -14.81 -14.80
C ARG B 142 -26.54 -13.32 -14.52
N PRO B 143 -25.64 -12.47 -15.01
CA PRO B 143 -25.74 -11.04 -14.68
C PRO B 143 -27.02 -10.38 -15.16
N ALA B 144 -27.63 -10.88 -16.24
CA ALA B 144 -28.84 -10.25 -16.74
C ALA B 144 -30.03 -10.43 -15.80
N GLU B 145 -29.96 -11.36 -14.86
CA GLU B 145 -31.09 -11.69 -14.01
C GLU B 145 -31.03 -11.02 -12.65
N MET B 146 -30.09 -10.11 -12.43
CA MET B 146 -30.00 -9.42 -11.15
C MET B 146 -31.22 -8.56 -10.91
N THR B 147 -31.77 -8.64 -9.71
CA THR B 147 -32.89 -7.81 -9.27
C THR B 147 -32.57 -7.21 -7.91
N GLU B 148 -33.40 -6.24 -7.50
CA GLU B 148 -33.23 -5.67 -6.17
C GLU B 148 -33.43 -6.72 -5.08
N ALA B 149 -34.33 -7.68 -5.32
CA ALA B 149 -34.59 -8.72 -4.33
C ALA B 149 -33.34 -9.52 -3.99
N ASP B 150 -32.41 -9.64 -4.95
CA ASP B 150 -31.17 -10.36 -4.70
C ASP B 150 -30.35 -9.72 -3.59
N LEU B 151 -30.60 -8.45 -3.27
CA LEU B 151 -29.88 -7.79 -2.19
C LEU B 151 -30.41 -8.16 -0.81
N ALA B 152 -31.59 -8.78 -0.72
CA ALA B 152 -32.17 -9.06 0.59
C ALA B 152 -31.27 -9.90 1.50
N PRO B 153 -30.69 -11.02 1.05
CA PRO B 153 -29.78 -11.75 1.96
C PRO B 153 -28.59 -10.94 2.42
N LEU B 154 -27.97 -10.16 1.52
CA LEU B 154 -26.83 -9.34 1.91
C LEU B 154 -27.20 -8.39 3.04
N ARG B 155 -28.35 -7.74 2.92
CA ARG B 155 -28.79 -6.86 4.01
C ARG B 155 -29.15 -7.65 5.25
N ALA B 156 -29.62 -8.89 5.10
CA ALA B 156 -29.89 -9.70 6.28
C ALA B 156 -28.60 -10.09 6.99
N ALA B 157 -27.49 -10.15 6.25
CA ALA B 157 -26.18 -10.45 6.82
C ALA B 157 -25.51 -9.22 7.41
N GLY B 158 -26.17 -8.08 7.43
CA GLY B 158 -25.63 -6.89 8.05
C GLY B 158 -24.73 -6.05 7.17
N LEU B 159 -24.80 -6.21 5.85
CA LEU B 159 -23.95 -5.44 4.95
C LEU B 159 -24.58 -4.08 4.70
N SER B 160 -23.84 -3.02 5.00
CA SER B 160 -24.29 -1.68 4.68
C SER B 160 -24.29 -1.48 3.16
N ASP B 161 -24.89 -0.37 2.73
CA ASP B 161 -24.88 -0.04 1.32
C ASP B 161 -23.45 0.15 0.80
N GLU B 162 -22.57 0.73 1.63
CA GLU B 162 -21.17 0.86 1.24
C GLU B 162 -20.51 -0.51 1.09
N ALA B 163 -20.78 -1.41 2.04
CA ALA B 163 -20.22 -2.76 1.94
C ALA B 163 -20.77 -3.51 0.74
N ILE B 164 -22.05 -3.30 0.42
CA ILE B 164 -22.64 -3.95 -0.75
C ILE B 164 -22.00 -3.43 -2.03
N LEU B 165 -21.82 -2.11 -2.11
CA LEU B 165 -21.15 -1.52 -3.27
C LEU B 165 -19.74 -2.07 -3.42
N GLU B 166 -19.02 -2.21 -2.29
CA GLU B 166 -17.68 -2.78 -2.34
C GLU B 166 -17.70 -4.23 -2.83
N ALA B 167 -18.64 -5.03 -2.33
CA ALA B 167 -18.71 -6.43 -2.73
C ALA B 167 -19.05 -6.57 -4.21
N VAL B 168 -20.01 -5.76 -4.69
CA VAL B 168 -20.35 -5.77 -6.11
C VAL B 168 -19.15 -5.38 -6.95
N GLN B 169 -18.42 -4.33 -6.53
CA GLN B 169 -17.22 -3.93 -7.25
C GLN B 169 -16.19 -5.05 -7.29
N VAL B 170 -16.02 -5.76 -6.18
CA VAL B 170 -15.03 -6.84 -6.13
C VAL B 170 -15.43 -7.97 -7.06
N ILE B 171 -16.70 -8.38 -7.01
CA ILE B 171 -17.18 -9.45 -7.89
C ILE B 171 -16.97 -9.07 -9.35
N ALA B 172 -17.34 -7.85 -9.72
CA ALA B 172 -17.21 -7.42 -11.11
C ALA B 172 -15.75 -7.28 -11.53
N MET B 173 -14.90 -6.79 -10.62
CA MET B 173 -13.48 -6.63 -10.94
C MET B 173 -12.81 -7.98 -11.12
N PHE B 174 -13.25 -8.99 -10.40
CA PHE B 174 -12.65 -10.29 -10.65
C PHE B 174 -13.26 -10.97 -11.88
N ASN B 175 -14.50 -10.67 -12.20
CA ASN B 175 -15.01 -11.04 -13.52
C ASN B 175 -14.19 -10.38 -14.63
N MET B 176 -13.55 -9.24 -14.34
CA MET B 176 -12.69 -8.60 -15.32
C MET B 176 -11.30 -9.24 -15.37
N THR B 177 -10.68 -9.42 -14.20
CA THR B 177 -9.31 -9.94 -14.15
C THR B 177 -9.25 -11.39 -14.61
N ASN B 178 -10.28 -12.19 -14.29
CA ASN B 178 -10.35 -13.55 -14.82
C ASN B 178 -10.25 -13.52 -16.34
N ARG B 179 -11.00 -12.62 -16.98
CA ARG B 179 -11.03 -12.55 -18.43
C ARG B 179 -9.69 -12.08 -18.98
N VAL B 180 -9.09 -11.06 -18.35
CA VAL B 180 -7.79 -10.59 -18.83
C VAL B 180 -6.75 -11.70 -18.77
N SER B 181 -6.62 -12.34 -17.60
CA SER B 181 -5.59 -13.34 -17.39
C SER B 181 -5.83 -14.57 -18.27
N SER B 182 -7.10 -14.93 -18.50
CA SER B 182 -7.39 -16.10 -19.33
C SER B 182 -7.17 -15.80 -20.80
N ALA B 183 -7.53 -14.59 -21.25
CA ALA B 183 -7.36 -14.24 -22.66
C ALA B 183 -5.88 -14.12 -23.02
N LEU B 184 -5.05 -13.61 -22.11
CA LEU B 184 -3.66 -13.34 -22.45
C LEU B 184 -2.69 -14.37 -21.87
N GLY B 185 -3.18 -15.46 -21.30
CA GLY B 185 -2.33 -16.55 -20.87
C GLY B 185 -1.39 -16.25 -19.74
N PHE B 186 -1.85 -15.54 -18.71
CA PHE B 186 -1.00 -15.26 -17.56
C PHE B 186 -0.80 -16.52 -16.73
N VAL B 187 0.38 -16.64 -16.14
CA VAL B 187 0.79 -17.81 -15.38
C VAL B 187 1.10 -17.38 -13.96
N PRO B 188 0.49 -17.99 -12.94
CA PRO B 188 0.81 -17.59 -11.57
C PRO B 188 2.19 -18.04 -11.13
N ASN B 189 2.82 -17.24 -10.30
CA ASN B 189 4.14 -17.57 -9.78
C ASN B 189 4.06 -18.85 -8.94
N PRO B 190 5.07 -19.72 -9.02
CA PRO B 190 5.02 -20.97 -8.23
C PRO B 190 4.87 -20.76 -6.73
N GLU B 191 5.39 -19.65 -6.20
CA GLU B 191 5.34 -19.42 -4.75
C GLU B 191 3.91 -19.46 -4.24
N TYR B 192 2.96 -18.96 -5.02
CA TYR B 192 1.57 -18.91 -4.58
C TYR B 192 1.06 -20.30 -4.23
N HIS B 193 1.56 -21.34 -4.92
CA HIS B 193 1.04 -22.68 -4.67
C HIS B 193 1.38 -23.15 -3.26
N ILE B 194 2.52 -22.74 -2.71
CA ILE B 194 2.93 -23.26 -1.39
C ILE B 194 2.55 -22.34 -0.25
N GLN B 195 2.15 -21.10 -0.53
CA GLN B 195 1.95 -20.14 0.55
C GLN B 195 0.80 -20.57 1.45
N SER B 196 0.86 -20.17 2.72
CA SER B 196 -0.19 -20.38 3.71
C SER B 196 -0.83 -21.77 3.72
N ARG B 197 -0.26 -22.74 3.01
CA ARG B 197 -0.72 -24.13 3.07
C ARG B 197 -0.92 -24.60 4.51
N PRO C 12 -23.17 -54.23 -39.50
CA PRO C 12 -23.80 -53.82 -38.23
C PRO C 12 -22.79 -53.49 -37.13
N ARG C 13 -22.17 -52.32 -37.32
CA ARG C 13 -21.34 -51.57 -36.37
C ARG C 13 -21.95 -51.26 -34.98
N LEU C 14 -21.68 -52.18 -34.03
CA LEU C 14 -22.12 -52.09 -32.62
C LEU C 14 -21.33 -51.06 -31.82
N SER C 15 -20.14 -50.65 -32.29
CA SER C 15 -19.30 -49.76 -31.50
C SER C 15 -18.32 -49.02 -32.41
N PHE C 16 -17.83 -47.87 -31.90
CA PHE C 16 -16.73 -47.15 -32.53
C PHE C 16 -15.38 -47.81 -32.28
N LEU C 17 -15.30 -48.74 -31.35
CA LEU C 17 -14.07 -49.47 -31.04
C LEU C 17 -14.17 -50.92 -31.50
N ALA C 18 -13.08 -51.65 -31.36
CA ALA C 18 -13.09 -53.07 -31.66
C ALA C 18 -14.03 -53.80 -30.70
N VAL C 19 -14.71 -54.82 -31.21
CA VAL C 19 -15.68 -55.60 -30.45
C VAL C 19 -15.14 -57.02 -30.27
N PRO C 20 -15.15 -57.57 -29.05
CA PRO C 20 -14.71 -58.96 -28.84
C PRO C 20 -15.67 -60.00 -29.43
N THR C 21 -15.08 -61.02 -30.08
CA THR C 21 -15.72 -62.19 -30.67
C THR C 21 -15.62 -63.41 -29.76
N GLU C 22 -16.06 -64.59 -30.25
CA GLU C 22 -15.80 -65.82 -29.47
C GLU C 22 -14.38 -65.87 -28.98
N ASP C 23 -13.45 -65.56 -29.85
CA ASP C 23 -12.14 -66.17 -29.81
C ASP C 23 -11.31 -65.48 -28.75
N ASN C 24 -11.43 -64.16 -28.67
CA ASN C 24 -10.66 -63.33 -27.76
C ASN C 24 -11.46 -62.88 -26.55
N ALA C 25 -12.73 -63.25 -26.43
CA ALA C 25 -13.54 -62.76 -25.31
C ALA C 25 -13.13 -63.43 -24.00
N HIS C 26 -13.27 -62.68 -22.91
CA HIS C 26 -13.13 -63.23 -21.57
C HIS C 26 -14.13 -64.37 -21.38
N GLU C 27 -13.77 -65.35 -20.54
CA GLU C 27 -14.66 -66.49 -20.37
C GLU C 27 -15.90 -66.15 -19.55
N GLY C 28 -15.87 -65.03 -18.84
CA GLY C 28 -17.02 -64.64 -18.05
C GLY C 28 -17.93 -63.82 -18.93
N VAL C 29 -17.32 -63.13 -19.90
CA VAL C 29 -18.12 -62.50 -20.96
C VAL C 29 -18.88 -63.56 -21.74
N LYS C 30 -18.24 -64.70 -22.02
CA LYS C 30 -18.92 -65.77 -22.73
C LYS C 30 -20.05 -66.36 -21.90
N LYS C 31 -19.84 -66.49 -20.58
CA LYS C 31 -20.93 -66.98 -19.73
C LYS C 31 -22.08 -65.99 -19.66
N LEU C 32 -21.76 -64.68 -19.65
CA LEU C 32 -22.82 -63.70 -19.63
C LEU C 32 -23.60 -63.70 -20.94
N TRP C 33 -22.91 -63.93 -22.06
CA TRP C 33 -23.61 -64.08 -23.33
C TRP C 33 -24.57 -65.26 -23.29
N SER C 34 -24.11 -66.41 -22.77
CA SER C 34 -24.95 -67.60 -22.77
C SER C 34 -26.14 -67.44 -21.85
N LYS C 35 -25.92 -66.86 -20.66
CA LYS C 35 -27.05 -66.48 -19.81
C LYS C 35 -28.02 -65.52 -20.45
N ALA C 36 -27.50 -64.46 -21.04
CA ALA C 36 -28.40 -63.43 -21.54
C ALA C 36 -29.28 -64.01 -22.61
N GLU C 37 -28.72 -64.85 -23.47
CA GLU C 37 -29.58 -65.47 -24.47
C GLU C 37 -30.56 -66.46 -23.84
N ALA C 38 -30.12 -67.22 -22.83
CA ALA C 38 -31.01 -68.22 -22.25
C ALA C 38 -32.22 -67.58 -21.60
N ASN C 39 -32.07 -66.37 -21.08
CA ASN C 39 -33.17 -65.74 -20.37
C ASN C 39 -33.97 -64.74 -21.21
N MET C 40 -33.39 -64.07 -22.21
CA MET C 40 -34.17 -63.06 -22.94
C MET C 40 -34.27 -63.29 -24.44
N GLY C 41 -33.56 -64.25 -25.02
CA GLY C 41 -33.64 -64.51 -26.45
C GLY C 41 -32.66 -63.78 -27.34
N PHE C 42 -31.80 -62.93 -26.78
CA PHE C 42 -30.76 -62.26 -27.56
C PHE C 42 -29.66 -61.83 -26.60
N VAL C 43 -28.57 -61.33 -27.16
CA VAL C 43 -27.45 -60.82 -26.37
C VAL C 43 -27.48 -59.30 -26.47
N PRO C 44 -27.68 -58.59 -25.37
CA PRO C 44 -27.65 -57.11 -25.41
C PRO C 44 -26.36 -56.60 -26.02
N ASN C 45 -26.48 -55.66 -26.96
CA ASN C 45 -25.32 -55.19 -27.70
C ASN C 45 -24.28 -54.55 -26.79
N VAL C 46 -24.70 -54.02 -25.63
CA VAL C 46 -23.73 -53.48 -24.69
C VAL C 46 -22.82 -54.59 -24.17
N PHE C 47 -23.39 -55.78 -23.96
CA PHE C 47 -22.61 -56.92 -23.48
C PHE C 47 -21.51 -57.30 -24.46
N ARG C 48 -21.69 -57.00 -25.75
CA ARG C 48 -20.65 -57.25 -26.74
C ARG C 48 -19.68 -56.08 -26.84
N ALA C 49 -20.21 -54.85 -26.89
CA ALA C 49 -19.37 -53.70 -27.17
C ALA C 49 -18.49 -53.35 -25.97
N GLN C 50 -19.10 -53.19 -24.79
CA GLN C 50 -18.35 -52.77 -23.62
C GLN C 50 -17.41 -53.84 -23.08
N ALA C 51 -17.54 -55.08 -23.54
CA ALA C 51 -16.76 -56.18 -22.98
C ALA C 51 -15.34 -56.27 -23.54
N LEU C 52 -14.90 -55.26 -24.30
CA LEU C 52 -13.53 -55.31 -24.83
C LEU C 52 -12.51 -55.39 -23.70
N ASN C 53 -12.77 -54.69 -22.60
CA ASN C 53 -11.97 -54.81 -21.37
C ASN C 53 -12.72 -55.74 -20.43
N GLY C 54 -12.33 -57.01 -20.44
CA GLY C 54 -13.06 -58.07 -19.77
C GLY C 54 -13.34 -57.87 -18.29
N GLU C 55 -12.30 -57.73 -17.47
CA GLU C 55 -12.49 -57.66 -16.03
C GLU C 55 -13.22 -56.38 -15.64
N GLN C 56 -12.89 -55.26 -16.29
CA GLN C 56 -13.60 -54.01 -16.02
C GLN C 56 -15.07 -54.14 -16.37
N PHE C 57 -15.37 -54.76 -17.51
CA PHE C 57 -16.77 -54.96 -17.90
C PHE C 57 -17.50 -55.85 -16.92
N LEU C 58 -16.84 -56.91 -16.44
CA LEU C 58 -17.52 -57.83 -15.53
C LEU C 58 -17.81 -57.18 -14.19
N ALA C 59 -16.86 -56.38 -13.68
CA ALA C 59 -17.12 -55.65 -12.44
C ALA C 59 -18.22 -54.60 -12.64
N TRP C 60 -18.17 -53.88 -13.76
CA TRP C 60 -19.23 -52.92 -14.07
C TRP C 60 -20.59 -53.60 -14.10
N TRP C 61 -20.67 -54.75 -14.74
CA TRP C 61 -21.96 -55.43 -14.84
C TRP C 61 -22.41 -55.94 -13.48
N ASN C 62 -21.50 -56.45 -12.66
CA ASN C 62 -21.84 -56.84 -11.30
C ASN C 62 -22.54 -55.68 -10.58
N TYR C 63 -21.90 -54.51 -10.58
CA TYR C 63 -22.47 -53.35 -9.89
C TYR C 63 -23.79 -52.92 -10.50
N PHE C 64 -23.83 -52.75 -11.83
CA PHE C 64 -25.02 -52.24 -12.50
C PHE C 64 -26.21 -53.18 -12.31
N ASN C 65 -25.99 -54.48 -12.50
CA ASN C 65 -27.06 -55.46 -12.32
C ASN C 65 -27.58 -55.44 -10.90
N LEU C 66 -26.68 -55.39 -9.91
CA LEU C 66 -27.15 -55.33 -8.53
C LEU C 66 -27.96 -54.06 -8.28
N LEU C 67 -27.53 -52.93 -8.84
CA LEU C 67 -28.14 -51.65 -8.51
C LEU C 67 -29.49 -51.45 -9.20
N VAL C 68 -29.61 -51.84 -10.46
CA VAL C 68 -30.76 -51.47 -11.28
C VAL C 68 -31.78 -52.59 -11.37
N ASN C 69 -31.33 -53.85 -11.48
CA ASN C 69 -32.24 -54.96 -11.75
C ASN C 69 -32.65 -55.74 -10.50
N LYS C 70 -31.73 -56.02 -9.60
CA LYS C 70 -32.07 -56.86 -8.46
C LYS C 70 -32.88 -56.06 -7.43
N GLU C 71 -33.30 -56.76 -6.39
CA GLU C 71 -34.11 -56.24 -5.31
C GLU C 71 -33.35 -55.22 -4.47
N GLY C 72 -34.05 -54.13 -4.12
CA GLY C 72 -33.48 -53.03 -3.38
C GLY C 72 -34.57 -52.10 -2.82
N GLY C 73 -34.17 -50.87 -2.48
CA GLY C 73 -35.09 -49.92 -1.86
C GLY C 73 -36.12 -49.33 -2.80
N LEU C 74 -35.90 -49.41 -4.11
CA LEU C 74 -36.82 -48.87 -5.10
C LEU C 74 -37.38 -50.00 -5.95
N SER C 75 -38.61 -49.81 -6.40
CA SER C 75 -39.21 -50.73 -7.36
C SER C 75 -38.48 -50.66 -8.70
N ASN C 76 -38.66 -51.72 -9.49
CA ASN C 76 -38.12 -51.71 -10.86
C ASN C 76 -38.73 -50.57 -11.68
N ALA C 77 -40.02 -50.30 -11.49
CA ALA C 77 -40.68 -49.25 -12.25
C ALA C 77 -40.08 -47.88 -11.95
N GLU C 78 -39.80 -47.61 -10.67
CA GLU C 78 -39.20 -46.32 -10.31
C GLU C 78 -37.79 -46.19 -10.85
N ARG C 79 -37.01 -47.27 -10.79
CA ARG C 79 -35.64 -47.23 -11.33
C ARG C 79 -35.66 -46.99 -12.83
N GLU C 80 -36.58 -47.64 -13.54
CA GLU C 80 -36.67 -47.43 -14.98
C GLU C 80 -37.21 -46.03 -15.30
N LEU C 81 -38.05 -45.48 -14.44
CA LEU C 81 -38.47 -44.09 -14.61
C LEU C 81 -37.28 -43.15 -14.53
N LEU C 82 -36.44 -43.34 -13.52
CA LEU C 82 -35.21 -42.55 -13.40
C LEU C 82 -34.32 -42.74 -14.63
N ALA C 83 -34.15 -43.99 -15.06
CA ALA C 83 -33.32 -44.29 -16.22
C ALA C 83 -33.83 -43.56 -17.46
N VAL C 84 -35.14 -43.59 -17.69
CA VAL C 84 -35.71 -42.98 -18.89
C VAL C 84 -35.55 -41.47 -18.84
N VAL C 85 -35.81 -40.85 -17.68
CA VAL C 85 -35.67 -39.40 -17.59
C VAL C 85 -34.22 -38.98 -17.85
N VAL C 86 -33.26 -39.66 -17.20
CA VAL C 86 -31.86 -39.30 -17.36
C VAL C 86 -31.41 -39.54 -18.79
N SER C 87 -31.79 -40.67 -19.38
CA SER C 87 -31.37 -41.00 -20.74
C SER C 87 -31.96 -40.04 -21.76
N GLY C 88 -33.19 -39.56 -21.54
CA GLY C 88 -33.71 -38.52 -22.40
C GLY C 88 -32.95 -37.22 -22.26
N LEU C 89 -32.58 -36.87 -21.03
CA LEU C 89 -31.85 -35.61 -20.81
C LEU C 89 -30.46 -35.65 -21.47
N ASN C 90 -29.73 -36.75 -21.30
CA ASN C 90 -28.42 -36.87 -21.91
C ASN C 90 -28.48 -37.28 -23.38
N ARG C 91 -29.65 -37.64 -23.89
CA ARG C 91 -29.85 -37.98 -25.29
C ARG C 91 -28.96 -39.16 -25.72
N CYS C 92 -29.06 -40.25 -24.97
CA CYS C 92 -28.37 -41.49 -25.30
C CYS C 92 -29.37 -42.47 -25.88
N VAL C 93 -29.18 -42.84 -27.15
CA VAL C 93 -30.17 -43.65 -27.84
C VAL C 93 -30.25 -45.05 -27.25
N TYR C 94 -29.09 -45.65 -26.93
CA TYR C 94 -29.10 -47.01 -26.39
C TYR C 94 -29.95 -47.11 -25.13
N CYS C 95 -29.63 -46.27 -24.13
CA CYS C 95 -30.33 -46.37 -22.87
C CYS C 95 -31.77 -45.91 -23.00
N ALA C 96 -32.02 -44.90 -23.82
CA ALA C 96 -33.40 -44.48 -24.08
C ALA C 96 -34.24 -45.64 -24.60
N VAL C 97 -33.76 -46.32 -25.65
CA VAL C 97 -34.52 -47.42 -26.25
C VAL C 97 -34.70 -48.56 -25.26
N SER C 98 -33.59 -49.06 -24.70
CA SER C 98 -33.66 -50.27 -23.87
C SER C 98 -34.46 -50.02 -22.60
N HIS C 99 -34.17 -48.93 -21.89
CA HIS C 99 -34.88 -48.68 -20.65
C HIS C 99 -36.28 -48.11 -20.89
N GLY C 100 -36.58 -47.62 -22.09
CA GLY C 100 -37.96 -47.35 -22.41
C GLY C 100 -38.75 -48.63 -22.56
N ALA C 101 -38.15 -49.65 -23.18
CA ALA C 101 -38.77 -50.96 -23.18
C ALA C 101 -38.98 -51.47 -21.75
N ALA C 102 -37.95 -51.33 -20.91
CA ALA C 102 -38.06 -51.80 -19.52
C ALA C 102 -39.15 -51.05 -18.76
N LEU C 103 -39.26 -49.74 -18.97
CA LEU C 103 -40.29 -48.95 -18.29
C LEU C 103 -41.68 -49.31 -18.80
N ARG C 104 -41.82 -49.54 -20.11
CA ARG C 104 -43.08 -50.01 -20.65
C ARG C 104 -43.49 -51.34 -20.01
N GLU C 105 -42.53 -52.24 -19.83
CA GLU C 105 -42.85 -53.54 -19.22
C GLU C 105 -43.27 -53.36 -17.77
N PHE C 106 -42.47 -52.66 -16.97
CA PHE C 106 -42.71 -52.61 -15.53
C PHE C 106 -43.89 -51.73 -15.16
N SER C 107 -44.18 -50.71 -15.97
CA SER C 107 -45.30 -49.82 -15.67
C SER C 107 -46.60 -50.25 -16.32
N GLY C 108 -46.52 -51.00 -17.42
CA GLY C 108 -47.70 -51.36 -18.18
C GLY C 108 -48.40 -50.19 -18.84
N ASP C 109 -47.75 -49.03 -18.91
CA ASP C 109 -48.34 -47.79 -19.41
C ASP C 109 -47.41 -47.20 -20.47
N ALA C 110 -47.64 -47.57 -21.74
CA ALA C 110 -46.79 -47.08 -22.82
C ALA C 110 -46.91 -45.57 -22.98
N VAL C 111 -48.11 -45.02 -22.78
CA VAL C 111 -48.30 -43.58 -22.90
C VAL C 111 -47.44 -42.86 -21.87
N LYS C 112 -47.47 -43.34 -20.62
CA LYS C 112 -46.68 -42.72 -19.57
C LYS C 112 -45.19 -42.79 -19.87
N ALA C 113 -44.73 -43.94 -20.36
CA ALA C 113 -43.31 -44.10 -20.69
C ALA C 113 -42.89 -43.17 -21.81
N ASP C 114 -43.69 -43.10 -22.87
CA ASP C 114 -43.39 -42.20 -23.98
C ASP C 114 -43.35 -40.74 -23.52
N ALA C 115 -44.27 -40.36 -22.64
CA ALA C 115 -44.29 -38.98 -22.17
C ALA C 115 -43.08 -38.67 -21.30
N VAL C 116 -42.75 -39.55 -20.35
CA VAL C 116 -41.61 -39.27 -19.46
C VAL C 116 -40.30 -39.29 -20.24
N ALA C 117 -40.24 -40.06 -21.33
CA ALA C 117 -39.03 -40.03 -22.16
C ALA C 117 -38.78 -38.66 -22.74
N VAL C 118 -39.83 -37.85 -22.91
CA VAL C 118 -39.71 -36.53 -23.52
C VAL C 118 -39.65 -35.46 -22.43
N ASN C 119 -40.69 -35.39 -21.60
CA ASN C 119 -40.78 -34.36 -20.58
C ASN C 119 -41.69 -34.88 -19.47
N TRP C 120 -41.10 -35.18 -18.31
CA TRP C 120 -41.90 -35.67 -17.19
C TRP C 120 -42.90 -34.64 -16.71
N ARG C 121 -42.67 -33.36 -16.98
CA ARG C 121 -43.63 -32.33 -16.58
C ARG C 121 -44.95 -32.49 -17.32
N GLN C 122 -44.93 -33.08 -18.51
CA GLN C 122 -46.13 -33.25 -19.32
C GLN C 122 -46.65 -34.68 -19.30
N ALA C 123 -46.33 -35.43 -18.24
CA ALA C 123 -46.85 -36.77 -18.01
C ALA C 123 -47.77 -36.75 -16.79
N GLU C 124 -48.55 -37.83 -16.64
CA GLU C 124 -49.44 -37.97 -15.50
C GLU C 124 -48.72 -38.76 -14.43
N LEU C 125 -48.14 -38.05 -13.47
CA LEU C 125 -47.30 -38.65 -12.46
C LEU C 125 -47.83 -38.37 -11.07
N SER C 126 -47.60 -39.32 -10.18
CA SER C 126 -47.86 -39.07 -8.78
C SER C 126 -46.91 -38.01 -8.23
N GLU C 127 -47.13 -37.74 -6.95
CA GLU C 127 -46.42 -36.75 -6.16
C GLU C 127 -44.96 -37.22 -5.99
N ARG C 128 -44.82 -38.52 -5.72
CA ARG C 128 -43.53 -39.16 -5.55
C ARG C 128 -42.77 -39.24 -6.86
N GLU C 129 -43.45 -39.61 -7.94
CA GLU C 129 -42.80 -39.66 -9.24
C GLU C 129 -42.35 -38.29 -9.68
N GLN C 130 -43.16 -37.27 -9.43
CA GLN C 130 -42.79 -35.90 -9.77
C GLN C 130 -41.57 -35.46 -9.00
N ALA C 131 -41.54 -35.72 -7.69
CA ALA C 131 -40.37 -35.35 -6.89
C ALA C 131 -39.12 -36.07 -7.39
N MET C 132 -39.22 -37.37 -7.64
CA MET C 132 -38.07 -38.13 -8.10
C MET C 132 -37.58 -37.63 -9.45
N CYS C 133 -38.50 -37.26 -10.34
CA CYS C 133 -38.10 -36.82 -11.67
C CYS C 133 -37.45 -35.44 -11.64
N ALA C 134 -37.98 -34.54 -10.80
CA ALA C 134 -37.33 -33.24 -10.65
C ALA C 134 -35.93 -33.38 -10.08
N TYR C 135 -35.78 -34.25 -9.07
CA TYR C 135 -34.46 -34.47 -8.50
C TYR C 135 -33.50 -35.06 -9.52
N ALA C 136 -33.96 -36.05 -10.29
CA ALA C 136 -33.11 -36.65 -11.32
C ALA C 136 -32.68 -35.61 -12.35
N GLU C 137 -33.62 -34.76 -12.79
CA GLU C 137 -33.26 -33.75 -13.78
C GLU C 137 -32.25 -32.76 -13.23
N LYS C 138 -32.44 -32.29 -11.99
CA LYS C 138 -31.47 -31.36 -11.42
C LYS C 138 -30.11 -32.00 -11.26
N LEU C 139 -30.07 -33.25 -10.79
CA LEU C 139 -28.79 -33.93 -10.59
C LEU C 139 -28.10 -34.22 -11.93
N THR C 140 -28.87 -34.40 -13.00
CA THR C 140 -28.28 -34.63 -14.31
C THR C 140 -27.74 -33.34 -14.93
N LEU C 141 -28.54 -32.27 -14.89
CA LEU C 141 -28.19 -31.05 -15.61
C LEU C 141 -27.41 -30.05 -14.78
N ARG C 142 -27.60 -30.01 -13.46
CA ARG C 142 -26.95 -29.01 -12.60
C ARG C 142 -26.38 -29.66 -11.34
N PRO C 143 -25.44 -30.60 -11.50
CA PRO C 143 -24.92 -31.31 -10.31
C PRO C 143 -24.23 -30.39 -9.31
N ALA C 144 -23.66 -29.27 -9.76
CA ALA C 144 -22.97 -28.37 -8.85
C ALA C 144 -23.93 -27.67 -7.88
N GLU C 145 -25.22 -27.68 -8.16
CA GLU C 145 -26.20 -26.92 -7.37
C GLU C 145 -26.95 -27.78 -6.36
N MET C 146 -26.53 -29.03 -6.15
CA MET C 146 -27.19 -29.89 -5.19
C MET C 146 -27.05 -29.32 -3.78
N THR C 147 -28.16 -29.36 -3.03
CA THR C 147 -28.18 -28.94 -1.63
C THR C 147 -28.87 -30.02 -0.81
N GLU C 148 -28.74 -29.91 0.51
CA GLU C 148 -29.47 -30.81 1.40
C GLU C 148 -30.97 -30.59 1.26
N ALA C 149 -31.39 -29.35 1.04
CA ALA C 149 -32.81 -29.03 0.92
C ALA C 149 -33.44 -29.78 -0.25
N ASP C 150 -32.66 -30.08 -1.29
CA ASP C 150 -33.19 -30.82 -2.43
C ASP C 150 -33.67 -32.21 -2.03
N LEU C 151 -33.23 -32.74 -0.90
CA LEU C 151 -33.71 -34.03 -0.45
C LEU C 151 -35.08 -33.95 0.22
N ALA C 152 -35.51 -32.75 0.61
CA ALA C 152 -36.77 -32.62 1.35
C ALA C 152 -37.97 -33.18 0.58
N PRO C 153 -38.17 -32.88 -0.71
CA PRO C 153 -39.31 -33.51 -1.41
C PRO C 153 -39.23 -35.03 -1.44
N LEU C 154 -38.05 -35.58 -1.69
CA LEU C 154 -37.89 -37.03 -1.73
C LEU C 154 -38.33 -37.66 -0.42
N ARG C 155 -37.90 -37.09 0.71
CA ARG C 155 -38.34 -37.61 2.01
C ARG C 155 -39.83 -37.39 2.22
N ALA C 156 -40.40 -36.31 1.65
CA ALA C 156 -41.83 -36.09 1.78
C ALA C 156 -42.63 -37.12 0.99
N ALA C 157 -42.04 -37.69 -0.06
CA ALA C 157 -42.66 -38.72 -0.87
C ALA C 157 -42.50 -40.12 -0.27
N GLY C 158 -41.93 -40.22 0.92
CA GLY C 158 -41.81 -41.51 1.60
C GLY C 158 -40.57 -42.30 1.28
N LEU C 159 -39.52 -41.68 0.73
CA LEU C 159 -38.29 -42.39 0.40
C LEU C 159 -37.39 -42.46 1.64
N SER C 160 -37.04 -43.67 2.05
CA SER C 160 -36.09 -43.87 3.13
C SER C 160 -34.69 -43.42 2.70
N ASP C 161 -33.79 -43.32 3.69
CA ASP C 161 -32.41 -42.98 3.38
C ASP C 161 -31.77 -44.00 2.45
N GLU C 162 -32.09 -45.29 2.65
CA GLU C 162 -31.58 -46.32 1.75
C GLU C 162 -32.14 -46.12 0.35
N ALA C 163 -33.44 -45.82 0.24
CA ALA C 163 -34.05 -45.59 -1.06
C ALA C 163 -33.49 -44.34 -1.72
N ILE C 164 -33.19 -43.31 -0.92
CA ILE C 164 -32.61 -42.09 -1.47
C ILE C 164 -31.20 -42.36 -1.99
N LEU C 165 -30.40 -43.10 -1.23
CA LEU C 165 -29.06 -43.48 -1.70
C LEU C 165 -29.15 -44.29 -2.99
N GLU C 166 -30.11 -45.22 -3.06
CA GLU C 166 -30.29 -46.01 -4.26
C GLU C 166 -30.70 -45.14 -5.45
N ALA C 167 -31.59 -44.18 -5.24
CA ALA C 167 -32.03 -43.31 -6.32
C ALA C 167 -30.89 -42.43 -6.83
N VAL C 168 -30.10 -41.88 -5.91
CA VAL C 168 -28.94 -41.09 -6.31
C VAL C 168 -27.97 -41.95 -7.12
N GLN C 169 -27.73 -43.18 -6.64
CA GLN C 169 -26.86 -44.10 -7.34
C GLN C 169 -27.38 -44.39 -8.75
N VAL C 170 -28.69 -44.58 -8.90
CA VAL C 170 -29.25 -44.89 -10.21
C VAL C 170 -29.09 -43.71 -11.16
N ILE C 171 -29.41 -42.51 -10.68
CA ILE C 171 -29.27 -41.30 -11.50
C ILE C 171 -27.83 -41.16 -11.96
N ALA C 172 -26.88 -41.32 -11.04
CA ALA C 172 -25.47 -41.17 -11.39
C ALA C 172 -24.98 -42.29 -12.30
N MET C 173 -25.46 -43.52 -12.08
CA MET C 173 -25.03 -44.62 -12.94
C MET C 173 -25.55 -44.44 -14.35
N PHE C 174 -26.71 -43.80 -14.51
CA PHE C 174 -27.15 -43.55 -15.87
C PHE C 174 -26.48 -42.33 -16.48
N ASN C 175 -26.10 -41.36 -15.65
CA ASN C 175 -25.19 -40.32 -16.16
C ASN C 175 -23.87 -40.93 -16.61
N MET C 176 -23.50 -42.09 -16.09
CA MET C 176 -22.30 -42.78 -16.54
C MET C 176 -22.55 -43.59 -17.82
N THR C 177 -23.64 -44.37 -17.85
CA THR C 177 -23.90 -45.24 -18.99
C THR C 177 -24.26 -44.44 -20.23
N ASN C 178 -25.02 -43.34 -20.08
CA ASN C 178 -25.29 -42.47 -21.20
C ASN C 178 -24.00 -42.01 -21.85
N ARG C 179 -23.04 -41.58 -21.03
CA ARG C 179 -21.79 -41.05 -21.56
C ARG C 179 -20.97 -42.13 -22.24
N VAL C 180 -20.88 -43.32 -21.63
CA VAL C 180 -20.11 -44.40 -22.25
C VAL C 180 -20.74 -44.78 -23.59
N SER C 181 -22.04 -45.05 -23.60
CA SER C 181 -22.70 -45.55 -24.80
C SER C 181 -22.70 -44.52 -25.91
N SER C 182 -22.85 -43.23 -25.56
CA SER C 182 -22.87 -42.19 -26.59
C SER C 182 -21.46 -41.92 -27.11
N ALA C 183 -20.45 -41.98 -26.23
CA ALA C 183 -19.09 -41.73 -26.66
C ALA C 183 -18.60 -42.83 -27.58
N LEU C 184 -19.00 -44.08 -27.32
CA LEU C 184 -18.48 -45.22 -28.07
C LEU C 184 -19.48 -45.76 -29.09
N GLY C 185 -20.59 -45.07 -29.32
CA GLY C 185 -21.49 -45.43 -30.40
C GLY C 185 -22.20 -46.77 -30.26
N PHE C 186 -22.70 -47.09 -29.08
CA PHE C 186 -23.43 -48.34 -28.90
C PHE C 186 -24.80 -48.25 -29.54
N VAL C 187 -25.27 -49.37 -30.07
CA VAL C 187 -26.52 -49.44 -30.81
C VAL C 187 -27.45 -50.42 -30.10
N PRO C 188 -28.67 -50.03 -29.73
CA PRO C 188 -29.57 -50.95 -29.04
C PRO C 188 -30.09 -52.03 -29.98
N ASN C 189 -30.32 -53.21 -29.41
CA ASN C 189 -30.84 -54.33 -30.18
C ASN C 189 -32.24 -53.99 -30.71
N PRO C 190 -32.58 -54.44 -31.92
CA PRO C 190 -33.92 -54.15 -32.46
C PRO C 190 -35.05 -54.66 -31.58
N GLU C 191 -34.84 -55.74 -30.84
CA GLU C 191 -35.90 -56.31 -30.01
C GLU C 191 -36.45 -55.28 -29.02
N TYR C 192 -35.60 -54.40 -28.50
CA TYR C 192 -36.05 -53.42 -27.51
C TYR C 192 -37.15 -52.53 -28.07
N HIS C 193 -37.11 -52.23 -29.37
CA HIS C 193 -38.13 -51.36 -29.98
C HIS C 193 -39.49 -52.02 -29.93
N ILE C 194 -39.54 -53.35 -29.97
CA ILE C 194 -40.80 -54.07 -30.05
C ILE C 194 -41.36 -54.44 -28.68
N GLN C 195 -40.53 -54.43 -27.64
CA GLN C 195 -40.93 -54.98 -26.35
C GLN C 195 -42.04 -54.15 -25.70
N SER C 196 -43.05 -54.83 -25.19
CA SER C 196 -44.16 -54.25 -24.44
C SER C 196 -44.82 -53.03 -25.08
N ARG C 197 -44.43 -52.66 -26.29
CA ARG C 197 -45.15 -51.63 -27.04
C ARG C 197 -46.64 -51.95 -27.10
N ARG D 13 -58.19 -34.07 -19.65
CA ARG D 13 -57.82 -32.66 -19.59
C ARG D 13 -56.90 -32.28 -20.75
N LEU D 14 -57.53 -31.76 -21.82
CA LEU D 14 -56.82 -31.41 -23.04
C LEU D 14 -56.00 -30.14 -22.93
N SER D 15 -56.26 -29.27 -21.96
CA SER D 15 -55.63 -27.97 -21.97
C SER D 15 -55.56 -27.39 -20.57
N PHE D 16 -54.62 -26.47 -20.37
CA PHE D 16 -54.58 -25.65 -19.17
C PHE D 16 -55.60 -24.52 -19.23
N LEU D 17 -56.16 -24.24 -20.41
CA LEU D 17 -57.17 -23.21 -20.61
C LEU D 17 -58.51 -23.85 -20.93
N ALA D 18 -59.53 -23.00 -21.06
CA ALA D 18 -60.84 -23.46 -21.47
C ALA D 18 -60.80 -24.01 -22.89
N VAL D 19 -61.60 -25.04 -23.14
CA VAL D 19 -61.70 -25.71 -24.44
C VAL D 19 -63.06 -25.41 -25.03
N PRO D 20 -63.15 -25.04 -26.31
CA PRO D 20 -64.46 -24.80 -26.93
C PRO D 20 -65.28 -26.08 -27.05
N THR D 21 -66.57 -25.96 -26.76
CA THR D 21 -67.54 -27.05 -26.87
C THR D 21 -68.21 -27.07 -28.25
N GLU D 22 -69.17 -27.98 -28.42
CA GLU D 22 -69.92 -28.06 -29.66
C GLU D 22 -70.85 -26.86 -29.91
N ASP D 23 -71.17 -26.06 -28.89
CA ASP D 23 -71.93 -24.80 -29.08
C ASP D 23 -71.07 -23.57 -29.33
N ASN D 24 -70.01 -23.36 -28.59
CA ASN D 24 -69.34 -22.07 -28.72
C ASN D 24 -68.22 -22.09 -29.73
N ALA D 25 -67.99 -23.23 -30.37
CA ALA D 25 -66.90 -23.31 -31.32
C ALA D 25 -67.24 -22.53 -32.57
N HIS D 26 -66.20 -21.94 -33.16
CA HIS D 26 -66.31 -21.31 -34.47
C HIS D 26 -66.81 -22.33 -35.49
N GLU D 27 -67.53 -21.84 -36.47
CA GLU D 27 -68.06 -22.67 -37.54
C GLU D 27 -67.00 -23.14 -38.55
N GLY D 28 -65.79 -22.57 -38.49
CA GLY D 28 -64.71 -23.13 -39.28
C GLY D 28 -63.95 -24.15 -38.43
N VAL D 29 -63.93 -23.94 -37.11
CA VAL D 29 -63.41 -24.95 -36.20
C VAL D 29 -64.26 -26.22 -36.25
N LYS D 30 -65.59 -26.05 -36.27
CA LYS D 30 -66.45 -27.23 -36.36
C LYS D 30 -66.29 -27.93 -37.72
N LYS D 31 -66.09 -27.15 -38.80
CA LYS D 31 -65.85 -27.84 -40.07
C LYS D 31 -64.53 -28.61 -40.06
N LEU D 32 -63.50 -28.07 -39.41
CA LEU D 32 -62.23 -28.79 -39.32
C LEU D 32 -62.35 -30.02 -38.43
N TRP D 33 -63.12 -29.93 -37.36
CA TRP D 33 -63.38 -31.11 -36.54
C TRP D 33 -64.03 -32.20 -37.37
N SER D 34 -65.01 -31.83 -38.20
CA SER D 34 -65.71 -32.82 -39.00
C SER D 34 -64.78 -33.46 -40.01
N LYS D 35 -63.90 -32.66 -40.63
CA LYS D 35 -63.01 -33.20 -41.65
C LYS D 35 -61.92 -34.09 -41.02
N ALA D 36 -61.38 -33.67 -39.87
CA ALA D 36 -60.36 -34.48 -39.21
C ALA D 36 -60.93 -35.80 -38.71
N GLU D 37 -62.13 -35.78 -38.11
CA GLU D 37 -62.70 -37.03 -37.64
C GLU D 37 -63.07 -37.93 -38.81
N ALA D 38 -63.50 -37.34 -39.94
CA ALA D 38 -63.79 -38.16 -41.10
C ALA D 38 -62.53 -38.78 -41.70
N ASN D 39 -61.39 -38.10 -41.57
CA ASN D 39 -60.20 -38.59 -42.27
C ASN D 39 -59.32 -39.51 -41.42
N MET D 40 -59.31 -39.37 -40.10
CA MET D 40 -58.45 -40.20 -39.27
C MET D 40 -59.18 -41.00 -38.20
N GLY D 41 -60.48 -40.76 -38.00
CA GLY D 41 -61.22 -41.47 -36.98
C GLY D 41 -61.22 -40.81 -35.63
N PHE D 42 -60.54 -39.67 -35.50
CA PHE D 42 -60.54 -38.91 -34.26
C PHE D 42 -60.21 -37.46 -34.63
N VAL D 43 -60.35 -36.58 -33.65
CA VAL D 43 -60.02 -35.17 -33.80
C VAL D 43 -58.75 -34.90 -33.01
N PRO D 44 -57.66 -34.46 -33.64
CA PRO D 44 -56.44 -34.13 -32.90
C PRO D 44 -56.73 -33.18 -31.75
N ASN D 45 -56.18 -33.50 -30.57
CA ASN D 45 -56.47 -32.73 -29.37
C ASN D 45 -56.02 -31.27 -29.50
N VAL D 46 -55.05 -30.98 -30.36
CA VAL D 46 -54.67 -29.59 -30.60
C VAL D 46 -55.84 -28.84 -31.23
N PHE D 47 -56.58 -29.51 -32.12
CA PHE D 47 -57.73 -28.88 -32.76
C PHE D 47 -58.82 -28.52 -31.76
N ARG D 48 -58.86 -29.21 -30.61
CA ARG D 48 -59.82 -28.88 -29.57
C ARG D 48 -59.28 -27.80 -28.64
N ALA D 49 -58.03 -27.94 -28.21
CA ALA D 49 -57.48 -27.03 -27.20
C ALA D 49 -57.14 -25.66 -27.79
N GLN D 50 -56.35 -25.65 -28.88
CA GLN D 50 -55.87 -24.39 -29.46
C GLN D 50 -56.95 -23.60 -30.17
N ALA D 51 -58.13 -24.19 -30.41
CA ALA D 51 -59.18 -23.53 -31.17
C ALA D 51 -60.02 -22.56 -30.35
N LEU D 52 -59.62 -22.25 -29.11
CA LEU D 52 -60.39 -21.32 -28.30
C LEU D 52 -60.49 -19.96 -28.96
N ASN D 53 -59.43 -19.52 -29.65
CA ASN D 53 -59.45 -18.31 -30.47
C ASN D 53 -59.68 -18.75 -31.91
N GLY D 54 -60.93 -18.68 -32.33
CA GLY D 54 -61.36 -19.25 -33.58
C GLY D 54 -60.56 -18.86 -34.80
N GLU D 55 -60.56 -17.61 -35.26
CA GLU D 55 -59.81 -17.56 -36.50
C GLU D 55 -58.32 -17.46 -36.30
N GLN D 56 -57.80 -17.05 -35.14
CA GLN D 56 -56.36 -17.18 -34.99
C GLN D 56 -55.97 -18.63 -35.25
N PHE D 57 -56.74 -19.57 -34.68
CA PHE D 57 -56.47 -20.98 -34.91
C PHE D 57 -56.66 -21.37 -36.37
N LEU D 58 -57.69 -20.84 -37.03
CA LEU D 58 -57.92 -21.26 -38.41
C LEU D 58 -56.82 -20.77 -39.33
N ALA D 59 -56.35 -19.54 -39.13
CA ALA D 59 -55.22 -19.04 -39.89
C ALA D 59 -53.96 -19.84 -39.61
N TRP D 60 -53.71 -20.14 -38.33
CA TRP D 60 -52.56 -20.97 -37.97
C TRP D 60 -52.62 -22.31 -38.67
N TRP D 61 -53.79 -22.95 -38.68
CA TRP D 61 -53.90 -24.27 -39.30
C TRP D 61 -53.73 -24.19 -40.80
N ASN D 62 -54.29 -23.16 -41.43
CA ASN D 62 -54.05 -22.96 -42.86
C ASN D 62 -52.56 -22.96 -43.16
N TYR D 63 -51.81 -22.10 -42.47
CA TYR D 63 -50.38 -22.01 -42.73
C TYR D 63 -49.66 -23.32 -42.41
N PHE D 64 -49.93 -23.90 -41.25
CA PHE D 64 -49.23 -25.10 -40.82
C PHE D 64 -49.49 -26.27 -41.75
N ASN D 65 -50.76 -26.46 -42.13
CA ASN D 65 -51.12 -27.54 -43.04
C ASN D 65 -50.43 -27.36 -44.38
N LEU D 66 -50.42 -26.13 -44.92
CA LEU D 66 -49.73 -25.92 -46.19
C LEU D 66 -48.23 -26.20 -46.07
N LEU D 67 -47.63 -25.80 -44.94
CA LEU D 67 -46.18 -25.89 -44.81
C LEU D 67 -45.69 -27.31 -44.54
N VAL D 68 -46.38 -28.05 -43.68
CA VAL D 68 -45.86 -29.31 -43.16
C VAL D 68 -46.47 -30.52 -43.89
N ASN D 69 -47.75 -30.47 -44.22
CA ASN D 69 -48.42 -31.65 -44.76
C ASN D 69 -48.55 -31.63 -46.28
N LYS D 70 -48.94 -30.51 -46.87
CA LYS D 70 -49.19 -30.48 -48.30
C LYS D 70 -47.88 -30.47 -49.09
N GLU D 71 -48.01 -30.53 -50.41
CA GLU D 71 -46.84 -30.72 -51.27
C GLU D 71 -45.96 -29.48 -51.31
N GLY D 72 -44.66 -29.70 -51.35
CA GLY D 72 -43.70 -28.62 -51.37
C GLY D 72 -42.34 -29.11 -51.82
N GLY D 73 -41.32 -28.30 -51.51
CA GLY D 73 -39.97 -28.62 -51.92
C GLY D 73 -39.34 -29.77 -51.15
N LEU D 74 -39.91 -30.13 -50.01
CA LEU D 74 -39.39 -31.23 -49.21
C LEU D 74 -40.42 -32.34 -49.11
N SER D 75 -39.95 -33.58 -49.03
CA SER D 75 -40.83 -34.70 -48.80
C SER D 75 -41.45 -34.62 -47.42
N ASN D 76 -42.54 -35.37 -47.23
CA ASN D 76 -43.14 -35.47 -45.91
C ASN D 76 -42.16 -36.10 -44.92
N ALA D 77 -41.36 -37.05 -45.37
CA ALA D 77 -40.43 -37.73 -44.47
C ALA D 77 -39.38 -36.76 -43.93
N GLU D 78 -38.84 -35.89 -44.80
CA GLU D 78 -37.83 -34.93 -44.34
C GLU D 78 -38.43 -33.92 -43.37
N ARG D 79 -39.63 -33.44 -43.67
CA ARG D 79 -40.28 -32.48 -42.78
C ARG D 79 -40.58 -33.11 -41.43
N GLU D 80 -41.01 -34.37 -41.42
CA GLU D 80 -41.24 -35.03 -40.14
C GLU D 80 -39.93 -35.33 -39.41
N LEU D 81 -38.84 -35.56 -40.15
CA LEU D 81 -37.54 -35.70 -39.52
C LEU D 81 -37.15 -34.42 -38.78
N LEU D 82 -37.29 -33.28 -39.45
CA LEU D 82 -37.04 -31.99 -38.82
C LEU D 82 -37.95 -31.79 -37.60
N ALA D 83 -39.24 -32.10 -37.77
CA ALA D 83 -40.20 -31.94 -36.67
C ALA D 83 -39.80 -32.78 -35.47
N VAL D 84 -39.42 -34.04 -35.69
CA VAL D 84 -39.07 -34.93 -34.60
C VAL D 84 -37.81 -34.46 -33.90
N VAL D 85 -36.79 -34.03 -34.67
CA VAL D 85 -35.57 -33.53 -34.05
C VAL D 85 -35.86 -32.32 -33.18
N VAL D 86 -36.60 -31.35 -33.73
CA VAL D 86 -36.89 -30.13 -32.99
C VAL D 86 -37.74 -30.41 -31.75
N SER D 87 -38.74 -31.28 -31.89
CA SER D 87 -39.62 -31.59 -30.76
C SER D 87 -38.87 -32.33 -29.67
N GLY D 88 -37.90 -33.17 -30.03
CA GLY D 88 -37.05 -33.78 -29.02
C GLY D 88 -36.17 -32.75 -28.32
N LEU D 89 -35.64 -31.78 -29.08
CA LEU D 89 -34.77 -30.78 -28.48
C LEU D 89 -35.54 -29.89 -27.51
N ASN D 90 -36.73 -29.43 -27.89
CA ASN D 90 -37.54 -28.60 -27.01
C ASN D 90 -38.32 -29.41 -25.97
N ARG D 91 -38.31 -30.74 -26.07
CA ARG D 91 -38.97 -31.62 -25.11
C ARG D 91 -40.47 -31.32 -25.00
N CYS D 92 -41.15 -31.32 -26.16
CA CYS D 92 -42.59 -31.17 -26.24
C CYS D 92 -43.23 -32.53 -26.48
N VAL D 93 -44.03 -33.00 -25.53
CA VAL D 93 -44.56 -34.35 -25.60
C VAL D 93 -45.55 -34.49 -26.75
N TYR D 94 -46.44 -33.51 -26.93
CA TYR D 94 -47.45 -33.60 -27.97
C TYR D 94 -46.82 -33.82 -29.35
N CYS D 95 -45.94 -32.90 -29.74
CA CYS D 95 -45.39 -32.95 -31.09
C CYS D 95 -44.45 -34.13 -31.24
N ALA D 96 -43.71 -34.46 -30.18
CA ALA D 96 -42.86 -35.65 -30.22
C ALA D 96 -43.68 -36.88 -30.55
N VAL D 97 -44.78 -37.11 -29.82
CA VAL D 97 -45.59 -38.31 -30.05
C VAL D 97 -46.23 -38.27 -31.44
N SER D 98 -46.93 -37.18 -31.76
CA SER D 98 -47.70 -37.16 -33.01
C SER D 98 -46.78 -37.21 -34.23
N HIS D 99 -45.74 -36.38 -34.26
CA HIS D 99 -44.86 -36.39 -35.41
C HIS D 99 -43.87 -37.54 -35.41
N GLY D 100 -43.69 -38.23 -34.27
CA GLY D 100 -43.00 -39.50 -34.32
C GLY D 100 -43.85 -40.55 -35.00
N ALA D 101 -45.16 -40.55 -34.73
CA ALA D 101 -46.06 -41.41 -35.49
C ALA D 101 -45.99 -41.09 -36.99
N ALA D 102 -46.03 -39.80 -37.33
CA ALA D 102 -45.98 -39.39 -38.73
C ALA D 102 -44.66 -39.82 -39.39
N LEU D 103 -43.55 -39.67 -38.67
CA LEU D 103 -42.25 -40.05 -39.22
C LEU D 103 -42.14 -41.56 -39.38
N ARG D 104 -42.67 -42.32 -38.42
CA ARG D 104 -42.72 -43.76 -38.55
C ARG D 104 -43.49 -44.17 -39.80
N GLU D 105 -44.62 -43.50 -40.06
CA GLU D 105 -45.41 -43.82 -41.24
C GLU D 105 -44.65 -43.48 -42.52
N PHE D 106 -44.14 -42.26 -42.62
CA PHE D 106 -43.57 -41.80 -43.88
C PHE D 106 -42.22 -42.44 -44.18
N SER D 107 -41.47 -42.83 -43.15
CA SER D 107 -40.16 -43.43 -43.35
C SER D 107 -40.20 -44.95 -43.41
N GLY D 108 -41.19 -45.59 -42.80
CA GLY D 108 -41.21 -47.03 -42.73
C GLY D 108 -40.11 -47.64 -41.87
N ASP D 109 -39.42 -46.83 -41.06
CA ASP D 109 -38.29 -47.27 -40.24
C ASP D 109 -38.54 -46.76 -38.82
N ALA D 110 -39.19 -47.59 -38.00
CA ALA D 110 -39.47 -47.19 -36.63
C ALA D 110 -38.18 -47.02 -35.82
N VAL D 111 -37.18 -47.85 -36.11
CA VAL D 111 -35.90 -47.76 -35.40
C VAL D 111 -35.25 -46.42 -35.66
N LYS D 112 -35.22 -46.00 -36.94
CA LYS D 112 -34.63 -44.72 -37.30
C LYS D 112 -35.39 -43.56 -36.66
N ALA D 113 -36.72 -43.64 -36.64
CA ALA D 113 -37.52 -42.58 -36.02
C ALA D 113 -37.23 -42.49 -34.53
N ASP D 114 -37.20 -43.64 -33.84
CA ASP D 114 -36.91 -43.66 -32.41
C ASP D 114 -35.52 -43.10 -32.12
N ALA D 115 -34.55 -43.43 -32.97
CA ALA D 115 -33.19 -42.93 -32.76
C ALA D 115 -33.13 -41.43 -32.97
N VAL D 116 -33.76 -40.93 -34.03
CA VAL D 116 -33.74 -39.50 -34.33
C VAL D 116 -34.49 -38.71 -33.26
N ALA D 117 -35.49 -39.31 -32.64
CA ALA D 117 -36.22 -38.61 -31.57
C ALA D 117 -35.32 -38.28 -30.40
N VAL D 118 -34.27 -39.07 -30.17
CA VAL D 118 -33.39 -38.89 -29.02
C VAL D 118 -32.13 -38.15 -29.44
N ASN D 119 -31.39 -38.70 -30.41
CA ASN D 119 -30.14 -38.11 -30.86
C ASN D 119 -29.90 -38.54 -32.30
N TRP D 120 -30.02 -37.60 -33.25
CA TRP D 120 -29.79 -37.91 -34.65
C TRP D 120 -28.35 -38.34 -34.91
N ARG D 121 -27.41 -37.95 -34.04
CA ARG D 121 -26.02 -38.36 -34.21
C ARG D 121 -25.85 -39.87 -34.06
N GLN D 122 -26.75 -40.52 -33.33
CA GLN D 122 -26.67 -41.95 -33.09
C GLN D 122 -27.69 -42.73 -33.91
N ALA D 123 -28.13 -42.17 -35.04
CA ALA D 123 -28.96 -42.85 -36.00
C ALA D 123 -28.18 -43.07 -37.28
N GLU D 124 -28.70 -43.96 -38.13
CA GLU D 124 -28.07 -44.23 -39.43
C GLU D 124 -28.72 -43.31 -40.44
N LEU D 125 -28.04 -42.19 -40.72
CA LEU D 125 -28.58 -41.14 -41.57
C LEU D 125 -27.67 -40.91 -42.75
N SER D 126 -28.28 -40.51 -43.87
CA SER D 126 -27.51 -40.06 -45.02
C SER D 126 -26.78 -38.76 -44.69
N GLU D 127 -25.97 -38.29 -45.65
CA GLU D 127 -25.21 -37.06 -45.47
C GLU D 127 -26.16 -35.86 -45.52
N ARG D 128 -27.22 -35.97 -46.34
CA ARG D 128 -28.23 -34.92 -46.40
C ARG D 128 -29.05 -34.85 -45.12
N GLU D 129 -29.43 -36.02 -44.59
CA GLU D 129 -30.20 -36.04 -43.36
C GLU D 129 -29.37 -35.50 -42.21
N GLN D 130 -28.08 -35.85 -42.16
CA GLN D 130 -27.20 -35.35 -41.12
C GLN D 130 -27.09 -33.82 -41.19
N ALA D 131 -26.90 -33.29 -42.41
CA ALA D 131 -26.81 -31.84 -42.57
C ALA D 131 -28.08 -31.16 -42.10
N MET D 132 -29.24 -31.69 -42.50
CA MET D 132 -30.51 -31.08 -42.12
C MET D 132 -30.71 -31.14 -40.61
N CYS D 133 -30.30 -32.24 -39.97
CA CYS D 133 -30.53 -32.38 -38.54
C CYS D 133 -29.58 -31.49 -37.74
N ALA D 134 -28.33 -31.37 -38.18
CA ALA D 134 -27.42 -30.44 -37.51
C ALA D 134 -27.90 -29.00 -37.65
N TYR D 135 -28.38 -28.63 -38.84
CA TYR D 135 -28.91 -27.30 -39.04
C TYR D 135 -30.11 -27.05 -38.14
N ALA D 136 -31.03 -28.02 -38.06
CA ALA D 136 -32.19 -27.87 -37.21
C ALA D 136 -31.79 -27.72 -35.75
N GLU D 137 -30.82 -28.52 -35.30
CA GLU D 137 -30.41 -28.43 -33.90
C GLU D 137 -29.80 -27.06 -33.59
N LYS D 138 -28.95 -26.55 -34.48
CA LYS D 138 -28.38 -25.23 -34.22
C LYS D 138 -29.45 -24.14 -34.24
N LEU D 139 -30.39 -24.21 -35.18
CA LEU D 139 -31.41 -23.18 -35.27
C LEU D 139 -32.36 -23.20 -34.08
N THR D 140 -32.61 -24.37 -33.49
CA THR D 140 -33.45 -24.39 -32.30
C THR D 140 -32.68 -23.94 -31.06
N LEU D 141 -31.44 -24.43 -30.88
CA LEU D 141 -30.73 -24.22 -29.64
C LEU D 141 -29.86 -22.97 -29.62
N ARG D 142 -29.34 -22.53 -30.77
CA ARG D 142 -28.45 -21.37 -30.84
C ARG D 142 -28.85 -20.47 -32.00
N PRO D 143 -30.07 -19.93 -31.99
CA PRO D 143 -30.51 -19.11 -33.14
C PRO D 143 -29.67 -17.86 -33.34
N ALA D 144 -29.08 -17.32 -32.27
CA ALA D 144 -28.29 -16.11 -32.39
C ALA D 144 -26.99 -16.33 -33.15
N GLU D 145 -26.55 -17.58 -33.30
CA GLU D 145 -25.25 -17.87 -33.89
C GLU D 145 -25.36 -18.29 -35.36
N MET D 146 -26.54 -18.17 -35.96
CA MET D 146 -26.69 -18.53 -37.37
C MET D 146 -25.88 -17.59 -38.26
N THR D 147 -25.18 -18.18 -39.22
CA THR D 147 -24.43 -17.43 -40.23
C THR D 147 -24.77 -17.97 -41.61
N GLU D 148 -24.34 -17.23 -42.63
CA GLU D 148 -24.52 -17.70 -44.00
C GLU D 148 -23.78 -19.01 -44.26
N ALA D 149 -22.62 -19.20 -43.62
CA ALA D 149 -21.84 -20.41 -43.81
C ALA D 149 -22.62 -21.65 -43.43
N ASP D 150 -23.55 -21.54 -42.47
CA ASP D 150 -24.35 -22.68 -42.07
C ASP D 150 -25.20 -23.24 -43.21
N LEU D 151 -25.43 -22.46 -44.27
CA LEU D 151 -26.18 -22.96 -45.41
C LEU D 151 -25.34 -23.83 -46.35
N ALA D 152 -24.01 -23.81 -46.22
CA ALA D 152 -23.17 -24.57 -47.15
C ALA D 152 -23.47 -26.06 -47.15
N PRO D 153 -23.60 -26.75 -46.00
CA PRO D 153 -23.96 -28.18 -46.07
C PRO D 153 -25.30 -28.43 -46.72
N LEU D 154 -26.31 -27.60 -46.42
CA LEU D 154 -27.62 -27.78 -47.03
C LEU D 154 -27.52 -27.72 -48.55
N ARG D 155 -26.78 -26.72 -49.07
CA ARG D 155 -26.58 -26.66 -50.51
C ARG D 155 -25.70 -27.80 -51.01
N ALA D 156 -24.78 -28.29 -50.17
CA ALA D 156 -23.96 -29.42 -50.59
C ALA D 156 -24.79 -30.70 -50.68
N ALA D 157 -25.89 -30.78 -49.92
CA ALA D 157 -26.79 -31.91 -49.96
C ALA D 157 -27.82 -31.80 -51.07
N GLY D 158 -27.72 -30.78 -51.92
CA GLY D 158 -28.63 -30.66 -53.05
C GLY D 158 -29.92 -29.93 -52.75
N LEU D 159 -29.98 -29.16 -51.67
CA LEU D 159 -31.20 -28.42 -51.35
C LEU D 159 -31.23 -27.11 -52.12
N SER D 160 -32.28 -26.91 -52.91
CA SER D 160 -32.49 -25.65 -53.60
C SER D 160 -32.82 -24.55 -52.59
N ASP D 161 -32.81 -23.30 -53.07
CA ASP D 161 -33.18 -22.18 -52.22
C ASP D 161 -34.62 -22.31 -51.73
N GLU D 162 -35.52 -22.80 -52.59
CA GLU D 162 -36.89 -23.04 -52.16
C GLU D 162 -36.96 -24.10 -51.08
N ALA D 163 -36.19 -25.18 -51.25
CA ALA D 163 -36.17 -26.23 -50.24
C ALA D 163 -35.54 -25.75 -48.94
N ILE D 164 -34.52 -24.89 -49.03
CA ILE D 164 -33.90 -24.35 -47.82
C ILE D 164 -34.89 -23.44 -47.08
N LEU D 165 -35.60 -22.59 -47.81
CA LEU D 165 -36.61 -21.74 -47.18
C LEU D 165 -37.69 -22.58 -46.52
N GLU D 166 -38.12 -23.66 -47.18
CA GLU D 166 -39.13 -24.53 -46.59
C GLU D 166 -38.62 -25.20 -45.33
N ALA D 167 -37.38 -25.68 -45.35
CA ALA D 167 -36.80 -26.35 -44.18
C ALA D 167 -36.65 -25.39 -43.01
N VAL D 168 -36.17 -24.17 -43.28
CA VAL D 168 -36.06 -23.16 -42.23
C VAL D 168 -37.42 -22.85 -41.65
N GLN D 169 -38.43 -22.68 -42.52
CA GLN D 169 -39.79 -22.43 -42.06
C GLN D 169 -40.29 -23.55 -41.17
N VAL D 170 -40.01 -24.81 -41.54
CA VAL D 170 -40.51 -25.94 -40.77
C VAL D 170 -39.83 -25.99 -39.40
N ILE D 171 -38.50 -25.81 -39.38
CA ILE D 171 -37.77 -25.81 -38.11
C ILE D 171 -38.33 -24.73 -37.18
N ALA D 172 -38.50 -23.52 -37.72
CA ALA D 172 -38.99 -22.43 -36.88
C ALA D 172 -40.44 -22.64 -36.47
N MET D 173 -41.26 -23.22 -37.36
CA MET D 173 -42.66 -23.47 -37.05
C MET D 173 -42.80 -24.50 -35.94
N PHE D 174 -41.89 -25.47 -35.88
CA PHE D 174 -41.98 -26.41 -34.78
C PHE D 174 -41.37 -25.83 -33.51
N ASN D 175 -40.39 -24.93 -33.63
CA ASN D 175 -40.01 -24.15 -32.45
C ASN D 175 -41.17 -23.34 -31.91
N MET D 176 -42.13 -23.00 -32.77
CA MET D 176 -43.32 -22.29 -32.30
C MET D 176 -44.36 -23.23 -31.69
N THR D 177 -44.68 -24.34 -32.39
CA THR D 177 -45.71 -25.24 -31.91
C THR D 177 -45.30 -25.97 -30.64
N ASN D 178 -44.01 -26.31 -30.52
CA ASN D 178 -43.50 -26.87 -29.26
C ASN D 178 -43.80 -25.94 -28.11
N ARG D 179 -43.54 -24.65 -28.30
CA ARG D 179 -43.75 -23.68 -27.23
C ARG D 179 -45.22 -23.54 -26.90
N VAL D 180 -46.09 -23.48 -27.93
CA VAL D 180 -47.52 -23.36 -27.68
C VAL D 180 -48.02 -24.55 -26.86
N SER D 181 -47.73 -25.77 -27.35
CA SER D 181 -48.24 -26.97 -26.71
C SER D 181 -47.64 -27.18 -25.33
N SER D 182 -46.38 -26.83 -25.13
CA SER D 182 -45.75 -27.02 -23.83
C SER D 182 -46.25 -25.99 -22.82
N ALA D 183 -46.46 -24.74 -23.27
CA ALA D 183 -46.96 -23.72 -22.36
C ALA D 183 -48.40 -24.02 -21.94
N LEU D 184 -49.21 -24.55 -22.85
CA LEU D 184 -50.63 -24.71 -22.57
C LEU D 184 -51.03 -26.16 -22.24
N GLY D 185 -50.07 -27.05 -22.08
CA GLY D 185 -50.35 -28.39 -21.60
C GLY D 185 -51.21 -29.25 -22.51
N PHE D 186 -50.95 -29.22 -23.81
CA PHE D 186 -51.68 -30.06 -24.74
C PHE D 186 -51.26 -31.51 -24.58
N VAL D 187 -52.21 -32.42 -24.78
CA VAL D 187 -52.00 -33.85 -24.58
C VAL D 187 -52.25 -34.56 -25.89
N PRO D 188 -51.30 -35.36 -26.39
CA PRO D 188 -51.52 -36.05 -27.67
C PRO D 188 -52.54 -37.17 -27.54
N ASN D 189 -53.28 -37.39 -28.63
CA ASN D 189 -54.29 -38.44 -28.64
C ASN D 189 -53.62 -39.80 -28.46
N PRO D 190 -54.26 -40.73 -27.74
CA PRO D 190 -53.66 -42.06 -27.55
C PRO D 190 -53.37 -42.79 -28.85
N GLU D 191 -54.14 -42.52 -29.91
CA GLU D 191 -53.94 -43.22 -31.18
C GLU D 191 -52.54 -43.04 -31.71
N TYR D 192 -51.94 -41.86 -31.50
CA TYR D 192 -50.61 -41.57 -32.03
C TYR D 192 -49.55 -42.53 -31.49
N HIS D 193 -49.70 -42.97 -30.24
CA HIS D 193 -48.66 -43.82 -29.63
C HIS D 193 -48.52 -45.15 -30.33
N ILE D 194 -49.63 -45.70 -30.86
CA ILE D 194 -49.61 -47.03 -31.47
C ILE D 194 -49.44 -46.98 -32.98
N GLN D 195 -49.58 -45.81 -33.60
CA GLN D 195 -49.64 -45.73 -35.06
C GLN D 195 -48.30 -46.12 -35.68
N SER D 196 -48.37 -46.88 -36.78
CA SER D 196 -47.21 -47.22 -37.60
C SER D 196 -46.05 -47.86 -36.84
N ARG D 197 -46.25 -48.28 -35.59
CA ARG D 197 -45.23 -49.05 -34.86
C ARG D 197 -44.64 -50.18 -35.70
N ARG E 13 -22.51 -33.96 9.29
CA ARG E 13 -21.12 -34.37 9.06
C ARG E 13 -21.04 -35.71 8.33
N LEU E 14 -20.12 -35.75 7.35
CA LEU E 14 -19.83 -36.89 6.48
C LEU E 14 -20.95 -37.25 5.51
N SER E 15 -22.21 -36.97 5.84
CA SER E 15 -23.29 -37.38 4.97
C SER E 15 -24.56 -36.62 5.30
N PHE E 16 -25.42 -36.48 4.30
CA PHE E 16 -26.80 -36.05 4.51
C PHE E 16 -27.70 -37.20 4.93
N LEU E 17 -27.25 -38.44 4.79
CA LEU E 17 -27.99 -39.64 5.17
C LEU E 17 -27.35 -40.31 6.38
N ALA E 18 -27.99 -41.37 6.86
CA ALA E 18 -27.47 -42.16 7.97
C ALA E 18 -26.16 -42.85 7.59
N VAL E 19 -25.26 -42.96 8.56
CA VAL E 19 -23.95 -43.57 8.38
C VAL E 19 -23.86 -44.82 9.24
N PRO E 20 -23.38 -45.95 8.71
CA PRO E 20 -23.21 -47.15 9.53
C PRO E 20 -22.08 -47.08 10.52
N THR E 21 -22.36 -47.61 11.70
CA THR E 21 -21.43 -47.81 12.78
C THR E 21 -20.83 -49.22 12.71
N GLU E 22 -20.06 -49.57 13.76
CA GLU E 22 -19.47 -50.90 13.94
C GLU E 22 -20.48 -52.02 14.13
N ASP E 23 -21.69 -51.71 14.60
CA ASP E 23 -22.64 -52.78 14.88
C ASP E 23 -23.49 -53.15 13.67
N ASN E 24 -23.93 -52.18 12.87
CA ASN E 24 -24.83 -52.50 11.77
C ASN E 24 -24.14 -52.59 10.41
N ALA E 25 -22.83 -52.42 10.35
CA ALA E 25 -22.12 -52.43 9.08
C ALA E 25 -21.99 -53.85 8.52
N HIS E 26 -22.01 -53.93 7.20
CA HIS E 26 -21.71 -55.17 6.48
C HIS E 26 -20.32 -55.68 6.86
N GLU E 27 -20.10 -57.01 6.76
CA GLU E 27 -18.81 -57.49 7.21
C GLU E 27 -17.76 -57.04 6.23
N GLY E 28 -18.17 -56.70 5.01
CA GLY E 28 -17.21 -56.27 4.02
C GLY E 28 -16.91 -54.80 4.10
N VAL E 29 -17.89 -54.02 4.56
CA VAL E 29 -17.66 -52.62 4.91
C VAL E 29 -16.65 -52.52 6.06
N LYS E 30 -16.81 -53.35 7.08
CA LYS E 30 -15.87 -53.35 8.19
C LYS E 30 -14.51 -53.86 7.74
N LYS E 31 -14.51 -54.83 6.82
CA LYS E 31 -13.24 -55.42 6.43
C LYS E 31 -12.43 -54.38 5.66
N LEU E 32 -13.11 -53.59 4.83
CA LEU E 32 -12.51 -52.49 4.09
C LEU E 32 -12.10 -51.32 5.01
N TRP E 33 -12.90 -51.02 6.04
CA TRP E 33 -12.50 -49.99 6.99
C TRP E 33 -11.17 -50.34 7.62
N SER E 34 -11.04 -51.58 8.11
CA SER E 34 -9.81 -51.96 8.78
C SER E 34 -8.65 -52.02 7.80
N LYS E 35 -8.92 -52.46 6.56
CA LYS E 35 -7.83 -52.53 5.58
C LYS E 35 -7.40 -51.13 5.15
N ALA E 36 -8.35 -50.21 4.99
CA ALA E 36 -8.00 -48.84 4.62
C ALA E 36 -7.19 -48.17 5.72
N GLU E 37 -7.55 -48.39 7.00
CA GLU E 37 -6.72 -47.78 8.02
C GLU E 37 -5.35 -48.44 8.07
N ALA E 38 -5.32 -49.77 7.94
CA ALA E 38 -4.02 -50.41 7.99
C ALA E 38 -3.17 -49.91 6.86
N ASN E 39 -3.82 -49.33 5.85
CA ASN E 39 -3.06 -49.01 4.65
C ASN E 39 -2.55 -47.57 4.63
N MET E 40 -3.38 -46.58 5.03
CA MET E 40 -3.06 -45.18 4.77
C MET E 40 -3.09 -44.20 5.96
N GLY E 41 -3.55 -44.60 7.15
CA GLY E 41 -3.62 -43.70 8.29
C GLY E 41 -4.96 -42.99 8.53
N PHE E 42 -6.00 -43.29 7.74
CA PHE E 42 -7.36 -42.81 7.96
C PHE E 42 -8.30 -43.72 7.18
N VAL E 43 -9.60 -43.54 7.40
CA VAL E 43 -10.65 -44.25 6.68
C VAL E 43 -11.29 -43.26 5.72
N PRO E 44 -11.24 -43.50 4.42
CA PRO E 44 -11.90 -42.58 3.47
C PRO E 44 -13.36 -42.37 3.85
N ASN E 45 -13.77 -41.11 3.91
CA ASN E 45 -15.11 -40.77 4.38
C ASN E 45 -16.20 -41.34 3.48
N VAL E 46 -15.90 -41.55 2.18
CA VAL E 46 -16.88 -42.18 1.31
C VAL E 46 -17.11 -43.62 1.76
N PHE E 47 -16.06 -44.30 2.23
CA PHE E 47 -16.21 -45.69 2.67
C PHE E 47 -17.17 -45.79 3.85
N ARG E 48 -17.32 -44.71 4.62
CA ARG E 48 -18.29 -44.68 5.72
C ARG E 48 -19.66 -44.23 5.23
N ALA E 49 -19.70 -43.18 4.42
CA ALA E 49 -20.98 -42.58 4.05
C ALA E 49 -21.74 -43.45 3.07
N GLN E 50 -21.11 -43.84 1.96
CA GLN E 50 -21.81 -44.59 0.92
C GLN E 50 -22.13 -46.03 1.33
N ALA E 51 -21.57 -46.52 2.42
CA ALA E 51 -21.73 -47.93 2.80
C ALA E 51 -23.06 -48.21 3.49
N LEU E 52 -23.98 -47.24 3.54
CA LEU E 52 -25.28 -47.50 4.16
C LEU E 52 -26.02 -48.62 3.44
N ASN E 53 -25.87 -48.70 2.11
CA ASN E 53 -26.36 -49.83 1.32
C ASN E 53 -25.15 -50.73 1.10
N GLY E 54 -25.02 -51.75 1.95
CA GLY E 54 -23.82 -52.56 1.98
C GLY E 54 -23.42 -53.19 0.66
N GLU E 55 -24.27 -54.06 0.11
CA GLU E 55 -23.88 -54.82 -1.07
C GLU E 55 -23.68 -53.92 -2.28
N GLN E 56 -24.52 -52.90 -2.42
CA GLN E 56 -24.33 -51.94 -3.51
C GLN E 56 -22.98 -51.24 -3.37
N PHE E 57 -22.62 -50.85 -2.14
CA PHE E 57 -21.33 -50.22 -1.93
C PHE E 57 -20.18 -51.18 -2.26
N LEU E 58 -20.31 -52.45 -1.89
CA LEU E 58 -19.22 -53.38 -2.15
C LEU E 58 -19.03 -53.61 -3.64
N ALA E 59 -20.14 -53.73 -4.39
CA ALA E 59 -20.03 -53.86 -5.85
C ALA E 59 -19.47 -52.59 -6.49
N TRP E 60 -19.98 -51.43 -6.06
CA TRP E 60 -19.45 -50.16 -6.57
C TRP E 60 -17.96 -50.04 -6.32
N TRP E 61 -17.51 -50.40 -5.13
CA TRP E 61 -16.10 -50.28 -4.80
C TRP E 61 -15.25 -51.26 -5.59
N ASN E 62 -15.74 -52.50 -5.76
CA ASN E 62 -15.02 -53.44 -6.61
C ASN E 62 -14.78 -52.83 -7.99
N TYR E 63 -15.85 -52.34 -8.62
CA TYR E 63 -15.71 -51.77 -9.97
C TYR E 63 -14.80 -50.55 -9.97
N PHE E 64 -15.03 -49.60 -9.06
CA PHE E 64 -14.27 -48.37 -9.04
C PHE E 64 -12.79 -48.62 -8.77
N ASN E 65 -12.49 -49.48 -7.79
CA ASN E 65 -11.11 -49.82 -7.47
C ASN E 65 -10.41 -50.46 -8.66
N LEU E 66 -11.09 -51.39 -9.34
CA LEU E 66 -10.48 -52.00 -10.52
C LEU E 66 -10.22 -50.96 -11.61
N LEU E 67 -11.16 -50.03 -11.79
CA LEU E 67 -11.08 -49.10 -12.92
C LEU E 67 -10.06 -48.00 -12.68
N VAL E 68 -10.01 -47.44 -11.48
CA VAL E 68 -9.26 -46.22 -11.21
C VAL E 68 -7.91 -46.50 -10.57
N ASN E 69 -7.84 -47.47 -9.66
CA ASN E 69 -6.63 -47.68 -8.87
C ASN E 69 -5.77 -48.83 -9.37
N LYS E 70 -6.37 -49.97 -9.72
CA LYS E 70 -5.60 -51.14 -10.11
C LYS E 70 -5.04 -50.96 -11.51
N GLU E 71 -4.26 -51.95 -11.95
CA GLU E 71 -3.54 -51.84 -13.22
C GLU E 71 -4.51 -51.92 -14.39
N GLY E 72 -4.23 -51.14 -15.43
CA GLY E 72 -5.06 -51.11 -16.60
C GLY E 72 -4.33 -50.50 -17.77
N GLY E 73 -5.12 -50.09 -18.78
CA GLY E 73 -4.55 -49.52 -19.98
C GLY E 73 -4.01 -48.11 -19.80
N LEU E 74 -4.40 -47.43 -18.73
CA LEU E 74 -3.93 -46.08 -18.46
C LEU E 74 -3.11 -46.06 -17.18
N SER E 75 -2.14 -45.16 -17.14
CA SER E 75 -1.39 -44.94 -15.92
C SER E 75 -2.29 -44.32 -14.86
N ASN E 76 -1.86 -44.43 -13.60
CA ASN E 76 -2.58 -43.77 -12.53
C ASN E 76 -2.61 -42.25 -12.72
N ALA E 77 -1.52 -41.68 -13.23
CA ALA E 77 -1.46 -40.24 -13.41
C ALA E 77 -2.50 -39.76 -14.44
N GLU E 78 -2.66 -40.50 -15.53
CA GLU E 78 -3.64 -40.10 -16.54
C GLU E 78 -5.08 -40.22 -16.03
N ARG E 79 -5.38 -41.31 -15.31
CA ARG E 79 -6.71 -41.48 -14.75
C ARG E 79 -7.01 -40.38 -13.73
N GLU E 80 -6.02 -40.03 -12.90
CA GLU E 80 -6.25 -38.96 -11.94
C GLU E 80 -6.36 -37.60 -12.63
N LEU E 81 -5.68 -37.42 -13.76
CA LEU E 81 -5.87 -36.21 -14.56
C LEU E 81 -7.31 -36.08 -15.04
N LEU E 82 -7.85 -37.17 -15.59
CA LEU E 82 -9.25 -37.18 -15.99
C LEU E 82 -10.16 -36.91 -14.80
N ALA E 83 -9.89 -37.56 -13.68
CA ALA E 83 -10.70 -37.38 -12.47
C ALA E 83 -10.69 -35.93 -12.02
N VAL E 84 -9.52 -35.30 -12.01
CA VAL E 84 -9.40 -33.93 -11.53
C VAL E 84 -10.15 -32.98 -12.46
N VAL E 85 -10.01 -33.17 -13.78
CA VAL E 85 -10.72 -32.29 -14.72
C VAL E 85 -12.23 -32.43 -14.54
N VAL E 86 -12.73 -33.67 -14.49
CA VAL E 86 -14.17 -33.89 -14.37
C VAL E 86 -14.70 -33.34 -13.05
N SER E 87 -13.98 -33.58 -11.95
CA SER E 87 -14.44 -33.11 -10.65
C SER E 87 -14.43 -31.59 -10.57
N GLY E 88 -13.46 -30.94 -11.22
CA GLY E 88 -13.49 -29.49 -11.29
C GLY E 88 -14.67 -28.98 -12.10
N LEU E 89 -15.00 -29.67 -13.20
CA LEU E 89 -16.12 -29.25 -14.03
C LEU E 89 -17.45 -29.40 -13.29
N ASN E 90 -17.65 -30.53 -12.61
CA ASN E 90 -18.88 -30.76 -11.87
C ASN E 90 -18.88 -30.07 -10.51
N ARG E 91 -17.74 -29.52 -10.09
CA ARG E 91 -17.62 -28.79 -8.82
C ARG E 91 -17.99 -29.66 -7.62
N CYS E 92 -17.36 -30.82 -7.52
CA CYS E 92 -17.54 -31.73 -6.39
C CYS E 92 -16.32 -31.62 -5.48
N VAL E 93 -16.53 -31.15 -4.25
CA VAL E 93 -15.42 -30.86 -3.35
C VAL E 93 -14.68 -32.14 -2.95
N TYR E 94 -15.44 -33.20 -2.63
CA TYR E 94 -14.82 -34.45 -2.18
C TYR E 94 -13.84 -34.97 -3.22
N CYS E 95 -14.32 -35.16 -4.45
CA CYS E 95 -13.49 -35.77 -5.47
C CYS E 95 -12.36 -34.83 -5.89
N ALA E 96 -12.65 -33.53 -5.94
CA ALA E 96 -11.61 -32.55 -6.24
C ALA E 96 -10.45 -32.67 -5.26
N VAL E 97 -10.74 -32.62 -3.96
CA VAL E 97 -9.68 -32.64 -2.96
C VAL E 97 -8.92 -33.96 -2.99
N SER E 98 -9.64 -35.08 -2.89
CA SER E 98 -8.96 -36.36 -2.76
C SER E 98 -8.16 -36.70 -4.01
N HIS E 99 -8.78 -36.55 -5.19
CA HIS E 99 -8.06 -36.90 -6.41
C HIS E 99 -7.06 -35.83 -6.81
N GLY E 100 -7.14 -34.62 -6.27
CA GLY E 100 -6.04 -33.69 -6.42
C GLY E 100 -4.83 -34.13 -5.62
N ALA E 101 -5.07 -34.65 -4.41
CA ALA E 101 -3.97 -35.26 -3.66
C ALA E 101 -3.37 -36.42 -4.45
N ALA E 102 -4.23 -37.27 -5.02
CA ALA E 102 -3.74 -38.41 -5.80
C ALA E 102 -2.95 -37.96 -7.03
N LEU E 103 -3.41 -36.91 -7.71
CA LEU E 103 -2.71 -36.42 -8.89
C LEU E 103 -1.39 -35.78 -8.52
N ARG E 104 -1.36 -35.02 -7.42
CA ARG E 104 -0.10 -34.47 -6.93
C ARG E 104 0.90 -35.58 -6.64
N GLU E 105 0.44 -36.66 -6.02
CA GLU E 105 1.36 -37.77 -5.72
C GLU E 105 1.86 -38.43 -7.00
N PHE E 106 0.95 -38.79 -7.91
CA PHE E 106 1.33 -39.60 -9.07
C PHE E 106 2.10 -38.78 -10.10
N SER E 107 1.85 -37.47 -10.17
CA SER E 107 2.54 -36.62 -11.13
C SER E 107 3.79 -35.99 -10.55
N GLY E 108 3.85 -35.80 -9.24
CA GLY E 108 4.96 -35.08 -8.64
C GLY E 108 5.03 -33.61 -9.01
N ASP E 109 3.96 -33.06 -9.58
CA ASP E 109 3.91 -31.69 -10.06
C ASP E 109 2.66 -31.03 -9.49
N ALA E 110 2.80 -30.38 -8.34
CA ALA E 110 1.67 -29.72 -7.71
C ALA E 110 1.14 -28.58 -8.57
N VAL E 111 2.02 -27.87 -9.28
CA VAL E 111 1.59 -26.76 -10.12
C VAL E 111 0.65 -27.26 -11.22
N LYS E 112 1.04 -28.34 -11.90
CA LYS E 112 0.22 -28.89 -12.97
C LYS E 112 -1.12 -29.38 -12.43
N ALA E 113 -1.10 -30.03 -11.27
CA ALA E 113 -2.35 -30.52 -10.68
C ALA E 113 -3.29 -29.38 -10.32
N ASP E 114 -2.75 -28.34 -9.66
CA ASP E 114 -3.57 -27.20 -9.29
C ASP E 114 -4.13 -26.51 -10.53
N ALA E 115 -3.33 -26.39 -11.58
CA ALA E 115 -3.82 -25.74 -12.80
C ALA E 115 -4.90 -26.57 -13.48
N VAL E 116 -4.68 -27.88 -13.58
CA VAL E 116 -5.65 -28.76 -14.24
C VAL E 116 -6.95 -28.80 -13.47
N ALA E 117 -6.90 -28.64 -12.14
CA ALA E 117 -8.14 -28.59 -11.37
C ALA E 117 -9.03 -27.43 -11.78
N VAL E 118 -8.44 -26.33 -12.27
CA VAL E 118 -9.18 -25.13 -12.60
C VAL E 118 -9.47 -25.07 -14.09
N ASN E 119 -8.41 -25.10 -14.91
CA ASN E 119 -8.57 -25.01 -16.35
C ASN E 119 -7.35 -25.67 -16.99
N TRP E 120 -7.54 -26.84 -17.60
CA TRP E 120 -6.45 -27.54 -18.24
C TRP E 120 -5.85 -26.76 -19.41
N ARG E 121 -6.63 -25.83 -19.99
CA ARG E 121 -6.10 -25.03 -21.09
C ARG E 121 -4.96 -24.14 -20.63
N GLN E 122 -4.93 -23.80 -19.34
CA GLN E 122 -3.91 -22.92 -18.77
C GLN E 122 -2.87 -23.69 -17.97
N ALA E 123 -2.68 -24.97 -18.28
CA ALA E 123 -1.62 -25.79 -17.72
C ALA E 123 -0.62 -26.13 -18.82
N GLU E 124 0.56 -26.58 -18.42
CA GLU E 124 1.58 -27.00 -19.38
C GLU E 124 1.44 -28.50 -19.59
N LEU E 125 0.73 -28.87 -20.65
CA LEU E 125 0.36 -30.26 -20.90
C LEU E 125 0.92 -30.71 -22.25
N SER E 126 1.26 -31.99 -22.34
CA SER E 126 1.57 -32.62 -23.61
C SER E 126 0.32 -32.71 -24.49
N GLU E 127 0.53 -33.20 -25.72
CA GLU E 127 -0.57 -33.42 -26.67
C GLU E 127 -1.47 -34.57 -26.27
N ARG E 128 -0.91 -35.60 -25.64
CA ARG E 128 -1.77 -36.66 -25.15
C ARG E 128 -2.65 -36.14 -24.01
N GLU E 129 -2.06 -35.39 -23.09
CA GLU E 129 -2.82 -34.81 -21.99
C GLU E 129 -3.84 -33.79 -22.48
N GLN E 130 -3.46 -32.96 -23.46
CA GLN E 130 -4.41 -31.99 -24.00
C GLN E 130 -5.60 -32.68 -24.65
N ALA E 131 -5.33 -33.70 -25.46
CA ALA E 131 -6.42 -34.45 -26.11
C ALA E 131 -7.33 -35.08 -25.07
N MET E 132 -6.74 -35.72 -24.07
CA MET E 132 -7.54 -36.39 -23.05
C MET E 132 -8.37 -35.38 -22.25
N CYS E 133 -7.81 -34.20 -21.98
CA CYS E 133 -8.53 -33.23 -21.17
C CYS E 133 -9.67 -32.61 -21.95
N ALA E 134 -9.46 -32.34 -23.23
CA ALA E 134 -10.55 -31.83 -24.06
C ALA E 134 -11.66 -32.86 -24.20
N TYR E 135 -11.29 -34.13 -24.38
CA TYR E 135 -12.31 -35.18 -24.47
C TYR E 135 -13.10 -35.28 -23.17
N ALA E 136 -12.41 -35.26 -22.03
CA ALA E 136 -13.11 -35.33 -20.75
C ALA E 136 -14.06 -34.16 -20.57
N GLU E 137 -13.62 -32.96 -20.94
CA GLU E 137 -14.48 -31.79 -20.78
C GLU E 137 -15.72 -31.89 -21.68
N LYS E 138 -15.55 -32.30 -22.94
CA LYS E 138 -16.71 -32.42 -23.81
C LYS E 138 -17.67 -33.51 -23.32
N LEU E 139 -17.13 -34.65 -22.91
CA LEU E 139 -17.99 -35.74 -22.44
C LEU E 139 -18.69 -35.37 -21.13
N THR E 140 -18.07 -34.52 -20.31
CA THR E 140 -18.71 -34.10 -19.08
C THR E 140 -19.80 -33.05 -19.33
N LEU E 141 -19.51 -32.05 -20.15
CA LEU E 141 -20.41 -30.92 -20.31
C LEU E 141 -21.40 -31.07 -21.45
N ARG E 142 -21.06 -31.80 -22.52
CA ARG E 142 -21.93 -31.93 -23.70
C ARG E 142 -21.99 -33.38 -24.15
N PRO E 143 -22.50 -34.29 -23.31
CA PRO E 143 -22.50 -35.71 -23.69
C PRO E 143 -23.35 -36.00 -24.93
N ALA E 144 -24.37 -35.20 -25.20
CA ALA E 144 -25.24 -35.45 -26.35
C ALA E 144 -24.54 -35.20 -27.68
N GLU E 145 -23.41 -34.48 -27.68
CA GLU E 145 -22.75 -34.08 -28.91
C GLU E 145 -21.56 -34.95 -29.27
N MET E 146 -21.34 -36.06 -28.57
CA MET E 146 -20.22 -36.94 -28.87
C MET E 146 -20.37 -37.56 -30.25
N THR E 147 -19.26 -37.59 -31.00
CA THR E 147 -19.21 -38.22 -32.31
C THR E 147 -17.98 -39.12 -32.38
N GLU E 148 -17.93 -39.94 -33.42
CA GLU E 148 -16.75 -40.76 -33.66
C GLU E 148 -15.51 -39.89 -33.91
N ALA E 149 -15.70 -38.74 -34.55
CA ALA E 149 -14.57 -37.86 -34.83
C ALA E 149 -13.87 -37.41 -33.56
N ASP E 150 -14.61 -37.32 -32.44
CA ASP E 150 -14.01 -36.94 -31.17
C ASP E 150 -12.92 -37.92 -30.72
N LEU E 151 -12.92 -39.15 -31.27
CA LEU E 151 -11.88 -40.10 -30.93
C LEU E 151 -10.58 -39.85 -31.68
N ALA E 152 -10.60 -39.02 -32.73
CA ALA E 152 -9.41 -38.83 -33.55
C ALA E 152 -8.22 -38.31 -32.76
N PRO E 153 -8.34 -37.28 -31.90
CA PRO E 153 -7.17 -36.87 -31.11
C PRO E 153 -6.66 -37.98 -30.21
N LEU E 154 -7.55 -38.72 -29.55
CA LEU E 154 -7.13 -39.81 -28.68
C LEU E 154 -6.31 -40.83 -29.43
N ARG E 155 -6.77 -41.24 -30.62
CA ARG E 155 -5.97 -42.16 -31.41
C ARG E 155 -4.68 -41.51 -31.90
N ALA E 156 -4.72 -40.20 -32.15
CA ALA E 156 -3.50 -39.53 -32.57
C ALA E 156 -2.49 -39.43 -31.43
N ALA E 157 -2.97 -39.46 -30.19
CA ALA E 157 -2.12 -39.42 -29.01
C ALA E 157 -1.59 -40.79 -28.62
N GLY E 158 -1.85 -41.82 -29.41
CA GLY E 158 -1.31 -43.14 -29.15
C GLY E 158 -2.13 -44.01 -28.22
N LEU E 159 -3.40 -43.68 -27.99
CA LEU E 159 -4.24 -44.46 -27.11
C LEU E 159 -4.85 -45.65 -27.86
N SER E 160 -4.65 -46.85 -27.34
CA SER E 160 -5.28 -48.03 -27.91
C SER E 160 -6.79 -47.99 -27.66
N ASP E 161 -7.50 -48.88 -28.35
CA ASP E 161 -8.94 -48.99 -28.13
C ASP E 161 -9.25 -49.38 -26.68
N GLU E 162 -8.43 -50.26 -26.11
CA GLU E 162 -8.62 -50.62 -24.70
C GLU E 162 -8.38 -49.41 -23.80
N ALA E 163 -7.34 -48.64 -24.08
CA ALA E 163 -7.08 -47.44 -23.29
C ALA E 163 -8.18 -46.40 -23.47
N ILE E 164 -8.73 -46.30 -24.68
CA ILE E 164 -9.82 -45.36 -24.92
C ILE E 164 -11.07 -45.78 -24.15
N LEU E 165 -11.39 -47.08 -24.17
CA LEU E 165 -12.53 -47.57 -23.40
C LEU E 165 -12.33 -47.32 -21.90
N GLU E 166 -11.10 -47.54 -21.42
CA GLU E 166 -10.81 -47.27 -20.01
C GLU E 166 -10.98 -45.79 -19.67
N ALA E 167 -10.50 -44.91 -20.57
CA ALA E 167 -10.59 -43.48 -20.31
C ALA E 167 -12.05 -43.02 -20.31
N VAL E 168 -12.84 -43.51 -21.26
CA VAL E 168 -14.27 -43.18 -21.30
C VAL E 168 -14.95 -43.66 -20.02
N GLN E 169 -14.62 -44.88 -19.59
CA GLN E 169 -15.19 -45.40 -18.35
C GLN E 169 -14.82 -44.52 -17.17
N VAL E 170 -13.57 -44.05 -17.11
CA VAL E 170 -13.13 -43.23 -15.98
C VAL E 170 -13.86 -41.90 -15.97
N ILE E 171 -13.96 -41.24 -17.13
CA ILE E 171 -14.66 -39.97 -17.22
C ILE E 171 -16.12 -40.12 -16.78
N ALA E 172 -16.79 -41.15 -17.30
CA ALA E 172 -18.20 -41.34 -16.95
C ALA E 172 -18.35 -41.74 -15.49
N MET E 173 -17.41 -42.53 -14.97
CA MET E 173 -17.47 -42.96 -13.58
C MET E 173 -17.30 -41.78 -12.64
N PHE E 174 -16.51 -40.80 -13.03
CA PHE E 174 -16.39 -39.62 -12.17
C PHE E 174 -17.54 -38.66 -12.36
N ASN E 175 -18.15 -38.64 -13.55
CA ASN E 175 -19.44 -37.95 -13.68
C ASN E 175 -20.48 -38.56 -12.77
N MET E 176 -20.31 -39.83 -12.42
CA MET E 176 -21.21 -40.49 -11.48
C MET E 176 -20.85 -40.19 -10.02
N THR E 177 -19.57 -40.32 -9.66
CA THR E 177 -19.17 -40.13 -8.27
C THR E 177 -19.32 -38.66 -7.85
N ASN E 178 -19.05 -37.73 -8.75
CA ASN E 178 -19.31 -36.32 -8.47
C ASN E 178 -20.77 -36.12 -8.06
N ARG E 179 -21.69 -36.71 -8.82
CA ARG E 179 -23.11 -36.52 -8.53
C ARG E 179 -23.49 -37.15 -7.20
N VAL E 180 -23.00 -38.37 -6.93
CA VAL E 180 -23.32 -39.01 -5.65
C VAL E 180 -22.81 -38.15 -4.49
N SER E 181 -21.53 -37.77 -4.54
CA SER E 181 -20.91 -37.05 -3.43
C SER E 181 -21.51 -35.66 -3.26
N SER E 182 -21.91 -35.01 -4.36
CA SER E 182 -22.49 -33.68 -4.27
C SER E 182 -23.93 -33.74 -3.77
N ALA E 183 -24.68 -34.75 -4.20
CA ALA E 183 -26.06 -34.89 -3.76
C ALA E 183 -26.14 -35.25 -2.29
N LEU E 184 -25.22 -36.07 -1.80
CA LEU E 184 -25.32 -36.58 -0.44
C LEU E 184 -24.36 -35.91 0.53
N GLY E 185 -23.69 -34.83 0.13
CA GLY E 185 -22.90 -34.05 1.06
C GLY E 185 -21.71 -34.77 1.65
N PHE E 186 -20.97 -35.52 0.84
CA PHE E 186 -19.78 -36.19 1.34
C PHE E 186 -18.68 -35.17 1.57
N VAL E 187 -17.88 -35.40 2.60
CA VAL E 187 -16.85 -34.48 3.04
C VAL E 187 -15.51 -35.19 2.96
N PRO E 188 -14.52 -34.63 2.26
CA PRO E 188 -13.22 -35.30 2.16
C PRO E 188 -12.45 -35.25 3.47
N ASN E 189 -11.69 -36.30 3.72
CA ASN E 189 -10.89 -36.38 4.94
C ASN E 189 -9.86 -35.26 4.96
N PRO E 190 -9.57 -34.69 6.14
CA PRO E 190 -8.57 -33.61 6.21
C PRO E 190 -7.21 -34.01 5.67
N GLU E 191 -6.85 -35.30 5.78
CA GLU E 191 -5.53 -35.74 5.34
C GLU E 191 -5.28 -35.44 3.87
N TYR E 192 -6.33 -35.53 3.03
CA TYR E 192 -6.16 -35.31 1.59
C TYR E 192 -5.61 -33.92 1.28
N HIS E 193 -5.99 -32.92 2.08
CA HIS E 193 -5.57 -31.54 1.78
C HIS E 193 -4.07 -31.35 1.89
N ILE E 194 -3.40 -32.08 2.80
CA ILE E 194 -1.97 -31.90 3.01
C ILE E 194 -1.12 -32.88 2.22
N GLN E 195 -1.71 -33.91 1.64
CA GLN E 195 -0.94 -34.98 1.03
C GLN E 195 -0.17 -34.47 -0.17
N SER E 196 1.13 -34.78 -0.24
CA SER E 196 1.97 -34.43 -1.39
C SER E 196 2.07 -32.93 -1.64
N ARG E 197 1.65 -32.11 -0.68
CA ARG E 197 1.86 -30.66 -0.77
C ARG E 197 3.11 -30.21 0.01
N PRO F 12 -28.19 -3.28 -51.82
CA PRO F 12 -28.61 -3.93 -50.58
C PRO F 12 -28.91 -5.42 -50.77
N ARG F 13 -28.38 -6.26 -49.88
CA ARG F 13 -28.53 -7.71 -49.97
C ARG F 13 -29.59 -8.15 -48.96
N LEU F 14 -30.84 -8.23 -49.43
CA LEU F 14 -31.97 -8.57 -48.58
C LEU F 14 -31.97 -10.02 -48.08
N SER F 15 -31.22 -10.92 -48.71
CA SER F 15 -31.39 -12.33 -48.36
C SER F 15 -30.14 -13.12 -48.67
N PHE F 16 -29.99 -14.24 -47.96
CA PHE F 16 -29.00 -15.26 -48.30
C PHE F 16 -29.47 -16.16 -49.43
N LEU F 17 -30.76 -16.12 -49.75
CA LEU F 17 -31.35 -16.89 -50.84
C LEU F 17 -31.77 -15.96 -51.96
N ALA F 18 -32.25 -16.54 -53.05
CA ALA F 18 -32.79 -15.76 -54.15
C ALA F 18 -34.02 -14.97 -53.69
N VAL F 19 -34.19 -13.80 -54.26
CA VAL F 19 -35.30 -12.91 -53.95
C VAL F 19 -36.20 -12.84 -55.17
N PRO F 20 -37.52 -12.94 -55.02
CA PRO F 20 -38.41 -12.84 -56.19
C PRO F 20 -38.36 -11.45 -56.80
N THR F 21 -38.35 -11.41 -58.13
CA THR F 21 -38.44 -10.15 -58.86
C THR F 21 -39.90 -9.84 -59.15
N GLU F 22 -40.15 -8.71 -59.80
CA GLU F 22 -41.51 -8.40 -60.23
C GLU F 22 -41.97 -9.30 -61.37
N ASP F 23 -41.06 -10.04 -62.00
CA ASP F 23 -41.45 -10.89 -63.12
C ASP F 23 -41.92 -12.26 -62.66
N ASN F 24 -41.20 -12.88 -61.70
CA ASN F 24 -41.48 -14.24 -61.29
C ASN F 24 -42.21 -14.33 -59.96
N ALA F 25 -42.54 -13.20 -59.34
CA ALA F 25 -43.15 -13.24 -58.04
C ALA F 25 -44.57 -13.79 -58.15
N HIS F 26 -45.02 -14.44 -57.10
CA HIS F 26 -46.43 -14.75 -57.06
C HIS F 26 -47.21 -13.44 -57.18
N GLU F 27 -48.30 -13.52 -57.90
CA GLU F 27 -49.30 -12.49 -58.14
C GLU F 27 -49.95 -11.96 -56.87
N GLY F 28 -49.93 -12.77 -55.83
CA GLY F 28 -50.57 -12.38 -54.62
C GLY F 28 -49.51 -11.75 -53.78
N VAL F 29 -48.28 -12.22 -54.01
CA VAL F 29 -47.11 -11.55 -53.45
C VAL F 29 -47.00 -10.15 -54.05
N LYS F 30 -47.24 -10.01 -55.35
CA LYS F 30 -47.19 -8.68 -55.94
C LYS F 30 -48.32 -7.80 -55.41
N LYS F 31 -49.50 -8.39 -55.19
CA LYS F 31 -50.59 -7.59 -54.61
C LYS F 31 -50.29 -7.15 -53.19
N LEU F 32 -49.62 -7.99 -52.41
CA LEU F 32 -49.22 -7.60 -51.06
C LEU F 32 -48.14 -6.52 -51.08
N TRP F 33 -47.20 -6.62 -52.04
CA TRP F 33 -46.22 -5.56 -52.21
C TRP F 33 -46.93 -4.25 -52.48
N SER F 34 -47.99 -4.31 -53.29
CA SER F 34 -48.71 -3.09 -53.59
C SER F 34 -49.43 -2.55 -52.34
N LYS F 35 -49.98 -3.40 -51.46
CA LYS F 35 -50.58 -2.77 -50.27
C LYS F 35 -49.50 -2.20 -49.33
N ALA F 36 -48.34 -2.88 -49.24
CA ALA F 36 -47.28 -2.35 -48.39
C ALA F 36 -46.83 -0.97 -48.87
N GLU F 37 -46.67 -0.81 -50.19
CA GLU F 37 -46.29 0.50 -50.71
C GLU F 37 -47.43 1.51 -50.54
N ALA F 38 -48.68 1.06 -50.65
CA ALA F 38 -49.80 1.97 -50.47
C ALA F 38 -49.93 2.46 -49.04
N ASN F 39 -49.56 1.64 -48.06
CA ASN F 39 -49.78 1.98 -46.67
C ASN F 39 -48.57 2.54 -45.94
N MET F 40 -47.36 2.20 -46.35
CA MET F 40 -46.19 2.63 -45.62
C MET F 40 -45.19 3.41 -46.46
N GLY F 41 -45.35 3.45 -47.78
CA GLY F 41 -44.41 4.13 -48.63
C GLY F 41 -43.22 3.29 -49.03
N PHE F 42 -43.16 2.05 -48.56
CA PHE F 42 -42.09 1.11 -48.92
C PHE F 42 -42.64 -0.30 -48.72
N VAL F 43 -41.86 -1.27 -49.16
CA VAL F 43 -42.20 -2.68 -49.02
C VAL F 43 -41.29 -3.27 -47.96
N PRO F 44 -41.82 -3.81 -46.86
CA PRO F 44 -40.98 -4.46 -45.85
C PRO F 44 -40.08 -5.51 -46.49
N ASN F 45 -38.80 -5.49 -46.11
CA ASN F 45 -37.83 -6.38 -46.73
C ASN F 45 -38.18 -7.84 -46.50
N VAL F 46 -38.90 -8.14 -45.41
CA VAL F 46 -39.36 -9.52 -45.22
C VAL F 46 -40.32 -9.93 -46.32
N PHE F 47 -41.18 -8.99 -46.76
CA PHE F 47 -42.13 -9.27 -47.84
C PHE F 47 -41.40 -9.60 -49.15
N ARG F 48 -40.19 -9.09 -49.33
CA ARG F 48 -39.42 -9.41 -50.52
C ARG F 48 -38.62 -10.70 -50.35
N ALA F 49 -37.97 -10.87 -49.21
CA ALA F 49 -37.07 -12.02 -49.03
C ALA F 49 -37.85 -13.31 -48.80
N GLN F 50 -38.78 -13.32 -47.85
CA GLN F 50 -39.49 -14.54 -47.50
C GLN F 50 -40.48 -14.99 -48.58
N ALA F 51 -40.79 -14.15 -49.55
CA ALA F 51 -41.81 -14.46 -50.54
C ALA F 51 -41.31 -15.37 -51.66
N LEU F 52 -40.11 -15.94 -51.53
CA LEU F 52 -39.62 -16.85 -52.57
C LEU F 52 -40.55 -18.03 -52.76
N ASN F 53 -41.14 -18.53 -51.67
CA ASN F 53 -42.19 -19.54 -51.72
C ASN F 53 -43.53 -18.82 -51.53
N GLY F 54 -44.19 -18.53 -52.64
CA GLY F 54 -45.38 -17.69 -52.66
C GLY F 54 -46.51 -18.07 -51.72
N GLU F 55 -47.06 -19.28 -51.89
CA GLU F 55 -48.23 -19.66 -51.12
C GLU F 55 -47.91 -19.81 -49.63
N GLN F 56 -46.74 -20.35 -49.31
CA GLN F 56 -46.32 -20.45 -47.91
C GLN F 56 -46.20 -19.07 -47.30
N PHE F 57 -45.59 -18.13 -48.02
CA PHE F 57 -45.47 -16.77 -47.50
C PHE F 57 -46.84 -16.13 -47.31
N LEU F 58 -47.77 -16.37 -48.24
CA LEU F 58 -49.08 -15.73 -48.12
C LEU F 58 -49.87 -16.28 -46.94
N ALA F 59 -49.80 -17.60 -46.72
CA ALA F 59 -50.45 -18.17 -45.54
C ALA F 59 -49.79 -17.67 -44.26
N TRP F 60 -48.46 -17.63 -44.24
CA TRP F 60 -47.75 -17.10 -43.07
C TRP F 60 -48.17 -15.67 -42.78
N TRP F 61 -48.29 -14.84 -43.82
CA TRP F 61 -48.64 -13.45 -43.60
C TRP F 61 -50.07 -13.32 -43.11
N ASN F 62 -50.99 -14.13 -43.66
CA ASN F 62 -52.35 -14.15 -43.14
C ASN F 62 -52.35 -14.40 -41.63
N TYR F 63 -51.67 -15.47 -41.20
CA TYR F 63 -51.66 -15.80 -39.78
C TYR F 63 -50.97 -14.71 -38.96
N PHE F 64 -49.78 -14.29 -39.37
CA PHE F 64 -49.01 -13.32 -38.60
C PHE F 64 -49.75 -11.99 -38.48
N ASN F 65 -50.30 -11.50 -39.59
CA ASN F 65 -51.05 -10.25 -39.57
C ASN F 65 -52.27 -10.35 -38.68
N LEU F 66 -53.01 -11.45 -38.76
CA LEU F 66 -54.17 -11.59 -37.89
C LEU F 66 -53.76 -11.62 -36.43
N LEU F 67 -52.67 -12.30 -36.10
CA LEU F 67 -52.29 -12.51 -34.71
C LEU F 67 -51.68 -11.26 -34.07
N VAL F 68 -50.80 -10.57 -34.79
CA VAL F 68 -49.96 -9.53 -34.20
C VAL F 68 -50.52 -8.13 -34.45
N ASN F 69 -51.01 -7.87 -35.65
CA ASN F 69 -51.40 -6.51 -36.02
C ASN F 69 -52.89 -6.29 -35.85
N LYS F 70 -53.71 -7.26 -36.25
CA LYS F 70 -55.14 -7.05 -36.17
C LYS F 70 -55.66 -7.15 -34.74
N GLU F 71 -56.97 -6.93 -34.66
CA GLU F 71 -57.71 -6.73 -33.42
C GLU F 71 -57.75 -8.04 -32.63
N GLY F 72 -57.52 -7.96 -31.33
CA GLY F 72 -57.52 -9.19 -30.56
C GLY F 72 -57.66 -8.98 -29.07
N GLY F 73 -57.31 -10.03 -28.33
CA GLY F 73 -57.41 -9.96 -26.89
C GLY F 73 -56.34 -9.11 -26.26
N LEU F 74 -55.27 -8.81 -26.98
CA LEU F 74 -54.19 -7.97 -26.48
C LEU F 74 -54.09 -6.69 -27.30
N SER F 75 -53.70 -5.62 -26.63
CA SER F 75 -53.41 -4.37 -27.31
C SER F 75 -52.17 -4.51 -28.19
N ASN F 76 -52.04 -3.60 -29.15
CA ASN F 76 -50.84 -3.58 -29.98
C ASN F 76 -49.59 -3.34 -29.13
N ALA F 77 -49.70 -2.50 -28.11
CA ALA F 77 -48.55 -2.20 -27.26
C ALA F 77 -48.06 -3.44 -26.52
N GLU F 78 -48.99 -4.24 -25.99
CA GLU F 78 -48.59 -5.45 -25.28
C GLU F 78 -47.94 -6.47 -26.22
N ARG F 79 -48.51 -6.62 -27.42
CA ARG F 79 -47.94 -7.55 -28.39
C ARG F 79 -46.55 -7.12 -28.82
N GLU F 80 -46.35 -5.82 -29.02
CA GLU F 80 -45.04 -5.34 -29.41
C GLU F 80 -44.04 -5.44 -28.27
N LEU F 81 -44.52 -5.32 -27.02
CA LEU F 81 -43.65 -5.57 -25.87
C LEU F 81 -43.14 -7.01 -25.87
N LEU F 82 -44.05 -7.97 -26.05
CA LEU F 82 -43.65 -9.37 -26.15
C LEU F 82 -42.67 -9.57 -27.30
N ALA F 83 -42.99 -9.00 -28.47
CA ALA F 83 -42.12 -9.13 -29.63
C ALA F 83 -40.72 -8.61 -29.34
N VAL F 84 -40.63 -7.44 -28.71
CA VAL F 84 -39.34 -6.82 -28.44
C VAL F 84 -38.53 -7.67 -27.47
N VAL F 85 -39.16 -8.17 -26.41
CA VAL F 85 -38.45 -9.01 -25.45
C VAL F 85 -37.91 -10.27 -26.13
N VAL F 86 -38.78 -10.95 -26.89
CA VAL F 86 -38.38 -12.21 -27.51
C VAL F 86 -37.27 -11.98 -28.54
N SER F 87 -37.41 -10.94 -29.37
CA SER F 87 -36.39 -10.67 -30.38
C SER F 87 -35.07 -10.24 -29.76
N GLY F 88 -35.09 -9.53 -28.64
CA GLY F 88 -33.86 -9.23 -27.94
C GLY F 88 -33.20 -10.48 -27.40
N LEU F 89 -34.01 -11.41 -26.87
CA LEU F 89 -33.43 -12.64 -26.33
C LEU F 89 -32.82 -13.50 -27.43
N ASN F 90 -33.52 -13.66 -28.56
CA ASN F 90 -32.98 -14.46 -29.65
C ASN F 90 -31.98 -13.69 -30.51
N ARG F 91 -31.82 -12.38 -30.28
CA ARG F 91 -30.83 -11.56 -30.98
C ARG F 91 -31.04 -11.57 -32.50
N CYS F 92 -32.27 -11.27 -32.91
CA CYS F 92 -32.62 -11.14 -34.31
C CYS F 92 -32.75 -9.65 -34.63
N VAL F 93 -31.87 -9.15 -35.50
CA VAL F 93 -31.80 -7.71 -35.77
C VAL F 93 -33.05 -7.21 -36.47
N TYR F 94 -33.54 -7.96 -37.48
CA TYR F 94 -34.71 -7.52 -38.23
C TYR F 94 -35.90 -7.27 -37.31
N CYS F 95 -36.24 -8.28 -36.51
CA CYS F 95 -37.43 -8.17 -35.67
C CYS F 95 -37.21 -7.16 -34.56
N ALA F 96 -35.98 -7.11 -34.01
CA ALA F 96 -35.65 -6.12 -33.00
C ALA F 96 -35.93 -4.71 -33.51
N VAL F 97 -35.37 -4.36 -34.68
CA VAL F 97 -35.52 -3.01 -35.20
C VAL F 97 -36.98 -2.72 -35.53
N SER F 98 -37.62 -3.59 -36.32
CA SER F 98 -38.96 -3.27 -36.81
C SER F 98 -39.97 -3.21 -35.66
N HIS F 99 -39.96 -4.21 -34.78
CA HIS F 99 -40.93 -4.19 -33.69
C HIS F 99 -40.53 -3.26 -32.57
N GLY F 100 -39.26 -2.82 -32.50
CA GLY F 100 -38.94 -1.72 -31.62
C GLY F 100 -39.53 -0.42 -32.11
N ALA F 101 -39.50 -0.19 -33.43
CA ALA F 101 -40.22 0.94 -33.99
C ALA F 101 -41.72 0.86 -33.66
N ALA F 102 -42.29 -0.34 -33.83
CA ALA F 102 -43.71 -0.52 -33.53
C ALA F 102 -44.01 -0.26 -32.06
N LEU F 103 -43.14 -0.72 -31.16
CA LEU F 103 -43.37 -0.53 -29.73
C LEU F 103 -43.22 0.94 -29.35
N ARG F 104 -42.25 1.63 -29.93
CA ARG F 104 -42.14 3.08 -29.71
C ARG F 104 -43.40 3.79 -30.16
N GLU F 105 -43.97 3.36 -31.29
CA GLU F 105 -45.20 3.98 -31.77
C GLU F 105 -46.36 3.73 -30.83
N PHE F 106 -46.61 2.46 -30.49
CA PHE F 106 -47.82 2.11 -29.74
C PHE F 106 -47.73 2.51 -28.27
N SER F 107 -46.54 2.56 -27.70
CA SER F 107 -46.39 2.92 -26.30
C SER F 107 -46.17 4.41 -26.08
N GLY F 108 -45.62 5.11 -27.07
CA GLY F 108 -45.27 6.50 -26.91
C GLY F 108 -44.15 6.75 -25.93
N ASP F 109 -43.41 5.70 -25.53
CA ASP F 109 -42.36 5.77 -24.53
C ASP F 109 -41.10 5.14 -25.11
N ALA F 110 -40.26 5.96 -25.75
CA ALA F 110 -39.04 5.44 -26.36
C ALA F 110 -38.07 4.90 -25.32
N VAL F 111 -38.01 5.54 -24.15
CA VAL F 111 -37.11 5.08 -23.09
C VAL F 111 -37.51 3.67 -22.64
N LYS F 112 -38.80 3.45 -22.43
CA LYS F 112 -39.31 2.14 -22.03
C LYS F 112 -39.02 1.09 -23.09
N ALA F 113 -39.19 1.45 -24.37
CA ALA F 113 -38.93 0.51 -25.45
C ALA F 113 -37.45 0.14 -25.49
N ASP F 114 -36.57 1.13 -25.40
CA ASP F 114 -35.14 0.86 -25.40
C ASP F 114 -34.74 -0.02 -24.23
N ALA F 115 -35.33 0.23 -23.05
CA ALA F 115 -34.99 -0.56 -21.86
C ALA F 115 -35.47 -2.00 -22.00
N VAL F 116 -36.71 -2.18 -22.47
CA VAL F 116 -37.26 -3.52 -22.61
C VAL F 116 -36.52 -4.30 -23.70
N ALA F 117 -36.00 -3.62 -24.72
CA ALA F 117 -35.24 -4.31 -25.76
C ALA F 117 -33.99 -5.00 -25.20
N VAL F 118 -33.43 -4.48 -24.12
CA VAL F 118 -32.21 -5.01 -23.53
C VAL F 118 -32.54 -5.91 -22.34
N ASN F 119 -33.25 -5.35 -21.36
CA ASN F 119 -33.58 -6.10 -20.14
C ASN F 119 -34.83 -5.50 -19.54
N TRP F 120 -35.95 -6.23 -19.60
CA TRP F 120 -37.20 -5.74 -19.03
C TRP F 120 -37.10 -5.55 -17.52
N ARG F 121 -36.17 -6.25 -16.86
CA ARG F 121 -35.99 -6.09 -15.42
C ARG F 121 -35.53 -4.69 -15.06
N GLN F 122 -34.86 -4.00 -15.99
CA GLN F 122 -34.34 -2.66 -15.75
C GLN F 122 -35.18 -1.59 -16.43
N ALA F 123 -36.45 -1.89 -16.68
CA ALA F 123 -37.41 -0.91 -17.19
C ALA F 123 -38.46 -0.62 -16.12
N GLU F 124 -39.19 0.47 -16.30
CA GLU F 124 -40.27 0.81 -15.39
C GLU F 124 -41.55 0.22 -15.98
N LEU F 125 -41.91 -0.95 -15.48
CA LEU F 125 -43.01 -1.73 -16.03
C LEU F 125 -44.07 -1.95 -14.96
N SER F 126 -45.32 -2.02 -15.39
CA SER F 126 -46.40 -2.41 -14.50
C SER F 126 -46.22 -3.87 -14.07
N GLU F 127 -47.08 -4.31 -13.15
CA GLU F 127 -46.97 -5.68 -12.67
C GLU F 127 -47.43 -6.66 -13.74
N ARG F 128 -48.39 -6.26 -14.56
CA ARG F 128 -48.84 -7.07 -15.68
C ARG F 128 -47.75 -7.18 -16.74
N GLU F 129 -47.10 -6.06 -17.05
CA GLU F 129 -46.00 -6.09 -18.00
C GLU F 129 -44.85 -6.94 -17.48
N GLN F 130 -44.57 -6.87 -16.18
CA GLN F 130 -43.53 -7.70 -15.59
C GLN F 130 -43.88 -9.18 -15.73
N ALA F 131 -45.12 -9.55 -15.42
CA ALA F 131 -45.53 -10.94 -15.54
C ALA F 131 -45.41 -11.43 -16.98
N MET F 132 -45.90 -10.62 -17.93
CA MET F 132 -45.84 -11.01 -19.33
C MET F 132 -44.41 -11.15 -19.82
N CYS F 133 -43.52 -10.27 -19.35
CA CYS F 133 -42.14 -10.30 -19.84
C CYS F 133 -41.38 -11.47 -19.23
N ALA F 134 -41.62 -11.77 -17.96
CA ALA F 134 -40.99 -12.95 -17.35
C ALA F 134 -41.48 -14.22 -18.02
N TYR F 135 -42.78 -14.31 -18.30
CA TYR F 135 -43.31 -15.49 -18.99
C TYR F 135 -42.71 -15.62 -20.38
N ALA F 136 -42.61 -14.50 -21.12
CA ALA F 136 -42.03 -14.54 -22.45
C ALA F 136 -40.58 -15.00 -22.40
N GLU F 137 -39.81 -14.49 -21.44
CA GLU F 137 -38.41 -14.87 -21.32
C GLU F 137 -38.27 -16.36 -21.01
N LYS F 138 -39.09 -16.88 -20.10
CA LYS F 138 -39.02 -18.30 -19.79
C LYS F 138 -39.40 -19.16 -20.99
N LEU F 139 -40.47 -18.78 -21.69
CA LEU F 139 -40.93 -19.57 -22.83
C LEU F 139 -39.92 -19.51 -23.98
N THR F 140 -39.17 -18.41 -24.10
CA THR F 140 -38.16 -18.31 -25.14
C THR F 140 -36.91 -19.12 -24.78
N LEU F 141 -36.44 -19.00 -23.54
CA LEU F 141 -35.15 -19.59 -23.18
C LEU F 141 -35.25 -21.00 -22.60
N ARG F 142 -36.33 -21.32 -21.90
CA ARG F 142 -36.48 -22.62 -21.23
C ARG F 142 -37.86 -23.21 -21.49
N PRO F 143 -38.21 -23.48 -22.75
CA PRO F 143 -39.56 -23.99 -23.05
C PRO F 143 -39.83 -25.35 -22.42
N ALA F 144 -38.81 -26.17 -22.19
CA ALA F 144 -39.04 -27.49 -21.62
C ALA F 144 -39.50 -27.43 -20.17
N GLU F 145 -39.30 -26.30 -19.49
CA GLU F 145 -39.59 -26.18 -18.07
C GLU F 145 -40.94 -25.51 -17.80
N MET F 146 -41.75 -25.29 -18.83
CA MET F 146 -43.05 -24.67 -18.64
C MET F 146 -43.97 -25.57 -17.82
N THR F 147 -44.68 -24.98 -16.87
CA THR F 147 -45.67 -25.67 -16.07
C THR F 147 -46.95 -24.85 -16.04
N GLU F 148 -48.02 -25.49 -15.54
CA GLU F 148 -49.27 -24.76 -15.38
C GLU F 148 -49.13 -23.60 -14.39
N ALA F 149 -48.28 -23.76 -13.37
CA ALA F 149 -48.09 -22.72 -12.38
C ALA F 149 -47.58 -21.42 -13.00
N ASP F 150 -46.84 -21.53 -14.12
CA ASP F 150 -46.35 -20.34 -14.79
C ASP F 150 -47.47 -19.45 -15.29
N LEU F 151 -48.69 -20.00 -15.45
CA LEU F 151 -49.81 -19.19 -15.87
C LEU F 151 -50.41 -18.38 -14.73
N ALA F 152 -50.08 -18.72 -13.48
CA ALA F 152 -50.69 -18.05 -12.34
C ALA F 152 -50.44 -16.54 -12.34
N PRO F 153 -49.22 -16.04 -12.55
CA PRO F 153 -49.06 -14.57 -12.60
C PRO F 153 -49.85 -13.92 -13.72
N LEU F 154 -49.89 -14.53 -14.90
CA LEU F 154 -50.67 -13.97 -16.00
C LEU F 154 -52.13 -13.82 -15.62
N ARG F 155 -52.71 -14.86 -15.02
CA ARG F 155 -54.09 -14.77 -14.54
C ARG F 155 -54.21 -13.77 -13.40
N ALA F 156 -53.16 -13.61 -12.60
CA ALA F 156 -53.21 -12.63 -11.52
C ALA F 156 -53.22 -11.21 -12.06
N ALA F 157 -52.68 -11.01 -13.26
CA ALA F 157 -52.66 -9.72 -13.93
C ALA F 157 -53.95 -9.43 -14.70
N GLY F 158 -54.96 -10.30 -14.59
CA GLY F 158 -56.24 -10.06 -15.23
C GLY F 158 -56.34 -10.55 -16.66
N LEU F 159 -55.44 -11.42 -17.10
CA LEU F 159 -55.47 -11.92 -18.46
C LEU F 159 -56.48 -13.06 -18.56
N SER F 160 -57.44 -12.91 -19.47
CA SER F 160 -58.39 -13.98 -19.74
C SER F 160 -57.68 -15.16 -20.41
N ASP F 161 -58.39 -16.29 -20.48
CA ASP F 161 -57.84 -17.47 -21.15
C ASP F 161 -57.56 -17.17 -22.63
N GLU F 162 -58.45 -16.40 -23.27
CA GLU F 162 -58.22 -16.01 -24.66
C GLU F 162 -56.99 -15.14 -24.79
N ALA F 163 -56.82 -14.17 -23.88
CA ALA F 163 -55.65 -13.32 -23.91
C ALA F 163 -54.37 -14.11 -23.64
N ILE F 164 -54.44 -15.10 -22.75
CA ILE F 164 -53.26 -15.92 -22.49
C ILE F 164 -52.91 -16.75 -23.72
N LEU F 165 -53.91 -17.32 -24.38
CA LEU F 165 -53.67 -18.05 -25.62
C LEU F 165 -53.03 -17.15 -26.67
N GLU F 166 -53.54 -15.92 -26.80
CA GLU F 166 -52.98 -14.98 -27.76
C GLU F 166 -51.53 -14.62 -27.40
N ALA F 167 -51.24 -14.40 -26.12
CA ALA F 167 -49.89 -14.03 -25.72
C ALA F 167 -48.91 -15.17 -25.96
N VAL F 168 -49.31 -16.40 -25.63
CA VAL F 168 -48.46 -17.55 -25.90
C VAL F 168 -48.22 -17.68 -27.40
N GLN F 169 -49.27 -17.49 -28.20
CA GLN F 169 -49.13 -17.51 -29.65
C GLN F 169 -48.14 -16.45 -30.13
N VAL F 170 -48.19 -15.25 -29.55
CA VAL F 170 -47.31 -14.18 -29.98
C VAL F 170 -45.86 -14.51 -29.64
N ILE F 171 -45.62 -14.97 -28.41
CA ILE F 171 -44.26 -15.32 -28.00
C ILE F 171 -43.69 -16.40 -28.91
N ALA F 172 -44.48 -17.45 -29.17
CA ALA F 172 -43.99 -18.54 -30.00
C ALA F 172 -43.81 -18.11 -31.46
N MET F 173 -44.71 -17.25 -31.95
CA MET F 173 -44.62 -16.79 -33.33
C MET F 173 -43.38 -15.95 -33.53
N PHE F 174 -42.96 -15.20 -32.51
CA PHE F 174 -41.73 -14.44 -32.67
C PHE F 174 -40.51 -15.32 -32.46
N ASN F 175 -40.64 -16.38 -31.65
CA ASN F 175 -39.60 -17.40 -31.64
C ASN F 175 -39.42 -18.04 -33.02
N MET F 176 -40.47 -18.03 -33.83
CA MET F 176 -40.36 -18.58 -35.19
C MET F 176 -39.75 -17.56 -36.16
N THR F 177 -40.27 -16.33 -36.16
CA THR F 177 -39.79 -15.33 -37.12
C THR F 177 -38.35 -14.92 -36.82
N ASN F 178 -37.96 -14.86 -35.54
CA ASN F 178 -36.57 -14.61 -35.21
C ASN F 178 -35.67 -15.62 -35.91
N ARG F 179 -36.05 -16.90 -35.84
CA ARG F 179 -35.23 -17.96 -36.42
C ARG F 179 -35.19 -17.85 -37.95
N VAL F 180 -36.34 -17.59 -38.58
CA VAL F 180 -36.35 -17.46 -40.04
C VAL F 180 -35.44 -16.31 -40.48
N SER F 181 -35.65 -15.13 -39.90
CA SER F 181 -34.90 -13.95 -40.33
C SER F 181 -33.42 -14.06 -40.01
N SER F 182 -33.06 -14.69 -38.89
CA SER F 182 -31.65 -14.82 -38.56
C SER F 182 -30.97 -15.88 -39.43
N ALA F 183 -31.68 -16.96 -39.74
CA ALA F 183 -31.09 -18.01 -40.56
C ALA F 183 -30.86 -17.54 -41.99
N LEU F 184 -31.78 -16.72 -42.53
CA LEU F 184 -31.70 -16.36 -43.94
C LEU F 184 -31.18 -14.95 -44.17
N GLY F 185 -30.68 -14.29 -43.14
CA GLY F 185 -30.01 -13.00 -43.30
C GLY F 185 -30.89 -11.85 -43.74
N PHE F 186 -32.09 -11.74 -43.16
CA PHE F 186 -32.97 -10.64 -43.50
C PHE F 186 -32.46 -9.33 -42.89
N VAL F 187 -32.66 -8.24 -43.61
CA VAL F 187 -32.17 -6.93 -43.23
C VAL F 187 -33.36 -6.00 -43.07
N PRO F 188 -33.52 -5.33 -41.94
CA PRO F 188 -34.66 -4.42 -41.77
C PRO F 188 -34.51 -3.17 -42.61
N ASN F 189 -35.64 -2.65 -43.08
CA ASN F 189 -35.64 -1.44 -43.89
C ASN F 189 -35.09 -0.27 -43.08
N PRO F 190 -34.34 0.64 -43.70
CA PRO F 190 -33.80 1.79 -42.97
C PRO F 190 -34.86 2.63 -42.30
N GLU F 191 -36.07 2.68 -42.86
CA GLU F 191 -37.14 3.51 -42.31
C GLU F 191 -37.46 3.16 -40.87
N TYR F 192 -37.37 1.89 -40.49
CA TYR F 192 -37.71 1.48 -39.13
C TYR F 192 -36.83 2.16 -38.10
N HIS F 193 -35.56 2.44 -38.44
CA HIS F 193 -34.65 3.05 -37.48
C HIS F 193 -35.10 4.45 -37.10
N ILE F 194 -35.79 5.15 -38.00
CA ILE F 194 -36.19 6.53 -37.77
C ILE F 194 -37.57 6.64 -37.15
N GLN F 195 -38.39 5.60 -37.24
CA GLN F 195 -39.80 5.73 -36.89
C GLN F 195 -39.98 5.97 -35.40
N SER F 196 -40.93 6.86 -35.07
CA SER F 196 -41.34 7.17 -33.70
C SER F 196 -40.22 7.44 -32.71
N ARG F 197 -38.97 7.51 -33.18
CA ARG F 197 -37.88 7.95 -32.33
C ARG F 197 -38.22 9.28 -31.64
N ARG G 13 58.23 26.92 21.39
CA ARG G 13 58.65 26.25 22.63
C ARG G 13 57.73 26.62 23.79
N LEU G 14 57.89 27.84 24.31
CA LEU G 14 57.12 28.28 25.46
C LEU G 14 55.94 29.18 25.10
N SER G 15 55.93 29.79 23.92
CA SER G 15 54.89 30.76 23.59
C SER G 15 54.77 30.86 22.08
N PHE G 16 53.57 31.28 21.65
CA PHE G 16 53.36 31.67 20.26
C PHE G 16 53.85 33.07 19.97
N LEU G 17 54.12 33.86 21.00
CA LEU G 17 54.63 35.21 20.88
C LEU G 17 56.08 35.26 21.38
N ALA G 18 56.70 36.42 21.22
CA ALA G 18 58.04 36.61 21.76
C ALA G 18 57.99 36.51 23.28
N VAL G 19 59.05 35.95 23.85
CA VAL G 19 59.16 35.74 25.29
C VAL G 19 60.24 36.67 25.82
N PRO G 20 59.99 37.39 26.93
CA PRO G 20 61.04 38.25 27.47
C PRO G 20 62.21 37.44 27.95
N THR G 21 63.40 37.92 27.63
CA THR G 21 64.62 37.28 28.04
C THR G 21 65.12 37.83 29.38
N GLU G 22 66.28 37.30 29.78
CA GLU G 22 67.04 37.72 30.94
C GLU G 22 67.49 39.17 30.78
N ASP G 23 67.51 39.69 29.55
CA ASP G 23 67.88 41.03 29.08
C ASP G 23 66.77 42.07 28.98
N ASN G 24 65.63 41.75 28.37
CA ASN G 24 64.65 42.80 28.16
C ASN G 24 63.46 42.72 29.09
N ALA G 25 63.45 41.79 30.04
CA ALA G 25 62.26 41.58 30.86
C ALA G 25 62.01 42.74 31.81
N HIS G 26 60.73 43.00 32.09
CA HIS G 26 60.35 43.95 33.11
C HIS G 26 60.95 43.55 34.45
N GLU G 27 61.10 44.52 35.34
CA GLU G 27 61.90 44.23 36.51
C GLU G 27 61.17 43.41 37.57
N GLY G 28 59.84 43.59 37.69
CA GLY G 28 59.07 42.74 38.57
C GLY G 28 59.04 41.33 38.02
N VAL G 29 59.15 41.21 36.70
CA VAL G 29 59.34 39.91 36.08
C VAL G 29 60.67 39.27 36.55
N LYS G 30 61.77 40.02 36.59
CA LYS G 30 63.01 39.45 37.13
C LYS G 30 62.90 39.09 38.62
N LYS G 31 62.22 39.89 39.42
CA LYS G 31 62.09 39.47 40.82
C LYS G 31 61.21 38.23 40.94
N LEU G 32 60.12 38.17 40.15
CA LEU G 32 59.27 37.00 40.26
C LEU G 32 60.01 35.76 39.82
N TRP G 33 60.84 35.88 38.79
CA TRP G 33 61.70 34.77 38.38
C TRP G 33 62.62 34.34 39.51
N SER G 34 63.29 35.31 40.16
CA SER G 34 64.23 34.94 41.21
C SER G 34 63.51 34.34 42.40
N LYS G 35 62.33 34.89 42.75
CA LYS G 35 61.58 34.39 43.90
C LYS G 35 61.01 33.01 43.63
N ALA G 36 60.53 32.77 42.40
CA ALA G 36 59.99 31.47 42.06
C ALA G 36 61.07 30.40 42.03
N GLU G 37 62.25 30.71 41.47
CA GLU G 37 63.31 29.71 41.46
C GLU G 37 63.86 29.47 42.86
N ALA G 38 63.94 30.52 43.68
CA ALA G 38 64.42 30.33 45.05
C ALA G 38 63.44 29.54 45.91
N ASN G 39 62.14 29.64 45.64
CA ASN G 39 61.16 29.01 46.50
C ASN G 39 60.67 27.66 46.01
N MET G 40 60.70 27.40 44.70
CA MET G 40 60.18 26.14 44.17
C MET G 40 61.19 25.35 43.36
N GLY G 41 62.36 25.92 43.05
CA GLY G 41 63.36 25.24 42.27
C GLY G 41 63.22 25.41 40.77
N PHE G 42 62.19 26.11 40.30
CA PHE G 42 62.03 26.39 38.87
C PHE G 42 61.16 27.63 38.72
N VAL G 43 61.08 28.13 37.50
CA VAL G 43 60.27 29.29 37.16
C VAL G 43 59.07 28.82 36.35
N PRO G 44 57.84 29.04 36.84
CA PRO G 44 56.65 28.68 36.06
C PRO G 44 56.69 29.31 34.67
N ASN G 45 56.42 28.49 33.65
CA ASN G 45 56.53 28.97 32.27
C ASN G 45 55.57 30.11 31.96
N VAL G 46 54.46 30.22 32.70
CA VAL G 46 53.58 31.37 32.51
C VAL G 46 54.28 32.66 32.90
N PHE G 47 55.11 32.61 33.95
CA PHE G 47 55.85 33.80 34.38
C PHE G 47 56.80 34.29 33.32
N ARG G 48 57.25 33.41 32.43
CA ARG G 48 58.09 33.80 31.32
C ARG G 48 57.27 34.26 30.12
N ALA G 49 56.24 33.49 29.77
CA ALA G 49 55.51 33.74 28.52
C ALA G 49 54.61 34.97 28.64
N GLN G 50 53.75 35.01 29.67
CA GLN G 50 52.78 36.09 29.77
C GLN G 50 53.40 37.43 30.16
N ALA G 51 54.66 37.45 30.57
CA ALA G 51 55.28 38.65 31.11
C ALA G 51 55.81 39.60 30.05
N LEU G 52 55.49 39.39 28.77
CA LEU G 52 55.96 40.30 27.74
C LEU G 52 55.46 41.72 27.97
N ASN G 53 54.25 41.88 28.52
CA ASN G 53 53.69 43.17 28.91
C ASN G 53 53.87 43.36 30.42
N GLY G 54 54.90 44.11 30.82
CA GLY G 54 55.32 44.22 32.21
C GLY G 54 54.26 44.57 33.25
N GLU G 55 53.67 45.77 33.15
CA GLU G 55 52.65 46.22 34.13
C GLU G 55 51.41 45.35 34.06
N GLN G 56 50.97 44.99 32.84
CA GLN G 56 49.79 44.16 32.73
C GLN G 56 50.03 42.81 33.40
N PHE G 57 51.17 42.18 33.11
CA PHE G 57 51.47 40.89 33.73
C PHE G 57 51.60 41.01 35.24
N LEU G 58 52.25 42.07 35.74
CA LEU G 58 52.46 42.18 37.18
C LEU G 58 51.15 42.44 37.91
N ALA G 59 50.28 43.29 37.36
CA ALA G 59 48.96 43.49 37.96
C ALA G 59 48.13 42.21 37.91
N TRP G 60 48.18 41.50 36.78
CA TRP G 60 47.51 40.22 36.67
C TRP G 60 47.99 39.26 37.75
N TRP G 61 49.30 39.23 37.98
CA TRP G 61 49.86 38.31 38.96
C TRP G 61 49.45 38.72 40.38
N ASN G 62 49.45 40.02 40.67
CA ASN G 62 48.97 40.50 41.96
C ASN G 62 47.56 39.99 42.24
N TYR G 63 46.64 40.24 41.30
CA TYR G 63 45.25 39.83 41.51
C TYR G 63 45.13 38.31 41.60
N PHE G 64 45.74 37.59 40.66
CA PHE G 64 45.60 36.14 40.60
C PHE G 64 46.16 35.49 41.87
N ASN G 65 47.36 35.90 42.29
CA ASN G 65 47.96 35.33 43.49
C ASN G 65 47.10 35.61 44.72
N LEU G 66 46.59 36.83 44.84
CA LEU G 66 45.74 37.11 45.99
C LEU G 66 44.48 36.27 45.96
N LEU G 67 43.89 36.06 44.78
CA LEU G 67 42.61 35.37 44.69
C LEU G 67 42.73 33.86 44.88
N VAL G 68 43.75 33.26 44.28
CA VAL G 68 43.82 31.80 44.16
C VAL G 68 44.73 31.17 45.22
N ASN G 69 45.87 31.79 45.51
CA ASN G 69 46.89 31.16 46.36
C ASN G 69 46.84 31.64 47.80
N LYS G 70 46.70 32.95 48.00
CA LYS G 70 46.74 33.48 49.35
C LYS G 70 45.42 33.14 50.08
N GLU G 71 45.40 33.55 51.33
CA GLU G 71 44.35 33.32 52.30
C GLU G 71 43.06 34.06 51.92
N GLY G 72 41.94 33.38 52.07
CA GLY G 72 40.66 33.96 51.73
C GLY G 72 39.55 33.15 52.36
N GLY G 73 38.34 33.34 51.83
CA GLY G 73 37.19 32.62 52.34
C GLY G 73 37.14 31.16 51.93
N LEU G 74 37.95 30.76 50.95
CA LEU G 74 37.93 29.39 50.44
C LEU G 74 39.26 28.68 50.73
N SER G 75 39.18 27.37 50.91
CA SER G 75 40.37 26.56 51.08
C SER G 75 41.21 26.57 49.80
N ASN G 76 42.49 26.23 49.95
CA ASN G 76 43.32 26.01 48.77
C ASN G 76 42.78 24.83 47.97
N ALA G 77 42.30 23.80 48.67
CA ALA G 77 41.78 22.61 48.01
C ALA G 77 40.54 22.95 47.18
N GLU G 78 39.65 23.77 47.72
CA GLU G 78 38.44 24.13 46.97
C GLU G 78 38.77 24.97 45.75
N ARG G 79 39.69 25.92 45.88
CA ARG G 79 40.05 26.76 44.74
C ARG G 79 40.71 25.93 43.64
N GLU G 80 41.59 24.99 44.02
CA GLU G 80 42.20 24.14 43.00
C GLU G 80 41.19 23.15 42.42
N LEU G 81 40.19 22.74 43.20
CA LEU G 81 39.11 21.92 42.66
C LEU G 81 38.35 22.67 41.56
N LEU G 82 37.98 23.92 41.85
CA LEU G 82 37.33 24.76 40.84
C LEU G 82 38.22 24.92 39.62
N ALA G 83 39.51 25.20 39.86
CA ALA G 83 40.46 25.37 38.77
C ALA G 83 40.52 24.13 37.90
N VAL G 84 40.59 22.96 38.52
CA VAL G 84 40.73 21.71 37.78
C VAL G 84 39.49 21.44 36.94
N VAL G 85 38.31 21.65 37.53
CA VAL G 85 37.07 21.43 36.78
C VAL G 85 36.99 22.38 35.59
N VAL G 86 37.23 23.66 35.83
CA VAL G 86 37.10 24.65 34.76
C VAL G 86 38.12 24.41 33.66
N SER G 87 39.38 24.14 34.03
CA SER G 87 40.41 23.90 33.03
C SER G 87 40.17 22.61 32.25
N GLY G 88 39.60 21.58 32.89
CA GLY G 88 39.20 20.40 32.15
C GLY G 88 38.10 20.71 31.17
N LEU G 89 37.14 21.55 31.57
CA LEU G 89 36.04 21.89 30.67
C LEU G 89 36.55 22.68 29.47
N ASN G 90 37.40 23.67 29.70
CA ASN G 90 37.96 24.46 28.62
C ASN G 90 39.10 23.78 27.90
N ARG G 91 39.60 22.66 28.42
CA ARG G 91 40.65 21.87 27.79
C ARG G 91 41.93 22.70 27.60
N CYS G 92 42.40 23.30 28.70
CA CYS G 92 43.66 24.03 28.70
C CYS G 92 44.71 23.18 29.41
N VAL G 93 45.73 22.76 28.66
CA VAL G 93 46.70 21.80 29.19
C VAL G 93 47.52 22.43 30.31
N TYR G 94 47.96 23.68 30.13
CA TYR G 94 48.79 24.33 31.15
C TYR G 94 48.08 24.34 32.50
N CYS G 95 46.86 24.88 32.53
CA CYS G 95 46.17 25.04 33.80
C CYS G 95 45.76 23.68 34.35
N ALA G 96 45.33 22.77 33.47
CA ALA G 96 44.99 21.42 33.90
C ALA G 96 46.16 20.77 34.62
N VAL G 97 47.34 20.75 33.99
CA VAL G 97 48.49 20.08 34.58
C VAL G 97 48.91 20.76 35.88
N SER G 98 49.12 22.08 35.83
CA SER G 98 49.69 22.75 37.00
C SER G 98 48.72 22.72 38.18
N HIS G 99 47.45 23.06 37.96
CA HIS G 99 46.52 23.08 39.06
C HIS G 99 46.03 21.68 39.44
N GLY G 100 46.21 20.69 38.58
CA GLY G 100 46.03 19.32 39.02
C GLY G 100 47.10 18.88 39.98
N ALA G 101 48.35 19.27 39.71
CA ALA G 101 49.41 19.05 40.68
C ALA G 101 49.10 19.75 42.00
N ALA G 102 48.63 21.00 41.91
CA ALA G 102 48.29 21.75 43.13
C ALA G 102 47.15 21.08 43.89
N LEU G 103 46.14 20.57 43.17
CA LEU G 103 45.02 19.89 43.83
C LEU G 103 45.46 18.58 44.45
N ARG G 104 46.34 17.84 43.78
CA ARG G 104 46.92 16.65 44.37
C ARG G 104 47.64 16.97 45.68
N GLU G 105 48.37 18.09 45.70
CA GLU G 105 49.06 18.47 46.93
C GLU G 105 48.07 18.83 48.03
N PHE G 106 47.12 19.72 47.73
CA PHE G 106 46.26 20.27 48.78
C PHE G 106 45.22 19.26 49.26
N SER G 107 44.81 18.32 48.40
CA SER G 107 43.81 17.34 48.79
C SER G 107 44.42 16.05 49.31
N GLY G 108 45.65 15.72 48.88
CA GLY G 108 46.24 14.45 49.26
C GLY G 108 45.55 13.23 48.67
N ASP G 109 44.70 13.42 47.66
CA ASP G 109 43.90 12.34 47.07
C ASP G 109 44.08 12.41 45.56
N ALA G 110 45.06 11.68 45.03
CA ALA G 110 45.33 11.70 43.60
C ALA G 110 44.15 11.13 42.81
N VAL G 111 43.47 10.13 43.36
CA VAL G 111 42.32 9.53 42.68
C VAL G 111 41.24 10.58 42.47
N LYS G 112 40.94 11.35 43.52
CA LYS G 112 39.93 12.39 43.42
C LYS G 112 40.33 13.46 42.41
N ALA G 113 41.60 13.84 42.40
CA ALA G 113 42.07 14.86 41.46
C ALA G 113 41.92 14.39 40.02
N ASP G 114 42.34 13.15 39.75
CA ASP G 114 42.20 12.60 38.40
C ASP G 114 40.73 12.52 37.99
N ALA G 115 39.87 12.14 38.93
CA ALA G 115 38.45 12.01 38.60
C ALA G 115 37.81 13.36 38.31
N VAL G 116 38.06 14.37 39.17
CA VAL G 116 37.46 15.68 38.95
C VAL G 116 38.03 16.35 37.70
N ALA G 117 39.27 16.02 37.33
CA ALA G 117 39.83 16.57 36.10
C ALA G 117 39.05 16.15 34.87
N VAL G 118 38.42 14.98 34.91
CA VAL G 118 37.69 14.44 33.76
C VAL G 118 36.20 14.71 33.91
N ASN G 119 35.60 14.21 34.99
CA ASN G 119 34.16 14.35 35.21
C ASN G 119 33.91 14.26 36.71
N TRP G 120 33.53 15.39 37.32
CA TRP G 120 33.26 15.42 38.75
C TRP G 120 32.06 14.55 39.12
N ARG G 121 31.17 14.25 38.17
CA ARG G 121 30.03 13.39 38.45
C ARG G 121 30.48 11.97 38.81
N GLN G 122 31.66 11.56 38.32
CA GLN G 122 32.19 10.22 38.56
C GLN G 122 33.29 10.22 39.60
N ALA G 123 33.30 11.20 40.50
CA ALA G 123 34.21 11.25 41.63
C ALA G 123 33.44 11.06 42.93
N GLU G 124 34.18 10.77 44.00
CA GLU G 124 33.58 10.65 45.32
C GLU G 124 33.70 12.01 45.99
N LEU G 125 32.63 12.79 45.92
CA LEU G 125 32.63 14.18 46.38
C LEU G 125 31.57 14.39 47.45
N SER G 126 31.85 15.29 48.39
CA SER G 126 30.86 15.77 49.36
C SER G 126 29.78 16.59 48.65
N GLU G 127 28.76 17.02 49.40
CA GLU G 127 27.74 17.85 48.78
C GLU G 127 28.26 19.23 48.45
N ARG G 128 29.15 19.77 49.28
CA ARG G 128 29.69 21.09 49.00
C ARG G 128 30.52 21.05 47.72
N GLU G 129 31.33 20.00 47.57
CA GLU G 129 32.10 19.85 46.35
C GLU G 129 31.21 19.63 45.14
N GLN G 130 30.15 18.83 45.29
CA GLN G 130 29.22 18.62 44.17
C GLN G 130 28.55 19.91 43.75
N ALA G 131 28.04 20.68 44.72
CA ALA G 131 27.39 21.94 44.42
C ALA G 131 28.36 22.91 43.74
N MET G 132 29.57 23.03 44.28
CA MET G 132 30.55 23.95 43.71
C MET G 132 30.95 23.52 42.29
N CYS G 133 31.08 22.22 42.06
CA CYS G 133 31.50 21.75 40.74
C CYS G 133 30.39 21.91 39.71
N ALA G 134 29.15 21.65 40.11
CA ALA G 134 28.04 21.90 39.20
C ALA G 134 27.93 23.39 38.86
N TYR G 135 28.08 24.25 39.87
CA TYR G 135 28.04 25.68 39.60
C TYR G 135 29.16 26.11 38.67
N ALA G 136 30.37 25.61 38.90
CA ALA G 136 31.51 25.92 38.04
C ALA G 136 31.25 25.46 36.61
N GLU G 137 30.71 24.25 36.44
CA GLU G 137 30.44 23.77 35.10
C GLU G 137 29.41 24.63 34.38
N LYS G 138 28.33 25.00 35.08
CA LYS G 138 27.32 25.84 34.44
C LYS G 138 27.88 27.21 34.09
N LEU G 139 28.65 27.81 35.01
CA LEU G 139 29.21 29.14 34.75
C LEU G 139 30.24 29.11 33.63
N THR G 140 30.93 27.97 33.46
CA THR G 140 31.90 27.85 32.38
C THR G 140 31.22 27.63 31.04
N LEU G 141 30.24 26.73 30.98
CA LEU G 141 29.65 26.31 29.71
C LEU G 141 28.42 27.11 29.30
N ARG G 142 27.65 27.63 30.26
CA ARG G 142 26.40 28.33 29.97
C ARG G 142 26.30 29.63 30.77
N PRO G 143 27.23 30.58 30.55
CA PRO G 143 27.19 31.81 31.35
C PRO G 143 25.93 32.62 31.14
N ALA G 144 25.30 32.53 29.97
CA ALA G 144 24.10 33.32 29.72
C ALA G 144 22.90 32.84 30.53
N GLU G 145 22.95 31.63 31.08
CA GLU G 145 21.82 31.04 31.78
C GLU G 145 21.93 31.16 33.29
N MET G 146 22.88 31.92 33.81
CA MET G 146 23.01 32.06 35.26
C MET G 146 21.78 32.79 35.82
N THR G 147 21.27 32.27 36.93
CA THR G 147 20.15 32.87 37.64
C THR G 147 20.48 32.95 39.13
N GLU G 148 19.64 33.68 39.85
CA GLU G 148 19.78 33.74 41.30
C GLU G 148 19.57 32.35 41.92
N ALA G 149 18.68 31.55 41.34
CA ALA G 149 18.42 30.22 41.88
C ALA G 149 19.67 29.35 41.86
N ASP G 150 20.58 29.59 40.92
CA ASP G 150 21.82 28.82 40.89
C ASP G 150 22.66 29.01 42.14
N LEU G 151 22.45 30.11 42.88
CA LEU G 151 23.18 30.31 44.13
C LEU G 151 22.58 29.52 45.28
N ALA G 152 21.34 29.03 45.14
CA ALA G 152 20.68 28.35 46.25
C ALA G 152 21.45 27.14 46.76
N PRO G 153 21.95 26.22 45.92
CA PRO G 153 22.73 25.10 46.49
C PRO G 153 23.98 25.54 47.23
N LEU G 154 24.71 26.53 46.69
CA LEU G 154 25.93 27.00 47.35
C LEU G 154 25.64 27.46 48.78
N ARG G 155 24.60 28.28 48.94
CA ARG G 155 24.23 28.74 50.28
C ARG G 155 23.76 27.58 51.15
N ALA G 156 23.17 26.55 50.55
CA ALA G 156 22.79 25.38 51.33
C ALA G 156 24.02 24.60 51.80
N ALA G 157 25.13 24.72 51.09
CA ALA G 157 26.36 24.04 51.46
C ALA G 157 27.17 24.83 52.49
N GLY G 158 26.65 25.94 52.99
CA GLY G 158 27.34 26.70 54.01
C GLY G 158 28.31 27.74 53.49
N LEU G 159 28.22 28.12 52.22
CA LEU G 159 29.11 29.11 51.65
C LEU G 159 28.62 30.51 51.97
N SER G 160 29.50 31.32 52.56
CA SER G 160 29.17 32.71 52.83
C SER G 160 29.01 33.49 51.52
N ASP G 161 28.43 34.69 51.65
CA ASP G 161 28.36 35.59 50.50
C ASP G 161 29.78 35.95 50.05
N GLU G 162 30.68 36.15 51.02
CA GLU G 162 32.07 36.39 50.68
C GLU G 162 32.69 35.18 49.98
N ALA G 163 32.42 33.98 50.50
CA ALA G 163 32.94 32.76 49.88
C ALA G 163 32.32 32.53 48.50
N ILE G 164 31.05 32.87 48.33
CA ILE G 164 30.42 32.72 47.03
C ILE G 164 31.03 33.69 46.03
N LEU G 165 31.27 34.93 46.44
CA LEU G 165 31.95 35.88 45.58
C LEU G 165 33.34 35.40 45.20
N GLU G 166 34.07 34.84 46.18
CA GLU G 166 35.40 34.30 45.89
C GLU G 166 35.32 33.14 44.89
N ALA G 167 34.34 32.25 45.07
CA ALA G 167 34.20 31.12 44.17
C ALA G 167 33.85 31.55 42.76
N VAL G 168 32.93 32.51 42.63
CA VAL G 168 32.58 33.04 41.31
C VAL G 168 33.81 33.68 40.66
N GLN G 169 34.56 34.46 41.43
CA GLN G 169 35.80 35.06 40.92
C GLN G 169 36.77 33.99 40.46
N VAL G 170 36.91 32.90 41.22
CA VAL G 170 37.86 31.85 40.86
C VAL G 170 37.43 31.16 39.58
N ILE G 171 36.15 30.80 39.49
CA ILE G 171 35.65 30.13 38.28
C ILE G 171 35.86 31.00 37.05
N ALA G 172 35.47 32.27 37.14
CA ALA G 172 35.58 33.14 35.98
C ALA G 172 37.03 33.45 35.64
N MET G 173 37.87 33.63 36.66
CA MET G 173 39.28 33.92 36.44
C MET G 173 40.00 32.74 35.82
N PHE G 174 39.57 31.52 36.11
CA PHE G 174 40.19 30.38 35.44
C PHE G 174 39.61 30.17 34.05
N ASN G 175 38.34 30.55 33.84
CA ASN G 175 37.81 30.65 32.48
C ASN G 175 38.61 31.64 31.65
N MET G 176 39.23 32.60 32.31
CA MET G 176 40.09 33.62 31.73
C MET G 176 41.51 33.13 31.46
N THR G 177 42.13 32.48 32.45
CA THR G 177 43.49 31.99 32.28
C THR G 177 43.55 30.86 31.26
N ASN G 178 42.52 30.00 31.24
CA ASN G 178 42.44 28.96 30.22
C ASN G 178 42.52 29.58 28.84
N ARG G 179 41.76 30.66 28.63
CA ARG G 179 41.72 31.28 27.31
C ARG G 179 43.06 31.90 26.96
N VAL G 180 43.69 32.59 27.91
CA VAL G 180 45.00 33.19 27.63
C VAL G 180 46.01 32.11 27.25
N SER G 181 46.14 31.08 28.09
CA SER G 181 47.16 30.05 27.89
C SER G 181 46.90 29.24 26.64
N SER G 182 45.63 28.97 26.31
CA SER G 182 45.34 28.19 25.12
C SER G 182 45.51 29.01 23.85
N ALA G 183 45.16 30.30 23.90
CA ALA G 183 45.33 31.14 22.72
C ALA G 183 46.80 31.36 22.41
N LEU G 184 47.65 31.47 23.44
CA LEU G 184 49.04 31.80 23.22
C LEU G 184 49.98 30.61 23.38
N GLY G 185 49.45 29.40 23.49
CA GLY G 185 50.27 28.19 23.48
C GLY G 185 51.23 28.01 24.63
N PHE G 186 50.80 28.29 25.85
CA PHE G 186 51.65 28.09 27.02
C PHE G 186 51.78 26.60 27.33
N VAL G 187 52.95 26.20 27.80
CA VAL G 187 53.27 24.80 28.07
C VAL G 187 53.65 24.68 29.54
N PRO G 188 53.04 23.78 30.31
CA PRO G 188 53.39 23.65 31.72
C PRO G 188 54.78 23.05 31.91
N ASN G 189 55.44 23.48 32.98
CA ASN G 189 56.77 22.98 33.28
C ASN G 189 56.71 21.47 33.55
N PRO G 190 57.72 20.72 33.13
CA PRO G 190 57.71 19.26 33.38
C PRO G 190 57.57 18.88 34.83
N GLU G 191 58.04 19.73 35.77
CA GLU G 191 57.96 19.40 37.18
C GLU G 191 56.51 19.17 37.62
N TYR G 192 55.56 19.89 37.04
CA TYR G 192 54.17 19.77 37.44
C TYR G 192 53.63 18.36 37.24
N HIS G 193 54.11 17.66 36.20
CA HIS G 193 53.57 16.33 35.91
C HIS G 193 53.86 15.32 37.01
N ILE G 194 54.99 15.47 37.71
CA ILE G 194 55.40 14.52 38.73
C ILE G 194 55.00 14.95 40.14
N GLN G 195 54.59 16.20 40.34
CA GLN G 195 54.46 16.72 41.69
C GLN G 195 53.39 15.98 42.46
N SER G 196 53.59 15.87 43.78
CA SER G 196 52.63 15.27 44.71
C SER G 196 52.03 13.93 44.27
N ARG G 197 52.57 13.31 43.23
CA ARG G 197 52.16 11.97 42.86
C ARG G 197 52.95 10.90 43.64
N ARG H 13 18.85 44.19 43.73
CA ARG H 13 19.21 45.57 43.40
C ARG H 13 20.72 45.81 43.54
N LEU H 14 21.39 45.72 42.39
CA LEU H 14 22.83 45.89 42.16
C LEU H 14 23.61 44.59 42.33
N SER H 15 23.09 43.66 43.13
CA SER H 15 23.84 42.44 43.39
C SER H 15 22.90 41.38 43.95
N PHE H 16 23.26 40.11 43.72
CA PHE H 16 22.63 39.00 44.42
C PHE H 16 23.23 38.78 45.80
N LEU H 17 24.38 39.38 46.09
CA LEU H 17 25.04 39.28 47.38
C LEU H 17 24.96 40.61 48.12
N ALA H 18 25.44 40.59 49.36
CA ALA H 18 25.49 41.81 50.17
C ALA H 18 26.43 42.83 49.54
N VAL H 19 26.06 44.10 49.67
CA VAL H 19 26.84 45.22 49.13
C VAL H 19 27.39 46.03 50.29
N PRO H 20 28.68 46.40 50.26
CA PRO H 20 29.24 47.20 51.37
C PRO H 20 28.69 48.62 51.43
N THR H 21 28.44 49.08 52.66
CA THR H 21 28.01 50.43 53.01
C THR H 21 29.19 51.35 53.39
N GLU H 22 28.85 52.58 53.84
CA GLU H 22 29.77 53.53 54.49
C GLU H 22 30.57 52.87 55.61
N ASP H 23 30.01 51.85 56.27
CA ASP H 23 30.72 51.08 57.31
C ASP H 23 31.56 49.96 56.79
N ASN H 24 31.05 49.18 55.84
CA ASN H 24 31.70 47.93 55.62
C ASN H 24 32.69 48.01 54.47
N ALA H 25 32.75 49.14 53.78
CA ALA H 25 33.58 49.21 52.59
C ALA H 25 35.04 49.28 52.96
N HIS H 26 35.87 48.69 52.12
CA HIS H 26 37.28 48.99 52.23
C HIS H 26 37.46 50.50 52.03
N GLU H 27 38.46 51.08 52.72
CA GLU H 27 38.63 52.53 52.66
C GLU H 27 39.21 52.96 51.32
N GLY H 28 39.75 52.03 50.55
CA GLY H 28 40.29 52.36 49.25
C GLY H 28 39.24 52.21 48.18
N VAL H 29 38.32 51.28 48.43
CA VAL H 29 37.11 51.22 47.63
C VAL H 29 36.33 52.52 47.79
N LYS H 30 36.29 53.05 49.02
CA LYS H 30 35.63 54.34 49.22
C LYS H 30 36.37 55.48 48.53
N LYS H 31 37.71 55.41 48.49
CA LYS H 31 38.43 56.44 47.76
C LYS H 31 38.08 56.38 46.27
N LEU H 32 37.95 55.16 45.74
CA LEU H 32 37.55 55.03 44.35
C LEU H 32 36.10 55.44 44.13
N TRP H 33 35.21 55.19 45.10
CA TRP H 33 33.85 55.68 45.01
C TRP H 33 33.82 57.20 44.84
N SER H 34 34.60 57.91 45.66
CA SER H 34 34.59 59.38 45.60
C SER H 34 35.23 59.89 44.31
N LYS H 35 36.29 59.21 43.85
CA LYS H 35 37.05 59.52 42.64
C LYS H 35 36.18 59.24 41.39
N ALA H 36 35.40 58.14 41.45
CA ALA H 36 34.48 57.76 40.38
C ALA H 36 33.35 58.76 40.27
N GLU H 37 32.84 59.28 41.40
CA GLU H 37 31.89 60.37 41.26
C GLU H 37 32.53 61.57 40.62
N ALA H 38 33.74 61.88 41.07
CA ALA H 38 34.37 63.14 40.73
C ALA H 38 34.47 63.27 39.22
N ASN H 39 34.61 62.14 38.51
CA ASN H 39 34.48 62.15 37.04
C ASN H 39 33.14 61.81 36.42
N MET H 40 32.36 60.87 36.92
CA MET H 40 31.23 60.46 36.10
C MET H 40 29.88 60.81 36.68
N GLY H 41 29.83 61.32 37.91
CA GLY H 41 28.59 61.79 38.47
C GLY H 41 27.76 60.72 39.10
N PHE H 42 28.27 59.49 39.08
CA PHE H 42 27.65 58.34 39.66
C PHE H 42 28.77 57.38 40.01
N VAL H 43 28.41 56.34 40.75
CA VAL H 43 29.35 55.29 41.13
C VAL H 43 28.98 54.05 40.33
N PRO H 44 29.86 53.54 39.49
CA PRO H 44 29.56 52.30 38.76
C PRO H 44 29.10 51.21 39.71
N ASN H 45 27.98 50.57 39.34
CA ASN H 45 27.38 49.58 40.23
C ASN H 45 28.31 48.40 40.47
N VAL H 46 29.23 48.12 39.54
CA VAL H 46 30.21 47.07 39.79
C VAL H 46 31.12 47.47 40.95
N PHE H 47 31.48 48.76 41.03
CA PHE H 47 32.33 49.25 42.10
C PHE H 47 31.68 49.09 43.47
N ARG H 48 30.35 49.06 43.52
CA ARG H 48 29.64 48.83 44.78
C ARG H 48 29.44 47.34 45.05
N ALA H 49 28.99 46.60 44.04
CA ALA H 49 28.61 45.21 44.26
C ALA H 49 29.82 44.31 44.44
N GLN H 50 30.79 44.39 43.52
CA GLN H 50 31.94 43.49 43.55
C GLN H 50 32.90 43.79 44.70
N ALA H 51 32.74 44.92 45.38
CA ALA H 51 33.66 45.35 46.42
C ALA H 51 33.41 44.70 47.78
N LEU H 52 32.55 43.68 47.86
CA LEU H 52 32.31 43.03 49.15
C LEU H 52 33.60 42.43 49.72
N ASN H 53 34.47 41.90 48.86
CA ASN H 53 35.82 41.47 49.22
C ASN H 53 36.74 42.60 48.77
N GLY H 54 37.02 43.55 49.67
CA GLY H 54 37.67 44.79 49.29
C GLY H 54 39.01 44.59 48.63
N GLU H 55 39.93 43.93 49.40
CA GLU H 55 41.13 43.23 48.92
C GLU H 55 41.12 42.89 47.46
N GLN H 56 40.39 41.80 47.21
CA GLN H 56 40.30 41.16 45.91
C GLN H 56 39.75 42.11 44.87
N PHE H 57 38.76 42.91 45.25
CA PHE H 57 38.19 43.89 44.33
C PHE H 57 39.22 44.92 43.90
N LEU H 58 40.03 45.39 44.84
CA LEU H 58 41.01 46.43 44.54
C LEU H 58 42.12 45.91 43.64
N ALA H 59 42.60 44.69 43.89
CA ALA H 59 43.57 44.11 42.96
C ALA H 59 42.96 43.88 41.58
N TRP H 60 41.74 43.33 41.55
CA TRP H 60 41.05 43.14 40.28
C TRP H 60 40.90 44.46 39.54
N TRP H 61 40.52 45.52 40.25
CA TRP H 61 40.31 46.80 39.60
C TRP H 61 41.61 47.39 39.10
N ASN H 62 42.70 47.24 39.87
CA ASN H 62 44.00 47.66 39.39
C ASN H 62 44.31 47.02 38.04
N TYR H 63 44.21 45.69 37.97
CA TYR H 63 44.52 44.99 36.72
C TYR H 63 43.56 45.39 35.60
N PHE H 64 42.25 45.39 35.87
CA PHE H 64 41.26 45.68 34.83
C PHE H 64 41.41 47.09 34.29
N ASN H 65 41.56 48.08 35.19
CA ASN H 65 41.73 49.46 34.78
C ASN H 65 42.98 49.63 33.94
N LEU H 66 44.09 49.04 34.37
CA LEU H 66 45.31 49.14 33.58
C LEU H 66 45.16 48.49 32.21
N LEU H 67 44.48 47.34 32.15
CA LEU H 67 44.42 46.57 30.91
C LEU H 67 43.45 47.19 29.89
N VAL H 68 42.28 47.62 30.33
CA VAL H 68 41.18 47.97 29.43
C VAL H 68 41.07 49.47 29.22
N ASN H 69 41.28 50.26 30.26
CA ASN H 69 41.05 51.71 30.24
C ASN H 69 42.30 52.55 30.00
N LYS H 70 43.44 52.21 30.63
CA LYS H 70 44.73 52.94 30.71
C LYS H 70 45.54 52.84 29.42
N GLU H 71 46.68 53.52 29.32
CA GLU H 71 47.27 53.46 27.97
C GLU H 71 47.80 52.08 27.76
N GLY H 72 47.77 51.65 26.51
CA GLY H 72 48.37 50.39 26.21
C GLY H 72 48.64 50.30 24.74
N GLY H 73 48.92 49.06 24.33
CA GLY H 73 49.24 48.75 22.96
C GLY H 73 48.05 48.83 22.06
N LEU H 74 46.84 48.83 22.62
CA LEU H 74 45.63 48.94 21.84
C LEU H 74 44.90 50.23 22.16
N SER H 75 44.22 50.79 21.17
CA SER H 75 43.39 51.95 21.40
C SER H 75 42.20 51.59 22.29
N ASN H 76 41.60 52.62 22.90
CA ASN H 76 40.38 52.40 23.68
C ASN H 76 39.25 51.86 22.80
N ALA H 77 39.17 52.35 21.56
CA ALA H 77 38.09 51.93 20.67
C ALA H 77 38.16 50.44 20.36
N GLU H 78 39.36 49.93 20.09
CA GLU H 78 39.51 48.51 19.79
C GLU H 78 39.17 47.64 21.01
N ARG H 79 39.64 48.06 22.18
CA ARG H 79 39.34 47.30 23.40
C ARG H 79 37.85 47.29 23.69
N GLU H 80 37.17 48.43 23.49
CA GLU H 80 35.74 48.46 23.73
C GLU H 80 34.98 47.67 22.67
N LEU H 81 35.49 47.62 21.44
CA LEU H 81 34.89 46.75 20.42
C LEU H 81 34.96 45.29 20.84
N LEU H 82 36.14 44.84 21.27
CA LEU H 82 36.30 43.48 21.78
C LEU H 82 35.35 43.24 22.95
N ALA H 83 35.29 44.19 23.88
CA ALA H 83 34.40 44.06 25.03
C ALA H 83 32.95 43.89 24.59
N VAL H 84 32.52 44.70 23.61
CA VAL H 84 31.14 44.66 23.16
C VAL H 84 30.81 43.31 22.53
N VAL H 85 31.70 42.81 21.67
CA VAL H 85 31.44 41.51 21.05
C VAL H 85 31.39 40.40 22.10
N VAL H 86 32.36 40.40 23.02
CA VAL H 86 32.42 39.35 24.03
C VAL H 86 31.17 39.38 24.91
N SER H 87 30.77 40.58 25.34
CA SER H 87 29.60 40.71 26.19
C SER H 87 28.31 40.36 25.46
N GLY H 88 28.22 40.65 24.17
CA GLY H 88 27.06 40.20 23.40
C GLY H 88 27.01 38.69 23.29
N LEU H 89 28.16 38.05 23.09
CA LEU H 89 28.20 36.60 22.99
C LEU H 89 27.83 35.93 24.31
N ASN H 90 28.38 36.42 25.40
CA ASN H 90 28.06 35.84 26.71
C ASN H 90 26.72 36.32 27.24
N ARG H 91 26.11 37.32 26.60
CA ARG H 91 24.79 37.84 26.99
C ARG H 91 24.82 38.33 28.43
N CYS H 92 25.79 39.20 28.73
CA CYS H 92 25.90 39.85 30.03
C CYS H 92 25.41 41.28 29.88
N VAL H 93 24.31 41.60 30.56
CA VAL H 93 23.67 42.89 30.38
C VAL H 93 24.57 44.02 30.90
N TYR H 94 25.20 43.83 32.06
CA TYR H 94 26.02 44.89 32.63
C TYR H 94 27.11 45.33 31.66
N CYS H 95 27.91 44.38 31.19
CA CYS H 95 29.04 44.72 30.33
C CYS H 95 28.56 45.19 28.97
N ALA H 96 27.49 44.56 28.46
CA ALA H 96 26.91 45.00 27.20
C ALA H 96 26.54 46.48 27.26
N VAL H 97 25.76 46.87 28.27
CA VAL H 97 25.30 48.26 28.36
C VAL H 97 26.49 49.20 28.58
N SER H 98 27.31 48.92 29.59
CA SER H 98 28.36 49.88 29.95
C SER H 98 29.41 50.02 28.85
N HIS H 99 29.91 48.90 28.33
CA HIS H 99 30.92 49.00 27.29
C HIS H 99 30.34 49.32 25.93
N GLY H 100 29.04 49.16 25.72
CA GLY H 100 28.42 49.73 24.55
C GLY H 100 28.39 51.24 24.60
N ALA H 101 28.09 51.79 25.79
CA ALA H 101 28.23 53.24 25.97
C ALA H 101 29.67 53.68 25.71
N ALA H 102 30.64 52.94 26.24
CA ALA H 102 32.04 53.29 26.04
C ALA H 102 32.42 53.24 24.56
N LEU H 103 31.95 52.22 23.84
CA LEU H 103 32.27 52.09 22.42
C LEU H 103 31.59 53.18 21.60
N ARG H 104 30.33 53.53 21.94
CA ARG H 104 29.67 54.65 21.29
C ARG H 104 30.46 55.93 21.49
N GLU H 105 30.99 56.15 22.69
CA GLU H 105 31.78 57.35 22.94
C GLU H 105 33.07 57.35 22.14
N PHE H 106 33.85 56.27 22.24
CA PHE H 106 35.19 56.27 21.66
C PHE H 106 35.16 56.16 20.14
N SER H 107 34.12 55.55 19.58
CA SER H 107 34.02 55.42 18.13
C SER H 107 33.23 56.55 17.49
N GLY H 108 32.32 57.17 18.24
CA GLY H 108 31.44 58.18 17.66
C GLY H 108 30.45 57.65 16.65
N ASP H 109 30.26 56.33 16.59
CA ASP H 109 29.42 55.68 15.58
C ASP H 109 28.46 54.74 16.32
N ALA H 110 27.27 55.26 16.67
CA ALA H 110 26.30 54.45 17.40
C ALA H 110 25.81 53.27 16.57
N VAL H 111 25.66 53.46 15.26
CA VAL H 111 25.21 52.39 14.38
C VAL H 111 26.18 51.23 14.43
N LYS H 112 27.47 51.53 14.33
CA LYS H 112 28.51 50.50 14.40
C LYS H 112 28.48 49.80 15.74
N ALA H 113 28.28 50.54 16.83
CA ALA H 113 28.26 49.94 18.16
C ALA H 113 27.10 48.96 18.29
N ASP H 114 25.90 49.37 17.86
CA ASP H 114 24.74 48.46 17.94
C ASP H 114 24.97 47.22 17.07
N ALA H 115 25.52 47.40 15.87
CA ALA H 115 25.70 46.27 14.97
C ALA H 115 26.69 45.28 15.54
N VAL H 116 27.83 45.76 16.06
CA VAL H 116 28.79 44.83 16.63
C VAL H 116 28.23 44.23 17.92
N ALA H 117 27.36 44.95 18.64
CA ALA H 117 26.74 44.38 19.82
C ALA H 117 25.87 43.19 19.45
N VAL H 118 25.31 43.17 18.24
CA VAL H 118 24.45 42.06 17.87
C VAL H 118 25.24 41.04 17.03
N ASN H 119 25.82 41.49 15.92
CA ASN H 119 26.54 40.57 15.03
C ASN H 119 27.57 41.38 14.25
N TRP H 120 28.85 41.16 14.55
CA TRP H 120 29.90 41.89 13.86
C TRP H 120 29.95 41.59 12.36
N ARG H 121 29.43 40.44 11.93
CA ARG H 121 29.41 40.13 10.51
C ARG H 121 28.54 41.08 9.69
N GLN H 122 27.54 41.69 10.32
CA GLN H 122 26.59 42.56 9.65
C GLN H 122 26.86 44.03 9.93
N ALA H 123 28.10 44.36 10.26
CA ALA H 123 28.53 45.73 10.42
C ALA H 123 29.54 46.14 9.37
N GLU H 124 29.78 47.44 9.38
CA GLU H 124 30.78 48.15 8.58
C GLU H 124 32.07 48.24 9.40
N LEU H 125 32.92 47.24 9.17
CA LEU H 125 34.16 47.03 9.89
C LEU H 125 35.33 46.97 8.94
N SER H 126 36.45 47.50 9.40
CA SER H 126 37.68 47.28 8.64
C SER H 126 38.08 45.81 8.70
N GLU H 127 39.11 45.47 7.95
CA GLU H 127 39.61 44.10 7.97
C GLU H 127 40.38 43.81 9.24
N ARG H 128 41.04 44.83 9.82
CA ARG H 128 41.66 44.58 11.11
C ARG H 128 40.60 44.33 12.17
N GLU H 129 39.52 45.12 12.15
CA GLU H 129 38.43 44.93 13.09
C GLU H 129 37.73 43.59 12.86
N GLN H 130 37.56 43.19 11.59
CA GLN H 130 36.95 41.90 11.30
C GLN H 130 37.78 40.76 11.88
N ALA H 131 39.10 40.79 11.65
CA ALA H 131 39.97 39.75 12.20
C ALA H 131 39.88 39.73 13.72
N MET H 132 39.91 40.90 14.36
CA MET H 132 39.85 40.94 15.82
C MET H 132 38.52 40.40 16.33
N CYS H 133 37.42 40.69 15.61
CA CYS H 133 36.11 40.24 16.09
C CYS H 133 35.94 38.74 15.90
N ALA H 134 36.45 38.20 14.78
CA ALA H 134 36.41 36.76 14.59
C ALA H 134 37.24 36.05 15.65
N TYR H 135 38.42 36.59 15.97
CA TYR H 135 39.24 35.99 17.01
C TYR H 135 38.54 36.04 18.37
N ALA H 136 37.94 37.19 18.71
CA ALA H 136 37.24 37.29 19.99
C ALA H 136 36.09 36.29 20.06
N GLU H 137 35.32 36.15 18.98
CA GLU H 137 34.20 35.21 19.00
C GLU H 137 34.68 33.78 19.15
N LYS H 138 35.74 33.40 18.41
CA LYS H 138 36.24 32.04 18.52
C LYS H 138 36.78 31.75 19.92
N LEU H 139 37.54 32.69 20.49
CA LEU H 139 38.10 32.49 21.82
C LEU H 139 37.01 32.46 22.89
N THR H 140 35.90 33.17 22.67
CA THR H 140 34.81 33.16 23.64
C THR H 140 34.00 31.87 23.56
N LEU H 141 33.67 31.43 22.34
CA LEU H 141 32.73 30.32 22.19
C LEU H 141 33.41 28.96 22.08
N ARG H 142 34.62 28.88 21.54
CA ARG H 142 35.30 27.60 21.33
C ARG H 142 36.76 27.69 21.77
N PRO H 143 37.01 27.98 23.06
CA PRO H 143 38.40 28.16 23.50
C PRO H 143 39.27 26.93 23.32
N ALA H 144 38.69 25.73 23.31
CA ALA H 144 39.49 24.52 23.17
C ALA H 144 40.08 24.38 21.77
N GLU H 145 39.56 25.11 20.80
CA GLU H 145 39.97 24.96 19.40
C GLU H 145 41.00 25.99 18.96
N MET H 146 41.58 26.73 19.91
CA MET H 146 42.61 27.70 19.56
C MET H 146 43.84 27.00 19.02
N THR H 147 44.40 27.54 17.94
CA THR H 147 45.65 27.08 17.37
C THR H 147 46.53 28.29 17.11
N GLU H 148 47.81 28.03 16.82
CA GLU H 148 48.70 29.12 16.46
C GLU H 148 48.26 29.80 15.17
N ALA H 149 47.70 29.02 14.24
CA ALA H 149 47.27 29.57 12.96
C ALA H 149 46.22 30.65 13.13
N ASP H 150 45.43 30.58 14.20
CA ASP H 150 44.41 31.60 14.47
C ASP H 150 45.01 32.98 14.65
N LEU H 151 46.31 33.07 14.95
CA LEU H 151 46.97 34.36 15.08
C LEU H 151 47.29 34.99 13.72
N ALA H 152 47.25 34.20 12.64
CA ALA H 152 47.64 34.70 11.33
C ALA H 152 46.86 35.94 10.88
N PRO H 153 45.53 35.99 10.98
CA PRO H 153 44.84 37.24 10.61
C PRO H 153 45.25 38.41 11.47
N LEU H 154 45.40 38.21 12.79
CA LEU H 154 45.80 39.29 13.67
C LEU H 154 47.14 39.88 13.25
N ARG H 155 48.11 39.03 12.94
CA ARG H 155 49.38 39.52 12.45
C ARG H 155 49.24 40.16 11.08
N ALA H 156 48.30 39.68 10.26
CA ALA H 156 48.07 40.31 8.96
C ALA H 156 47.45 41.69 9.11
N ALA H 157 46.74 41.93 10.22
CA ALA H 157 46.13 43.22 10.48
C ALA H 157 47.09 44.21 11.11
N GLY H 158 48.37 43.87 11.25
CA GLY H 158 49.35 44.78 11.78
C GLY H 158 49.48 44.82 13.28
N LEU H 159 48.97 43.82 13.97
CA LEU H 159 49.06 43.78 15.43
C LEU H 159 50.40 43.17 15.83
N SER H 160 51.16 43.92 16.63
CA SER H 160 52.39 43.37 17.17
C SER H 160 52.07 42.27 18.18
N ASP H 161 53.11 41.52 18.56
CA ASP H 161 52.94 40.48 19.55
C ASP H 161 52.48 41.05 20.88
N GLU H 162 52.97 42.24 21.25
CA GLU H 162 52.50 42.90 22.46
C GLU H 162 51.02 43.25 22.35
N ALA H 163 50.60 43.78 21.19
CA ALA H 163 49.19 44.11 20.99
C ALA H 163 48.33 42.85 20.97
N ILE H 164 48.86 41.76 20.41
CA ILE H 164 48.13 40.49 20.41
C ILE H 164 47.97 39.99 21.83
N LEU H 165 49.04 40.09 22.64
CA LEU H 165 48.95 39.72 24.04
C LEU H 165 47.89 40.53 24.76
N GLU H 166 47.86 41.85 24.51
CA GLU H 166 46.84 42.69 25.14
C GLU H 166 45.43 42.31 24.69
N ALA H 167 45.26 42.02 23.40
CA ALA H 167 43.94 41.67 22.88
C ALA H 167 43.45 40.35 23.46
N VAL H 168 44.33 39.34 23.54
CA VAL H 168 43.96 38.08 24.17
C VAL H 168 43.60 38.32 25.63
N GLN H 169 44.39 39.15 26.32
CA GLN H 169 44.08 39.49 27.71
C GLN H 169 42.71 40.14 27.84
N VAL H 170 42.37 41.04 26.92
CA VAL H 170 41.08 41.73 26.99
C VAL H 170 39.93 40.77 26.75
N ILE H 171 40.05 39.93 25.72
CA ILE H 171 39.00 38.95 25.43
C ILE H 171 38.77 38.07 26.65
N ALA H 172 39.85 37.58 27.26
CA ALA H 172 39.70 36.72 28.42
C ALA H 172 39.16 37.49 29.62
N MET H 173 39.57 38.75 29.83
CA MET H 173 38.99 39.43 31.00
C MET H 173 37.51 39.63 30.80
N PHE H 174 37.08 39.90 29.58
CA PHE H 174 35.66 40.14 29.48
C PHE H 174 34.90 38.83 29.54
N ASN H 175 35.55 37.73 29.15
CA ASN H 175 34.96 36.43 29.45
C ASN H 175 34.83 36.22 30.95
N MET H 176 35.68 36.85 31.74
CA MET H 176 35.54 36.73 33.20
C MET H 176 34.48 37.70 33.74
N THR H 177 34.51 38.95 33.29
CA THR H 177 33.59 39.95 33.84
C THR H 177 32.15 39.63 33.47
N ASN H 178 31.91 39.12 32.25
CA ASN H 178 30.57 38.67 31.90
C ASN H 178 30.06 37.64 32.89
N ARG H 179 30.90 36.65 33.22
CA ARG H 179 30.49 35.58 34.12
C ARG H 179 30.24 36.11 35.52
N VAL H 180 31.12 36.99 36.00
CA VAL H 180 30.95 37.57 37.34
C VAL H 180 29.64 38.36 37.41
N SER H 181 29.44 39.28 36.46
CA SER H 181 28.28 40.16 36.51
C SER H 181 26.97 39.40 36.31
N SER H 182 26.96 38.39 35.43
CA SER H 182 25.74 37.63 35.20
C SER H 182 25.45 36.65 36.33
N ALA H 183 26.49 36.04 36.90
CA ALA H 183 26.29 35.09 37.99
C ALA H 183 25.74 35.78 39.23
N LEU H 184 26.18 37.01 39.49
CA LEU H 184 25.82 37.73 40.70
C LEU H 184 24.80 38.83 40.44
N GLY H 185 24.23 38.88 39.24
CA GLY H 185 23.13 39.78 38.96
C GLY H 185 23.45 41.26 39.03
N PHE H 186 24.59 41.68 38.48
CA PHE H 186 24.93 43.09 38.47
C PHE H 186 24.06 43.84 37.47
N VAL H 187 23.73 45.08 37.80
CA VAL H 187 22.81 45.90 37.01
C VAL H 187 23.54 47.15 36.58
N PRO H 188 23.55 47.50 35.29
CA PRO H 188 24.26 48.71 34.86
C PRO H 188 23.55 49.97 35.33
N ASN H 189 24.35 51.00 35.61
CA ASN H 189 23.78 52.26 36.04
C ASN H 189 22.91 52.85 34.93
N PRO H 190 21.80 53.51 35.28
CA PRO H 190 20.94 54.10 34.24
C PRO H 190 21.67 55.08 33.34
N GLU H 191 22.70 55.75 33.86
CA GLU H 191 23.43 56.74 33.06
C GLU H 191 24.02 56.12 31.80
N TYR H 192 24.45 54.86 31.87
CA TYR H 192 25.07 54.21 30.72
C TYR H 192 24.14 54.13 29.52
N HIS H 193 22.83 53.97 29.77
CA HIS H 193 21.89 53.81 28.66
C HIS H 193 21.80 55.07 27.80
N ILE H 194 21.94 56.24 28.41
CA ILE H 194 21.77 57.50 27.67
C ILE H 194 23.10 58.05 27.17
N GLN H 195 24.23 57.54 27.64
CA GLN H 195 25.51 58.15 27.31
C GLN H 195 25.74 58.00 25.81
N SER H 196 26.28 59.05 25.20
CA SER H 196 26.54 59.10 23.75
C SER H 196 25.19 58.86 23.08
N ARG H 197 25.07 57.91 22.15
CA ARG H 197 23.78 57.52 21.58
C ARG H 197 23.13 58.68 20.82
N ARG I 13 -5.72 13.10 18.82
CA ARG I 13 -5.49 14.48 19.23
C ARG I 13 -4.56 15.21 18.26
N LEU I 14 -5.18 15.97 17.35
CA LEU I 14 -4.47 16.72 16.32
C LEU I 14 -3.61 17.86 16.85
N SER I 15 -3.84 18.34 18.08
CA SER I 15 -3.15 19.54 18.54
C SER I 15 -3.07 19.58 20.06
N PHE I 16 -2.11 20.34 20.57
CA PHE I 16 -2.06 20.69 21.98
C PHE I 16 -3.04 21.79 22.36
N LEU I 17 -3.61 22.49 21.38
CA LEU I 17 -4.59 23.54 21.59
C LEU I 17 -5.96 23.08 21.13
N ALA I 18 -6.95 23.93 21.36
CA ALA I 18 -8.28 23.64 20.85
C ALA I 18 -8.26 23.64 19.33
N VAL I 19 -9.04 22.75 18.73
CA VAL I 19 -9.13 22.60 17.28
C VAL I 19 -10.52 23.06 16.85
N PRO I 20 -10.66 23.88 15.81
CA PRO I 20 -11.98 24.27 15.36
C PRO I 20 -12.75 23.07 14.84
N THR I 21 -14.05 23.03 15.15
CA THR I 21 -14.89 21.95 14.68
C THR I 21 -15.41 22.28 13.29
N GLU I 22 -16.18 21.36 12.71
CA GLU I 22 -16.82 21.66 11.42
C GLU I 22 -17.90 22.70 11.57
N ASP I 23 -18.29 22.95 12.81
CA ASP I 23 -19.42 23.80 13.15
C ASP I 23 -18.97 25.25 13.42
N ASN I 24 -17.88 25.43 14.18
CA ASN I 24 -17.41 26.75 14.64
C ASN I 24 -16.21 27.27 13.84
N ALA I 25 -15.75 26.56 12.82
CA ALA I 25 -14.58 26.99 12.08
C ALA I 25 -14.89 28.20 11.22
N HIS I 26 -13.85 29.00 10.95
CA HIS I 26 -13.94 30.08 9.98
C HIS I 26 -14.44 29.53 8.65
N GLU I 27 -15.23 30.33 7.92
CA GLU I 27 -15.83 29.81 6.69
C GLU I 27 -14.85 29.75 5.52
N GLY I 28 -13.71 30.43 5.63
CA GLY I 28 -12.72 30.36 4.57
C GLY I 28 -11.85 29.17 4.87
N VAL I 29 -11.73 28.85 6.16
CA VAL I 29 -11.12 27.59 6.55
C VAL I 29 -11.94 26.42 6.03
N LYS I 30 -13.28 26.51 6.11
CA LYS I 30 -14.12 25.44 5.58
C LYS I 30 -13.99 25.35 4.06
N LYS I 31 -13.87 26.50 3.39
CA LYS I 31 -13.70 26.46 1.94
C LYS I 31 -12.36 25.82 1.58
N LEU I 32 -11.33 26.10 2.37
CA LEU I 32 -10.03 25.47 2.13
C LEU I 32 -10.08 23.97 2.43
N TRP I 33 -10.82 23.58 3.46
CA TRP I 33 -11.02 22.16 3.73
C TRP I 33 -11.63 21.46 2.53
N SER I 34 -12.66 22.08 1.94
CA SER I 34 -13.31 21.46 0.80
C SER I 34 -12.36 21.41 -0.40
N LYS I 35 -11.54 22.43 -0.59
CA LYS I 35 -10.66 22.42 -1.76
C LYS I 35 -9.57 21.37 -1.57
N ALA I 36 -9.08 21.22 -0.33
CA ALA I 36 -8.09 20.20 -0.01
C ALA I 36 -8.66 18.81 -0.23
N GLU I 37 -9.90 18.57 0.18
CA GLU I 37 -10.49 17.25 -0.04
C GLU I 37 -10.72 17.00 -1.53
N ALA I 38 -11.09 18.05 -2.28
CA ALA I 38 -11.30 17.86 -3.71
C ALA I 38 -9.99 17.58 -4.43
N ASN I 39 -8.87 18.11 -3.94
CA ASN I 39 -7.63 17.92 -4.67
C ASN I 39 -6.78 16.75 -4.19
N MET I 40 -6.89 16.37 -2.91
CA MET I 40 -6.04 15.33 -2.36
C MET I 40 -6.80 14.16 -1.75
N GLY I 41 -8.11 14.26 -1.58
CA GLY I 41 -8.88 13.18 -1.00
C GLY I 41 -8.95 13.20 0.51
N PHE I 42 -8.31 14.16 1.16
CA PHE I 42 -8.36 14.30 2.61
C PHE I 42 -8.02 15.75 2.95
N VAL I 43 -8.18 16.10 4.22
CA VAL I 43 -7.89 17.44 4.72
C VAL I 43 -6.60 17.38 5.53
N PRO I 44 -5.55 18.10 5.12
CA PRO I 44 -4.33 18.14 5.92
C PRO I 44 -4.60 18.57 7.35
N ASN I 45 -4.02 17.83 8.31
CA ASN I 45 -4.29 18.09 9.71
C ASN I 45 -3.83 19.48 10.14
N VAL I 46 -2.83 20.05 9.44
CA VAL I 46 -2.41 21.42 9.77
C VAL I 46 -3.54 22.39 9.46
N PHE I 47 -4.30 22.14 8.38
CA PHE I 47 -5.42 22.99 8.02
C PHE I 47 -6.49 23.01 9.09
N ARG I 48 -6.57 21.95 9.91
CA ARG I 48 -7.49 21.91 11.04
C ARG I 48 -6.88 22.52 12.29
N ALA I 49 -5.63 22.16 12.60
CA ALA I 49 -5.04 22.54 13.88
C ALA I 49 -4.66 24.02 13.89
N GLN I 50 -3.90 24.47 12.89
CA GLN I 50 -3.42 25.84 12.88
C GLN I 50 -4.51 26.86 12.60
N ALA I 51 -5.70 26.41 12.19
CA ALA I 51 -6.79 27.29 11.81
C ALA I 51 -7.58 27.82 12.99
N LEU I 52 -7.11 27.60 14.22
CA LEU I 52 -7.83 28.12 15.38
C LEU I 52 -7.93 29.64 15.32
N ASN I 53 -6.88 30.30 14.84
CA ASN I 53 -6.92 31.74 14.54
C ASN I 53 -7.11 31.87 13.04
N GLY I 54 -8.36 32.04 12.62
CA GLY I 54 -8.76 31.98 11.23
C GLY I 54 -8.01 32.88 10.26
N GLU I 55 -8.05 34.19 10.50
CA GLU I 55 -7.47 35.13 9.55
C GLU I 55 -5.95 34.98 9.46
N GLN I 56 -5.31 34.77 10.60
CA GLN I 56 -3.87 34.53 10.60
C GLN I 56 -3.53 33.27 9.82
N PHE I 57 -4.31 32.20 10.02
CA PHE I 57 -4.06 30.97 9.28
C PHE I 57 -4.23 31.17 7.78
N LEU I 58 -5.27 31.93 7.38
CA LEU I 58 -5.51 32.11 5.95
C LEU I 58 -4.40 32.94 5.31
N ALA I 59 -3.91 33.97 6.00
CA ALA I 59 -2.78 34.73 5.47
C ALA I 59 -1.52 33.87 5.39
N TRP I 60 -1.27 33.09 6.45
CA TRP I 60 -0.13 32.17 6.42
C TRP I 60 -0.23 31.22 5.24
N TRP I 61 -1.42 30.68 4.98
CA TRP I 61 -1.58 29.73 3.90
C TRP I 61 -1.41 30.41 2.55
N ASN I 62 -1.92 31.62 2.39
CA ASN I 62 -1.69 32.37 1.16
C ASN I 62 -0.19 32.46 0.87
N TYR I 63 0.57 32.95 1.85
CA TYR I 63 2.01 33.10 1.63
C TYR I 63 2.70 31.75 1.41
N PHE I 64 2.41 30.77 2.27
CA PHE I 64 3.08 29.47 2.19
C PHE I 64 2.77 28.77 0.88
N ASN I 65 1.50 28.76 0.48
CA ASN I 65 1.12 28.13 -0.77
C ASN I 65 1.79 28.80 -1.96
N LEU I 66 1.83 30.13 -1.98
CA LEU I 66 2.51 30.80 -3.10
C LEU I 66 3.99 30.46 -3.11
N LEU I 67 4.62 30.41 -1.93
CA LEU I 67 6.06 30.27 -1.82
C LEU I 67 6.52 28.84 -2.12
N VAL I 68 5.79 27.85 -1.63
CA VAL I 68 6.24 26.46 -1.63
C VAL I 68 5.65 25.66 -2.78
N ASN I 69 4.36 25.86 -3.09
CA ASN I 69 3.66 25.00 -4.04
C ASN I 69 3.52 25.60 -5.43
N LYS I 70 3.17 26.88 -5.55
CA LYS I 70 2.91 27.47 -6.85
C LYS I 70 4.20 27.69 -7.61
N GLU I 71 4.06 28.18 -8.85
CA GLU I 71 5.19 28.31 -9.74
C GLU I 71 6.12 29.41 -9.26
N GLY I 72 7.42 29.20 -9.42
CA GLY I 72 8.40 30.16 -9.00
C GLY I 72 9.76 29.90 -9.61
N GLY I 73 10.79 30.49 -8.99
CA GLY I 73 12.14 30.37 -9.50
C GLY I 73 12.76 29.01 -9.27
N LEU I 74 12.20 28.22 -8.35
CA LEU I 74 12.68 26.87 -8.07
C LEU I 74 11.60 25.86 -8.40
N SER I 75 12.04 24.67 -8.83
CA SER I 75 11.13 23.56 -9.03
C SER I 75 10.53 23.09 -7.71
N ASN I 76 9.43 22.36 -7.81
CA ASN I 76 8.86 21.74 -6.62
C ASN I 76 9.84 20.78 -5.97
N ALA I 77 10.61 20.06 -6.78
CA ALA I 77 11.56 19.08 -6.23
C ALA I 77 12.62 19.75 -5.37
N GLU I 78 13.17 20.87 -5.82
CA GLU I 78 14.19 21.55 -5.04
C GLU I 78 13.62 22.13 -3.75
N ARG I 79 12.42 22.71 -3.83
CA ARG I 79 11.80 23.26 -2.62
C ARG I 79 11.52 22.16 -1.61
N GLU I 80 11.07 21.00 -2.08
CA GLU I 80 10.82 19.89 -1.17
C GLU I 80 12.12 19.30 -0.63
N LEU I 81 13.20 19.35 -1.41
CA LEU I 81 14.50 18.94 -0.89
C LEU I 81 14.93 19.83 0.26
N LEU I 82 14.84 21.15 0.08
CA LEU I 82 15.14 22.07 1.17
C LEU I 82 14.25 21.80 2.37
N ALA I 83 12.95 21.60 2.12
CA ALA I 83 12.00 21.32 3.19
C ALA I 83 12.40 20.08 3.98
N VAL I 84 12.77 19.01 3.27
CA VAL I 84 13.10 17.75 3.92
C VAL I 84 14.36 17.91 4.76
N VAL I 85 15.38 18.58 4.23
CA VAL I 85 16.61 18.77 5.00
C VAL I 85 16.33 19.57 6.26
N VAL I 86 15.58 20.67 6.12
CA VAL I 86 15.32 21.53 7.28
C VAL I 86 14.48 20.79 8.31
N SER I 87 13.45 20.07 7.88
CA SER I 87 12.58 19.36 8.80
C SER I 87 13.32 18.23 9.51
N GLY I 88 14.27 17.58 8.83
CA GLY I 88 15.11 16.61 9.51
C GLY I 88 16.01 17.25 10.54
N LEU I 89 16.56 18.43 10.22
CA LEU I 89 17.43 19.11 11.17
C LEU I 89 16.69 19.57 12.41
N ASN I 90 15.50 20.15 12.24
CA ASN I 90 14.72 20.60 13.40
C ASN I 90 13.93 19.48 14.06
N ARG I 91 13.89 18.28 13.47
CA ARG I 91 13.22 17.11 14.04
C ARG I 91 11.72 17.37 14.26
N CYS I 92 11.05 17.83 13.22
CA CYS I 92 9.61 18.03 13.23
C CYS I 92 8.94 16.91 12.46
N VAL I 93 8.14 16.09 13.15
CA VAL I 93 7.57 14.90 12.54
C VAL I 93 6.55 15.26 11.45
N TYR I 94 5.69 16.24 11.72
CA TYR I 94 4.65 16.60 10.75
C TYR I 94 5.26 16.95 9.40
N CYS I 95 6.17 17.92 9.39
CA CYS I 95 6.72 18.40 8.14
C CYS I 95 7.63 17.36 7.52
N ALA I 96 8.36 16.62 8.35
CA ALA I 96 9.19 15.53 7.84
C ALA I 96 8.35 14.55 7.03
N VAL I 97 7.26 14.07 7.61
CA VAL I 97 6.43 13.07 6.94
C VAL I 97 5.80 13.66 5.67
N SER I 98 5.13 14.81 5.80
CA SER I 98 4.36 15.34 4.67
C SER I 98 5.28 15.73 3.52
N HIS I 99 6.33 16.47 3.81
CA HIS I 99 7.22 16.91 2.74
C HIS I 99 8.17 15.81 2.29
N GLY I 100 8.34 14.74 3.07
CA GLY I 100 9.00 13.56 2.53
C GLY I 100 8.14 12.87 1.50
N ALA I 101 6.82 12.78 1.76
CA ALA I 101 5.91 12.30 0.73
C ALA I 101 5.99 13.17 -0.52
N ALA I 102 5.99 14.49 -0.32
CA ALA I 102 6.06 15.41 -1.46
C ALA I 102 7.37 15.24 -2.24
N LEU I 103 8.49 15.07 -1.53
CA LEU I 103 9.78 14.91 -2.20
C LEU I 103 9.85 13.58 -2.93
N ARG I 104 9.32 12.51 -2.34
CA ARG I 104 9.23 11.23 -3.03
C ARG I 104 8.44 11.36 -4.31
N GLU I 105 7.33 12.09 -4.27
CA GLU I 105 6.51 12.28 -5.46
C GLU I 105 7.25 13.08 -6.53
N PHE I 106 7.78 14.25 -6.16
CA PHE I 106 8.32 15.17 -7.15
C PHE I 106 9.66 14.70 -7.70
N SER I 107 10.44 13.95 -6.91
CA SER I 107 11.74 13.48 -7.37
C SER I 107 11.68 12.11 -8.02
N GLY I 108 10.69 11.29 -7.67
CA GLY I 108 10.64 9.93 -8.16
C GLY I 108 11.75 9.04 -7.65
N ASP I 109 12.49 9.46 -6.62
CA ASP I 109 13.63 8.73 -6.08
C ASP I 109 13.42 8.63 -4.57
N ALA I 110 12.73 7.58 -4.12
CA ALA I 110 12.44 7.43 -2.70
C ALA I 110 13.72 7.25 -1.89
N VAL I 111 14.71 6.57 -2.46
CA VAL I 111 15.98 6.37 -1.76
C VAL I 111 16.65 7.72 -1.48
N LYS I 112 16.68 8.59 -2.48
CA LYS I 112 17.28 9.91 -2.29
C LYS I 112 16.54 10.71 -1.23
N ALA I 113 15.20 10.64 -1.23
CA ALA I 113 14.42 11.37 -0.22
C ALA I 113 14.72 10.85 1.18
N ASP I 114 14.75 9.52 1.34
CA ASP I 114 15.06 8.94 2.63
C ASP I 114 16.46 9.33 3.08
N ALA I 115 17.42 9.35 2.16
CA ALA I 115 18.79 9.66 2.52
C ALA I 115 18.94 11.12 2.94
N VAL I 116 18.37 12.05 2.17
CA VAL I 116 18.51 13.45 2.51
C VAL I 116 17.73 13.78 3.78
N ALA I 117 16.65 13.04 4.07
CA ALA I 117 15.92 13.29 5.32
C ALA I 117 16.81 13.07 6.54
N VAL I 118 17.81 12.21 6.42
CA VAL I 118 18.68 11.89 7.54
C VAL I 118 19.98 12.68 7.40
N ASN I 119 20.68 12.51 6.27
CA ASN I 119 21.96 13.16 6.07
C ASN I 119 22.21 13.34 4.58
N TRP I 120 22.12 14.59 4.10
CA TRP I 120 22.37 14.86 2.69
C TRP I 120 23.80 14.54 2.28
N ARG I 121 24.74 14.53 3.23
CA ARG I 121 26.12 14.19 2.90
C ARG I 121 26.25 12.73 2.45
N GLN I 122 25.33 11.87 2.90
CA GLN I 122 25.34 10.45 2.58
C GLN I 122 24.28 10.08 1.55
N ALA I 123 23.90 11.04 0.71
CA ALA I 123 23.00 10.82 -0.41
C ALA I 123 23.75 11.03 -1.72
N GLU I 124 23.15 10.54 -2.80
CA GLU I 124 23.71 10.72 -4.14
C GLU I 124 23.10 11.99 -4.72
N LEU I 125 23.82 13.09 -4.61
CA LEU I 125 23.30 14.40 -4.97
C LEU I 125 24.16 15.05 -6.04
N SER I 126 23.51 15.85 -6.90
CA SER I 126 24.23 16.68 -7.84
C SER I 126 25.00 17.76 -7.09
N GLU I 127 25.78 18.55 -7.83
CA GLU I 127 26.56 19.60 -7.19
C GLU I 127 25.66 20.74 -6.72
N ARG I 128 24.59 20.99 -7.47
CA ARG I 128 23.61 21.98 -7.09
C ARG I 128 22.84 21.56 -5.84
N GLU I 129 22.43 20.29 -5.78
CA GLU I 129 21.73 19.79 -4.60
C GLU I 129 22.64 19.83 -3.37
N GLN I 130 23.92 19.49 -3.55
CA GLN I 130 24.85 19.54 -2.43
C GLN I 130 24.99 20.97 -1.91
N ALA I 131 25.15 21.93 -2.83
CA ALA I 131 25.27 23.32 -2.41
C ALA I 131 24.02 23.79 -1.67
N MET I 132 22.84 23.46 -2.22
CA MET I 132 21.59 23.89 -1.60
C MET I 132 21.41 23.28 -0.22
N CYS I 133 21.77 22.00 -0.06
CA CYS I 133 21.55 21.34 1.22
C CYS I 133 22.54 21.83 2.27
N ALA I 134 23.80 22.08 1.87
CA ALA I 134 24.75 22.66 2.81
C ALA I 134 24.30 24.03 3.26
N TYR I 135 23.83 24.86 2.32
CA TYR I 135 23.34 26.19 2.68
C TYR I 135 22.15 26.09 3.62
N ALA I 136 21.21 25.18 3.34
CA ALA I 136 20.05 25.02 4.21
C ALA I 136 20.47 24.61 5.61
N GLU I 137 21.40 23.66 5.71
CA GLU I 137 21.84 23.20 7.03
C GLU I 137 22.49 24.33 7.81
N LYS I 138 23.35 25.11 7.16
CA LYS I 138 23.98 26.23 7.86
C LYS I 138 22.95 27.26 8.29
N LEU I 139 21.99 27.57 7.42
CA LEU I 139 21.01 28.60 7.76
C LEU I 139 20.07 28.16 8.89
N THR I 140 19.78 26.86 9.00
CA THR I 140 18.94 26.42 10.12
C THR I 140 19.74 26.32 11.41
N LEU I 141 20.95 25.75 11.36
CA LEU I 141 21.67 25.43 12.59
C LEU I 141 22.57 26.57 13.07
N ARG I 142 23.10 27.39 12.16
CA ARG I 142 24.04 28.46 12.52
C ARG I 142 23.66 29.75 11.79
N PRO I 143 22.46 30.27 12.05
CA PRO I 143 22.02 31.48 11.31
C PRO I 143 22.88 32.71 11.56
N ALA I 144 23.51 32.81 12.74
CA ALA I 144 24.32 33.98 13.04
C ALA I 144 25.61 34.02 12.23
N GLU I 145 26.02 32.91 11.63
CA GLU I 145 27.29 32.81 10.93
C GLU I 145 27.15 32.98 9.43
N MET I 146 25.97 33.36 8.94
CA MET I 146 25.78 33.55 7.51
C MET I 146 26.62 34.74 7.04
N THR I 147 27.28 34.56 5.89
CA THR I 147 28.04 35.62 5.24
C THR I 147 27.68 35.69 3.77
N GLU I 148 28.11 36.76 3.12
CA GLU I 148 27.90 36.90 1.68
C GLU I 148 28.62 35.79 0.92
N ALA I 149 29.80 35.38 1.40
CA ALA I 149 30.57 34.34 0.72
C ALA I 149 29.79 33.04 0.65
N ASP I 150 28.89 32.79 1.62
CA ASP I 150 28.09 31.58 1.60
C ASP I 150 27.19 31.50 0.37
N LEU I 151 26.94 32.62 -0.30
CA LEU I 151 26.13 32.59 -1.51
C LEU I 151 26.92 32.12 -2.72
N ALA I 152 28.25 32.06 -2.64
CA ALA I 152 29.05 31.68 -3.79
C ALA I 152 28.70 30.30 -4.34
N PRO I 153 28.55 29.25 -3.54
CA PRO I 153 28.14 27.96 -4.13
C PRO I 153 26.80 28.01 -4.81
N LEU I 154 25.81 28.68 -4.20
CA LEU I 154 24.48 28.77 -4.81
C LEU I 154 24.54 29.40 -6.20
N ARG I 155 25.28 30.50 -6.33
CA ARG I 155 25.45 31.12 -7.64
C ARG I 155 26.27 30.23 -8.57
N ALA I 156 27.20 29.45 -8.03
CA ALA I 156 27.98 28.55 -8.87
C ALA I 156 27.10 27.43 -9.43
N ALA I 157 26.02 27.11 -8.74
CA ALA I 157 25.06 26.10 -9.19
C ALA I 157 24.05 26.66 -10.17
N GLY I 158 24.19 27.92 -10.58
CA GLY I 158 23.31 28.50 -11.58
C GLY I 158 22.03 29.11 -11.05
N LEU I 159 21.96 29.41 -9.77
CA LEU I 159 20.77 30.01 -9.18
C LEU I 159 20.81 31.53 -9.35
N SER I 160 19.77 32.08 -9.97
CA SER I 160 19.63 33.53 -10.08
C SER I 160 19.37 34.14 -8.71
N ASP I 161 19.45 35.48 -8.66
CA ASP I 161 19.13 36.18 -7.42
C ASP I 161 17.69 35.92 -6.98
N GLU I 162 16.77 35.83 -7.94
CA GLU I 162 15.39 35.49 -7.60
C GLU I 162 15.30 34.10 -7.02
N ALA I 163 16.00 33.14 -7.61
CA ALA I 163 15.99 31.78 -7.08
C ALA I 163 16.65 31.71 -5.71
N ILE I 164 17.69 32.52 -5.48
CA ILE I 164 18.32 32.54 -4.17
C ILE I 164 17.38 33.13 -3.13
N LEU I 165 16.68 34.21 -3.47
CA LEU I 165 15.70 34.78 -2.56
C LEU I 165 14.61 33.76 -2.22
N GLU I 166 14.14 33.03 -3.24
CA GLU I 166 13.13 32.01 -3.00
C GLU I 166 13.66 30.89 -2.11
N ALA I 167 14.90 30.45 -2.36
CA ALA I 167 15.46 29.36 -1.56
C ALA I 167 15.65 29.77 -0.10
N VAL I 168 16.16 30.99 0.12
CA VAL I 168 16.29 31.50 1.48
C VAL I 168 14.93 31.59 2.15
N GLN I 169 13.93 32.08 1.42
CA GLN I 169 12.56 32.12 1.95
C GLN I 169 12.07 30.74 2.32
N VAL I 170 12.36 29.74 1.50
CA VAL I 170 11.89 28.37 1.77
C VAL I 170 12.54 27.83 3.04
N ILE I 171 13.86 27.99 3.15
CA ILE I 171 14.56 27.51 4.33
C ILE I 171 14.01 28.17 5.59
N ALA I 172 13.82 29.50 5.55
CA ALA I 172 13.32 30.21 6.72
C ALA I 172 11.87 29.84 7.02
N MET I 173 11.06 29.64 5.98
CA MET I 173 9.66 29.29 6.18
C MET I 173 9.53 27.92 6.81
N PHE I 174 10.43 27.00 6.49
CA PHE I 174 10.35 25.71 7.15
C PHE I 174 10.97 25.76 8.53
N ASN I 175 11.94 26.64 8.77
CA ASN I 175 12.35 26.91 10.14
C ASN I 175 11.19 27.47 10.97
N MET I 176 10.22 28.11 10.33
CA MET I 176 9.05 28.59 11.05
C MET I 176 8.02 27.48 11.27
N THR I 177 7.68 26.75 10.20
CA THR I 177 6.63 25.73 10.32
C THR I 177 7.07 24.57 11.22
N ASN I 178 8.36 24.21 11.17
CA ASN I 178 8.88 23.21 12.10
C ASN I 178 8.58 23.62 13.53
N ARG I 179 8.86 24.89 13.85
CA ARG I 179 8.66 25.35 15.22
C ARG I 179 7.20 25.38 15.60
N VAL I 180 6.32 25.83 14.70
CA VAL I 180 4.89 25.85 15.01
C VAL I 180 4.39 24.43 15.28
N SER I 181 4.67 23.52 14.35
CA SER I 181 4.15 22.16 14.46
C SER I 181 4.75 21.42 15.64
N SER I 182 6.02 21.68 15.97
CA SER I 182 6.64 20.99 17.09
C SER I 182 6.15 21.55 18.41
N ALA I 183 5.97 22.86 18.50
CA ALA I 183 5.50 23.47 19.74
C ALA I 183 4.06 23.07 20.04
N LEU I 184 3.22 22.97 19.02
CA LEU I 184 1.80 22.73 19.25
C LEU I 184 1.36 21.31 18.97
N GLY I 185 2.29 20.40 18.74
CA GLY I 185 1.96 18.98 18.64
C GLY I 185 1.10 18.58 17.46
N PHE I 186 1.37 19.11 16.28
CA PHE I 186 0.61 18.71 15.10
C PHE I 186 1.00 17.31 14.66
N VAL I 187 0.04 16.57 14.13
CA VAL I 187 0.20 15.17 13.75
C VAL I 187 -0.05 15.04 12.28
N PRO I 188 0.88 14.46 11.51
CA PRO I 188 0.65 14.31 10.06
C PRO I 188 -0.41 13.27 9.78
N ASN I 189 -1.16 13.51 8.70
CA ASN I 189 -2.20 12.57 8.29
C ASN I 189 -1.58 11.22 7.93
N PRO I 190 -2.24 10.11 8.26
CA PRO I 190 -1.66 8.80 7.92
C PRO I 190 -1.40 8.61 6.44
N GLU I 191 -2.21 9.23 5.58
CA GLU I 191 -2.06 9.04 4.14
C GLU I 191 -0.66 9.41 3.66
N TYR I 192 -0.07 10.44 4.28
CA TYR I 192 1.23 10.91 3.86
C TYR I 192 2.28 9.81 3.90
N HIS I 193 2.14 8.86 4.84
CA HIS I 193 3.16 7.82 4.96
C HIS I 193 3.18 6.90 3.75
N ILE I 194 2.03 6.68 3.11
CA ILE I 194 1.93 5.71 2.02
C ILE I 194 1.97 6.35 0.63
N GLN I 195 2.04 7.68 0.53
CA GLN I 195 1.64 8.37 -0.70
C GLN I 195 2.44 7.93 -1.92
N SER I 196 3.76 7.76 -1.80
CA SER I 196 4.54 7.29 -2.93
C SER I 196 5.64 6.32 -2.48
N ARG I 197 5.22 5.26 -1.79
CA ARG I 197 6.12 4.18 -1.45
C ARG I 197 6.01 3.04 -2.46
N ARG J 13 29.13 1.67 -5.41
CA ARG J 13 30.14 2.13 -4.46
C ARG J 13 29.64 2.02 -3.03
N LEU J 14 29.94 0.88 -2.40
CA LEU J 14 29.47 0.56 -1.06
C LEU J 14 30.30 1.20 0.05
N SER J 15 31.52 1.66 -0.23
CA SER J 15 32.40 2.10 0.84
C SER J 15 33.39 3.12 0.31
N PHE J 16 33.92 3.94 1.24
CA PHE J 16 35.05 4.82 0.94
C PHE J 16 36.38 4.10 0.94
N LEU J 17 36.44 2.88 1.46
CA LEU J 17 37.64 2.08 1.48
C LEU J 17 37.49 0.91 0.52
N ALA J 18 38.58 0.16 0.36
CA ALA J 18 38.51 -1.05 -0.46
C ALA J 18 37.58 -2.06 0.18
N VAL J 19 36.85 -2.79 -0.65
CA VAL J 19 35.90 -3.81 -0.20
C VAL J 19 36.44 -5.17 -0.62
N PRO J 20 36.43 -6.16 0.26
CA PRO J 20 36.94 -7.49 -0.13
C PRO J 20 36.11 -8.12 -1.24
N THR J 21 36.81 -8.78 -2.16
CA THR J 21 36.19 -9.54 -3.25
C THR J 21 35.88 -10.94 -2.75
N GLU J 22 35.32 -11.79 -3.61
CA GLU J 22 35.11 -13.20 -3.27
C GLU J 22 36.46 -13.88 -3.21
N ASP J 23 37.46 -13.11 -3.65
CA ASP J 23 38.76 -13.55 -4.10
C ASP J 23 39.72 -13.60 -2.91
N ASN J 24 39.70 -12.54 -2.10
CA ASN J 24 40.51 -12.33 -0.92
C ASN J 24 39.72 -12.40 0.39
N ALA J 25 38.42 -12.69 0.34
CA ALA J 25 37.62 -12.62 1.55
C ALA J 25 37.93 -13.77 2.50
N HIS J 26 37.83 -13.48 3.80
CA HIS J 26 37.85 -14.50 4.82
C HIS J 26 36.68 -15.46 4.58
N GLU J 27 36.85 -16.73 4.89
CA GLU J 27 35.72 -17.65 4.73
C GLU J 27 34.64 -17.51 5.79
N GLY J 28 34.86 -16.70 6.80
CA GLY J 28 33.75 -16.51 7.69
C GLY J 28 32.93 -15.39 7.09
N VAL J 29 33.60 -14.50 6.36
CA VAL J 29 32.90 -13.43 5.63
C VAL J 29 32.02 -13.99 4.51
N LYS J 30 32.56 -14.87 3.66
CA LYS J 30 31.74 -15.42 2.58
C LYS J 30 30.65 -16.29 3.17
N LYS J 31 30.99 -16.96 4.27
CA LYS J 31 30.07 -17.89 4.88
C LYS J 31 28.84 -17.15 5.41
N LEU J 32 29.07 -15.97 5.98
CA LEU J 32 27.97 -15.10 6.36
C LEU J 32 27.29 -14.50 5.14
N TRP J 33 28.05 -14.23 4.08
CA TRP J 33 27.45 -13.72 2.84
C TRP J 33 26.41 -14.70 2.29
N SER J 34 26.78 -15.97 2.20
CA SER J 34 25.88 -17.00 1.68
C SER J 34 24.72 -17.22 2.64
N LYS J 35 24.97 -17.11 3.96
CA LYS J 35 23.86 -17.27 4.91
C LYS J 35 22.86 -16.12 4.79
N ALA J 36 23.36 -14.90 4.59
CA ALA J 36 22.48 -13.74 4.45
C ALA J 36 21.67 -13.80 3.17
N GLU J 37 22.29 -14.08 2.01
CA GLU J 37 21.41 -14.19 0.84
C GLU J 37 20.65 -15.51 0.77
N ALA J 38 20.92 -16.48 1.65
CA ALA J 38 19.97 -17.59 1.83
C ALA J 38 18.72 -17.13 2.58
N ASN J 39 18.86 -16.19 3.53
CA ASN J 39 17.73 -15.72 4.35
C ASN J 39 17.01 -14.45 3.92
N MET J 40 17.65 -13.48 3.29
CA MET J 40 16.93 -12.26 3.01
C MET J 40 16.85 -11.94 1.52
N GLY J 41 17.52 -12.68 0.67
CA GLY J 41 17.48 -12.42 -0.76
C GLY J 41 18.53 -11.43 -1.20
N PHE J 42 19.34 -10.93 -0.26
CA PHE J 42 20.44 -10.03 -0.55
C PHE J 42 21.43 -10.16 0.59
N VAL J 43 22.61 -9.60 0.39
CA VAL J 43 23.65 -9.58 1.43
C VAL J 43 23.80 -8.15 1.90
N PRO J 44 23.59 -7.86 3.19
CA PRO J 44 23.76 -6.49 3.69
C PRO J 44 25.10 -5.90 3.30
N ASN J 45 25.05 -4.65 2.81
CA ASN J 45 26.25 -4.00 2.31
C ASN J 45 27.31 -3.81 3.39
N VAL J 46 26.88 -3.76 4.66
CA VAL J 46 27.86 -3.68 5.75
C VAL J 46 28.70 -4.94 5.79
N PHE J 47 28.09 -6.10 5.51
CA PHE J 47 28.83 -7.36 5.50
C PHE J 47 29.93 -7.35 4.44
N ARG J 48 29.77 -6.55 3.40
CA ARG J 48 30.82 -6.42 2.39
C ARG J 48 31.83 -5.36 2.77
N ALA J 49 31.35 -4.18 3.19
CA ALA J 49 32.22 -3.04 3.40
C ALA J 49 33.09 -3.20 4.64
N GLN J 50 32.47 -3.51 5.79
CA GLN J 50 33.22 -3.58 7.03
C GLN J 50 34.12 -4.80 7.11
N ALA J 51 33.97 -5.76 6.20
CA ALA J 51 34.72 -7.01 6.26
C ALA J 51 36.13 -6.91 5.69
N LEU J 52 36.61 -5.71 5.37
CA LEU J 52 37.98 -5.58 4.85
C LEU J 52 39.00 -6.11 5.85
N ASN J 53 38.76 -5.90 7.14
CA ASN J 53 39.55 -6.50 8.21
C ASN J 53 38.76 -7.70 8.72
N GLY J 54 39.09 -8.89 8.20
CA GLY J 54 38.29 -10.07 8.39
C GLY J 54 37.93 -10.49 9.80
N GLU J 55 38.94 -10.78 10.62
CA GLU J 55 38.69 -11.30 11.97
C GLU J 55 38.06 -10.25 12.86
N GLN J 56 38.47 -8.98 12.71
CA GLN J 56 37.82 -7.91 13.45
C GLN J 56 36.35 -7.82 13.10
N PHE J 57 36.02 -7.93 11.80
CA PHE J 57 34.63 -7.91 11.38
C PHE J 57 33.87 -9.08 11.95
N LEU J 58 34.48 -10.27 11.97
CA LEU J 58 33.76 -11.45 12.46
C LEU J 58 33.49 -11.35 13.96
N ALA J 59 34.46 -10.84 14.73
CA ALA J 59 34.22 -10.64 16.16
C ALA J 59 33.15 -9.57 16.39
N TRP J 60 33.22 -8.47 15.63
CA TRP J 60 32.20 -7.44 15.72
C TRP J 60 30.82 -8.01 15.43
N TRP J 61 30.71 -8.84 14.38
CA TRP J 61 29.40 -9.39 14.03
C TRP J 61 28.91 -10.35 15.10
N ASN J 62 29.82 -11.16 15.65
CA ASN J 62 29.45 -12.02 16.78
C ASN J 62 28.79 -11.20 17.88
N TYR J 63 29.47 -10.15 18.33
CA TYR J 63 28.94 -9.33 19.42
C TYR J 63 27.63 -8.65 19.02
N PHE J 64 27.62 -8.00 17.85
CA PHE J 64 26.46 -7.23 17.41
C PHE J 64 25.23 -8.11 17.24
N ASN J 65 25.40 -9.26 16.59
CA ASN J 65 24.31 -10.20 16.40
C ASN J 65 23.78 -10.71 17.74
N LEU J 66 24.69 -11.05 18.66
CA LEU J 66 24.22 -11.52 19.97
C LEU J 66 23.45 -10.43 20.71
N LEU J 67 23.93 -9.19 20.62
CA LEU J 67 23.35 -8.10 21.41
C LEU J 67 22.03 -7.60 20.84
N VAL J 68 21.93 -7.44 19.53
CA VAL J 68 20.82 -6.72 18.91
C VAL J 68 19.76 -7.67 18.36
N ASN J 69 20.18 -8.78 17.74
CA ASN J 69 19.24 -9.64 17.01
C ASN J 69 18.82 -10.85 17.81
N LYS J 70 19.75 -11.55 18.45
CA LYS J 70 19.42 -12.79 19.15
C LYS J 70 18.68 -12.48 20.44
N GLU J 71 18.25 -13.53 21.12
CA GLU J 71 17.38 -13.38 22.29
C GLU J 71 18.13 -12.76 23.46
N GLY J 72 17.43 -11.92 24.21
CA GLY J 72 18.02 -11.28 25.36
C GLY J 72 16.96 -10.71 26.27
N GLY J 73 17.39 -9.79 27.13
CA GLY J 73 16.49 -9.19 28.11
C GLY J 73 15.49 -8.21 27.52
N LEU J 74 15.74 -7.74 26.29
CA LEU J 74 14.86 -6.80 25.63
C LEU J 74 14.25 -7.42 24.39
N SER J 75 13.03 -6.97 24.07
CA SER J 75 12.40 -7.40 22.83
C SER J 75 13.17 -6.86 21.64
N ASN J 76 12.97 -7.51 20.48
CA ASN J 76 13.56 -7.00 19.25
C ASN J 76 13.03 -5.62 18.92
N ALA J 77 11.74 -5.38 19.17
CA ALA J 77 11.14 -4.09 18.86
C ALA J 77 11.77 -2.99 19.69
N GLU J 78 12.02 -3.24 20.98
CA GLU J 78 12.62 -2.22 21.84
C GLU J 78 14.05 -1.90 21.41
N ARG J 79 14.82 -2.93 21.06
CA ARG J 79 16.19 -2.70 20.61
C ARG J 79 16.20 -1.92 19.29
N GLU J 80 15.27 -2.25 18.38
CA GLU J 80 15.21 -1.50 17.13
C GLU J 80 14.71 -0.08 17.36
N LEU J 81 13.86 0.13 18.37
CA LEU J 81 13.45 1.48 18.74
C LEU J 81 14.64 2.30 19.19
N LEU J 82 15.46 1.73 20.08
CA LEU J 82 16.68 2.40 20.51
C LEU J 82 17.59 2.70 19.33
N ALA J 83 17.76 1.71 18.44
CA ALA J 83 18.60 1.87 17.26
C ALA J 83 18.11 3.02 16.40
N VAL J 84 16.80 3.09 16.17
CA VAL J 84 16.23 4.11 15.31
C VAL J 84 16.43 5.49 15.92
N VAL J 85 16.19 5.62 17.22
CA VAL J 85 16.37 6.92 17.87
C VAL J 85 17.82 7.38 17.77
N VAL J 86 18.76 6.51 18.15
CA VAL J 86 20.15 6.91 18.18
C VAL J 86 20.68 7.21 16.78
N SER J 87 20.32 6.37 15.80
CA SER J 87 20.77 6.61 14.43
C SER J 87 20.18 7.89 13.85
N GLY J 88 18.93 8.21 14.22
CA GLY J 88 18.39 9.49 13.81
C GLY J 88 19.14 10.65 14.44
N LEU J 89 19.55 10.49 15.70
CA LEU J 89 20.30 11.55 16.37
C LEU J 89 21.66 11.77 15.72
N ASN J 90 22.37 10.68 15.43
CA ASN J 90 23.68 10.80 14.80
C ASN J 90 23.61 11.01 13.29
N ARG J 91 22.41 10.92 12.70
CA ARG J 91 22.20 11.16 11.27
C ARG J 91 23.04 10.22 10.41
N CYS J 92 22.91 8.93 10.67
CA CYS J 92 23.58 7.90 9.88
C CYS J 92 22.55 7.25 8.96
N VAL J 93 22.74 7.40 7.66
CA VAL J 93 21.73 6.94 6.70
C VAL J 93 21.62 5.42 6.72
N TYR J 94 22.75 4.71 6.76
CA TYR J 94 22.72 3.25 6.72
C TYR J 94 21.88 2.69 7.86
N CYS J 95 22.22 3.06 9.09
CA CYS J 95 21.55 2.46 10.24
C CYS J 95 20.12 2.94 10.35
N ALA J 96 19.88 4.23 10.03
CA ALA J 96 18.52 4.74 10.01
C ALA J 96 17.63 3.91 9.08
N VAL J 97 18.06 3.74 7.83
CA VAL J 97 17.24 3.02 6.85
C VAL J 97 17.06 1.56 7.26
N SER J 98 18.17 0.86 7.53
CA SER J 98 18.08 -0.58 7.78
C SER J 98 17.30 -0.88 9.06
N HIS J 99 17.61 -0.19 10.15
CA HIS J 99 16.92 -0.45 11.39
C HIS J 99 15.53 0.18 11.43
N GLY J 100 15.23 1.13 10.53
CA GLY J 100 13.85 1.54 10.36
C GLY J 100 13.02 0.45 9.70
N ALA J 101 13.60 -0.23 8.70
CA ALA J 101 12.94 -1.41 8.15
C ALA J 101 12.72 -2.46 9.24
N ALA J 102 13.75 -2.70 10.06
CA ALA J 102 13.62 -3.69 11.13
C ALA J 102 12.54 -3.29 12.13
N LEU J 103 12.47 -2.00 12.48
CA LEU J 103 11.46 -1.54 13.44
C LEU J 103 10.06 -1.62 12.85
N ARG J 104 9.91 -1.29 11.57
CA ARG J 104 8.62 -1.48 10.91
C ARG J 104 8.20 -2.93 10.96
N GLU J 105 9.14 -3.85 10.74
CA GLU J 105 8.80 -5.27 10.79
C GLU J 105 8.39 -5.70 12.20
N PHE J 106 9.22 -5.39 13.20
CA PHE J 106 8.99 -5.93 14.55
C PHE J 106 7.83 -5.24 15.25
N SER J 107 7.55 -3.98 14.93
CA SER J 107 6.46 -3.27 15.59
C SER J 107 5.14 -3.37 14.83
N GLY J 108 5.18 -3.59 13.52
CA GLY J 108 3.96 -3.56 12.73
C GLY J 108 3.28 -2.22 12.66
N ASP J 109 3.97 -1.15 13.04
CA ASP J 109 3.43 0.20 13.12
C ASP J 109 4.37 1.13 12.35
N ALA J 110 4.11 1.30 11.05
CA ALA J 110 4.97 2.15 10.24
C ALA J 110 4.90 3.62 10.69
N VAL J 111 3.72 4.06 11.14
CA VAL J 111 3.57 5.44 11.60
C VAL J 111 4.48 5.71 12.79
N LYS J 112 4.46 4.81 13.77
CA LYS J 112 5.29 4.98 14.97
C LYS J 112 6.77 4.96 14.62
N ALA J 113 7.18 4.06 13.72
CA ALA J 113 8.59 4.00 13.33
C ALA J 113 9.03 5.28 12.65
N ASP J 114 8.23 5.78 11.70
CA ASP J 114 8.57 7.01 11.02
C ASP J 114 8.64 8.19 11.99
N ALA J 115 7.70 8.23 12.95
CA ALA J 115 7.71 9.34 13.90
C ALA J 115 8.92 9.28 14.82
N VAL J 116 9.23 8.09 15.33
CA VAL J 116 10.36 7.92 16.25
C VAL J 116 11.69 8.18 15.54
N ALA J 117 11.77 7.91 14.24
CA ALA J 117 13.00 8.19 13.50
C ALA J 117 13.35 9.68 13.52
N VAL J 118 12.34 10.54 13.65
CA VAL J 118 12.54 11.98 13.62
C VAL J 118 12.55 12.53 15.05
N ASN J 119 11.46 12.29 15.80
CA ASN J 119 11.36 12.83 17.16
C ASN J 119 10.40 11.95 17.96
N TRP J 120 10.95 11.20 18.93
CA TRP J 120 10.13 10.35 19.77
C TRP J 120 9.15 11.16 20.63
N ARG J 121 9.44 12.44 20.88
CA ARG J 121 8.51 13.26 21.64
C ARG J 121 7.19 13.45 20.90
N GLN J 122 7.21 13.37 19.57
CA GLN J 122 6.02 13.57 18.75
C GLN J 122 5.48 12.25 18.20
N ALA J 123 5.77 11.15 18.88
CA ALA J 123 5.23 9.84 18.58
C ALA J 123 4.26 9.42 19.67
N GLU J 124 3.42 8.45 19.37
CA GLU J 124 2.48 7.94 20.36
C GLU J 124 3.17 6.74 20.98
N LEU J 125 3.79 6.95 22.13
CA LEU J 125 4.65 5.93 22.69
C LEU J 125 4.13 5.45 24.02
N SER J 126 4.41 4.18 24.31
CA SER J 126 4.13 3.77 25.66
C SER J 126 4.98 4.60 26.61
N GLU J 127 4.68 4.47 27.89
CA GLU J 127 5.36 5.27 28.90
C GLU J 127 6.76 4.71 29.18
N ARG J 128 6.89 3.37 29.08
CA ARG J 128 8.22 2.74 29.10
C ARG J 128 9.02 3.15 27.86
N GLU J 129 8.35 3.21 26.71
CA GLU J 129 9.03 3.64 25.49
C GLU J 129 9.53 5.08 25.62
N GLN J 130 8.72 5.94 26.25
CA GLN J 130 9.16 7.32 26.47
C GLN J 130 10.41 7.35 27.35
N ALA J 131 10.40 6.58 28.44
CA ALA J 131 11.58 6.55 29.31
C ALA J 131 12.81 6.08 28.55
N MET J 132 12.66 4.98 27.79
CA MET J 132 13.81 4.41 27.07
C MET J 132 14.35 5.36 26.00
N CYS J 133 13.46 6.06 25.30
CA CYS J 133 13.92 6.93 24.21
C CYS J 133 14.58 8.19 24.77
N ALA J 134 14.05 8.72 25.89
CA ALA J 134 14.71 9.84 26.54
C ALA J 134 16.10 9.44 27.01
N TYR J 135 16.22 8.23 27.58
CA TYR J 135 17.54 7.77 28.02
C TYR J 135 18.50 7.64 26.85
N ALA J 136 18.02 7.07 25.74
CA ALA J 136 18.88 6.93 24.56
C ALA J 136 19.33 8.29 24.05
N GLU J 137 18.43 9.27 24.01
CA GLU J 137 18.80 10.59 23.53
C GLU J 137 19.84 11.24 24.44
N LYS J 138 19.65 11.15 25.76
CA LYS J 138 20.63 11.75 26.65
C LYS J 138 21.99 11.06 26.55
N LEU J 139 22.00 9.72 26.47
CA LEU J 139 23.26 9.01 26.38
C LEU J 139 23.96 9.27 25.05
N THR J 140 23.19 9.55 23.99
CA THR J 140 23.80 9.86 22.71
C THR J 140 24.35 11.27 22.66
N LEU J 141 23.59 12.26 23.15
CA LEU J 141 23.96 13.66 22.97
C LEU J 141 24.80 14.23 24.10
N ARG J 142 24.61 13.76 25.32
CA ARG J 142 25.31 14.30 26.49
C ARG J 142 25.86 13.17 27.35
N PRO J 143 26.77 12.36 26.81
CA PRO J 143 27.28 11.22 27.59
C PRO J 143 28.03 11.65 28.83
N ALA J 144 28.63 12.84 28.84
CA ALA J 144 29.36 13.30 30.00
C ALA J 144 28.45 13.64 31.18
N GLU J 145 27.15 13.81 30.94
CA GLU J 145 26.22 14.26 31.96
C GLU J 145 25.40 13.13 32.57
N MET J 146 25.72 11.88 32.25
CA MET J 146 24.98 10.75 32.80
C MET J 146 25.14 10.66 34.32
N THR J 147 24.04 10.40 35.01
CA THR J 147 24.04 10.19 36.46
C THR J 147 23.24 8.93 36.78
N GLU J 148 23.35 8.50 38.03
CA GLU J 148 22.56 7.35 38.50
C GLU J 148 21.06 7.65 38.46
N ALA J 149 20.68 8.90 38.73
CA ALA J 149 19.26 9.27 38.73
C ALA J 149 18.63 9.04 37.37
N ASP J 150 19.41 9.10 36.28
CA ASP J 150 18.88 8.85 34.96
C ASP J 150 18.32 7.44 34.82
N LEU J 151 18.71 6.52 35.71
CA LEU J 151 18.17 5.16 35.67
C LEU J 151 16.79 5.06 36.30
N ALA J 152 16.36 6.07 37.05
CA ALA J 152 15.08 5.99 37.76
C ALA J 152 13.91 5.73 36.82
N PRO J 153 13.73 6.45 35.70
CA PRO J 153 12.62 6.10 34.80
C PRO J 153 12.71 4.69 34.26
N LEU J 154 13.90 4.24 33.87
CA LEU J 154 14.07 2.89 33.34
C LEU J 154 13.60 1.85 34.35
N ARG J 155 14.02 2.00 35.61
CA ARG J 155 13.54 1.09 36.64
C ARG J 155 12.05 1.28 36.92
N ALA J 156 11.54 2.51 36.73
CA ALA J 156 10.11 2.72 36.93
C ALA J 156 9.30 2.05 35.83
N ALA J 157 9.90 1.87 34.65
CA ALA J 157 9.24 1.21 33.53
C ALA J 157 9.34 -0.31 33.60
N GLY J 158 9.90 -0.85 34.68
CA GLY J 158 9.97 -2.29 34.84
C GLY J 158 11.18 -2.95 34.23
N LEU J 159 12.24 -2.20 33.93
CA LEU J 159 13.43 -2.77 33.33
C LEU J 159 14.32 -3.34 34.44
N SER J 160 14.64 -4.63 34.33
CA SER J 160 15.58 -5.25 35.24
C SER J 160 16.98 -4.70 35.03
N ASP J 161 17.88 -5.01 35.97
CA ASP J 161 19.28 -4.60 35.82
C ASP J 161 19.88 -5.20 34.56
N GLU J 162 19.54 -6.46 34.26
CA GLU J 162 20.00 -7.08 33.03
C GLU J 162 19.46 -6.36 31.80
N ALA J 163 18.17 -6.01 31.83
CA ALA J 163 17.58 -5.29 30.71
C ALA J 163 18.18 -3.90 30.57
N ILE J 164 18.50 -3.25 31.70
CA ILE J 164 19.12 -1.93 31.64
C ILE J 164 20.52 -2.03 31.04
N LEU J 165 21.29 -3.03 31.45
CA LEU J 165 22.61 -3.25 30.87
C LEU J 165 22.51 -3.51 29.38
N GLU J 166 21.53 -4.32 28.96
CA GLU J 166 21.34 -4.58 27.54
C GLU J 166 20.98 -3.31 26.78
N ALA J 167 20.10 -2.47 27.35
CA ALA J 167 19.70 -1.24 26.68
C ALA J 167 20.88 -0.27 26.56
N VAL J 168 21.66 -0.12 27.63
CA VAL J 168 22.84 0.74 27.57
C VAL J 168 23.81 0.23 26.51
N GLN J 169 24.02 -1.10 26.48
CA GLN J 169 24.88 -1.69 25.47
C GLN J 169 24.37 -1.39 24.07
N VAL J 170 23.05 -1.46 23.86
CA VAL J 170 22.49 -1.23 22.53
C VAL J 170 22.69 0.24 22.12
N ILE J 171 22.40 1.17 23.03
CA ILE J 171 22.56 2.59 22.72
C ILE J 171 24.02 2.88 22.35
N ALA J 172 24.95 2.38 23.16
CA ALA J 172 26.37 2.66 22.91
C ALA J 172 26.85 1.94 21.64
N MET J 173 26.35 0.73 21.39
CA MET J 173 26.74 0.00 20.20
C MET J 173 26.26 0.69 18.94
N PHE J 174 25.11 1.36 19.00
CA PHE J 174 24.69 2.10 17.82
C PHE J 174 25.39 3.45 17.73
N ASN J 175 25.79 4.04 18.86
CA ASN J 175 26.72 5.17 18.79
C ASN J 175 28.04 4.76 18.14
N MET J 176 28.39 3.49 18.20
CA MET J 176 29.59 3.01 17.51
C MET J 176 29.34 2.74 16.03
N THR J 177 28.24 2.02 15.72
CA THR J 177 27.98 1.63 14.33
C THR J 177 27.62 2.85 13.48
N ASN J 178 26.90 3.83 14.05
CA ASN J 178 26.64 5.08 13.33
C ASN J 178 27.95 5.73 12.89
N ARG J 179 28.91 5.82 13.80
CA ARG J 179 30.17 6.48 13.50
C ARG J 179 30.96 5.70 12.46
N VAL J 180 30.99 4.37 12.59
CA VAL J 180 31.69 3.55 11.60
C VAL J 180 31.07 3.73 10.22
N SER J 181 29.74 3.58 10.12
CA SER J 181 29.08 3.63 8.83
C SER J 181 29.15 5.02 8.20
N SER J 182 29.06 6.07 9.02
CA SER J 182 29.10 7.43 8.48
C SER J 182 30.52 7.84 8.09
N ALA J 183 31.52 7.38 8.83
CA ALA J 183 32.90 7.73 8.52
C ALA J 183 33.35 7.12 7.21
N LEU J 184 32.90 5.90 6.91
CA LEU J 184 33.39 5.15 5.76
C LEU J 184 32.38 5.09 4.60
N GLY J 185 31.30 5.87 4.67
CA GLY J 185 30.39 6.00 3.54
C GLY J 185 29.64 4.74 3.16
N PHE J 186 29.11 4.01 4.14
CA PHE J 186 28.33 2.81 3.86
C PHE J 186 26.96 3.19 3.29
N VAL J 187 26.45 2.35 2.40
CA VAL J 187 25.21 2.59 1.71
C VAL J 187 24.25 1.44 2.03
N PRO J 188 23.05 1.72 2.55
CA PRO J 188 22.10 0.64 2.83
C PRO J 188 21.54 0.05 1.54
N ASN J 189 21.26 -1.24 1.59
CA ASN J 189 20.69 -1.90 0.42
C ASN J 189 19.34 -1.28 0.07
N PRO J 190 19.04 -1.13 -1.22
CA PRO J 190 17.74 -0.52 -1.60
C PRO J 190 16.54 -1.25 -1.03
N GLU J 191 16.65 -2.56 -0.78
CA GLU J 191 15.53 -3.32 -0.26
C GLU J 191 15.04 -2.76 1.07
N TYR J 192 15.96 -2.26 1.90
CA TYR J 192 15.59 -1.77 3.22
C TYR J 192 14.58 -0.62 3.14
N HIS J 193 14.69 0.23 2.10
CA HIS J 193 13.78 1.36 2.01
C HIS J 193 12.34 0.91 1.79
N ILE J 194 12.16 -0.18 1.05
CA ILE J 194 10.83 -0.66 0.69
C ILE J 194 10.33 -1.74 1.64
N GLN J 195 11.21 -2.34 2.44
CA GLN J 195 10.87 -3.54 3.17
C GLN J 195 9.77 -3.30 4.19
N SER J 196 9.08 -4.39 4.54
CA SER J 196 8.02 -4.38 5.55
C SER J 196 7.04 -3.27 5.23
N ARG J 197 7.25 -2.09 5.82
CA ARG J 197 6.51 -0.90 5.46
C ARG J 197 5.00 -1.10 5.42
N PRO K 12 23.25 52.68 0.49
CA PRO K 12 23.59 52.45 -0.92
C PRO K 12 23.77 50.97 -1.29
N ARG K 13 24.00 50.11 -0.29
CA ARG K 13 24.03 48.66 -0.49
C ARG K 13 23.12 48.03 0.56
N LEU K 14 21.86 47.84 0.17
CA LEU K 14 20.82 47.33 1.05
C LEU K 14 20.77 45.80 1.13
N SER K 15 21.38 45.10 0.17
CA SER K 15 21.20 43.66 0.08
C SER K 15 22.39 43.03 -0.63
N PHE K 16 22.58 41.73 -0.38
CA PHE K 16 23.51 40.92 -1.15
C PHE K 16 22.97 40.55 -2.52
N LEU K 17 21.68 40.74 -2.75
CA LEU K 17 21.04 40.47 -4.03
C LEU K 17 20.66 41.77 -4.70
N ALA K 18 20.16 41.65 -5.93
CA ALA K 18 19.65 42.82 -6.63
C ALA K 18 18.44 43.39 -5.90
N VAL K 19 18.32 44.72 -5.93
CA VAL K 19 17.23 45.43 -5.28
C VAL K 19 16.35 46.03 -6.37
N PRO K 20 15.02 45.87 -6.29
CA PRO K 20 14.16 46.47 -7.32
C PRO K 20 14.19 47.98 -7.25
N THR K 21 14.21 48.61 -8.42
CA THR K 21 14.15 50.05 -8.51
C THR K 21 12.69 50.50 -8.61
N GLU K 22 12.49 51.81 -8.66
CA GLU K 22 11.14 52.29 -8.91
C GLU K 22 10.67 52.03 -10.33
N ASP K 23 11.59 51.63 -11.23
CA ASP K 23 11.20 51.36 -12.61
C ASP K 23 10.66 49.95 -12.77
N ASN K 24 11.30 48.98 -12.12
CA ASN K 24 10.96 47.57 -12.29
C ASN K 24 10.18 46.98 -11.12
N ALA K 25 9.84 47.78 -10.11
CA ALA K 25 9.19 47.24 -8.93
C ALA K 25 7.75 46.85 -9.23
N HIS K 26 7.28 45.84 -8.49
CA HIS K 26 5.87 45.48 -8.49
C HIS K 26 5.02 46.69 -8.10
N GLU K 27 3.77 46.67 -8.57
CA GLU K 27 2.81 47.77 -8.42
C GLU K 27 2.63 48.02 -6.94
N GLY K 28 2.28 46.93 -6.25
CA GLY K 28 1.97 46.97 -4.85
C GLY K 28 3.18 47.18 -3.99
N VAL K 29 4.35 46.77 -4.47
CA VAL K 29 5.56 47.15 -3.77
C VAL K 29 5.71 48.65 -3.76
N LYS K 30 5.44 49.30 -4.91
CA LYS K 30 5.52 50.76 -4.96
C LYS K 30 4.46 51.42 -4.09
N LYS K 31 3.26 50.83 -4.05
CA LYS K 31 2.21 51.38 -3.20
C LYS K 31 2.57 51.25 -1.72
N LEU K 32 3.20 50.13 -1.34
CA LEU K 32 3.64 49.99 0.04
C LEU K 32 4.77 50.96 0.35
N TRP K 33 5.66 51.20 -0.62
CA TRP K 33 6.69 52.22 -0.45
C TRP K 33 6.06 53.59 -0.19
N SER K 34 5.03 53.92 -0.95
CA SER K 34 4.38 55.23 -0.78
C SER K 34 3.68 55.32 0.58
N LYS K 35 3.08 54.22 1.04
CA LYS K 35 2.39 54.24 2.32
C LYS K 35 3.39 54.34 3.47
N ALA K 36 4.53 53.65 3.36
CA ALA K 36 5.58 53.77 4.38
C ALA K 36 6.18 55.17 4.38
N GLU K 37 6.41 55.74 3.20
CA GLU K 37 6.85 57.13 3.06
C GLU K 37 5.98 58.05 3.88
N ALA K 38 4.67 57.92 3.62
CA ALA K 38 3.69 58.81 4.22
C ALA K 38 3.55 58.60 5.72
N ASN K 39 3.75 57.38 6.21
CA ASN K 39 3.43 57.16 7.62
C ASN K 39 4.64 57.26 8.54
N MET K 40 5.86 56.96 8.08
CA MET K 40 7.00 57.02 8.99
C MET K 40 8.13 57.94 8.53
N GLY K 41 8.05 58.49 7.31
CA GLY K 41 9.08 59.39 6.82
C GLY K 41 10.22 58.73 6.10
N PHE K 42 10.23 57.40 5.98
CA PHE K 42 11.24 56.67 5.24
C PHE K 42 10.63 55.36 4.82
N VAL K 43 11.36 54.62 3.98
CA VAL K 43 10.92 53.31 3.52
C VAL K 43 11.78 52.27 4.21
N PRO K 44 11.19 51.36 4.99
CA PRO K 44 11.99 50.29 5.61
C PRO K 44 12.80 49.54 4.57
N ASN K 45 14.09 49.34 4.88
CA ASN K 45 14.98 48.72 3.92
C ASN K 45 14.54 47.30 3.55
N VAL K 46 13.80 46.64 4.43
CA VAL K 46 13.27 45.32 4.08
C VAL K 46 12.28 45.45 2.93
N PHE K 47 11.48 46.51 2.93
CA PHE K 47 10.50 46.72 1.86
C PHE K 47 11.17 46.91 0.51
N ARG K 48 12.41 47.38 0.49
CA ARG K 48 13.16 47.52 -0.76
C ARG K 48 13.89 46.23 -1.11
N ALA K 49 14.57 45.61 -0.15
CA ALA K 49 15.44 44.48 -0.44
C ALA K 49 14.63 43.21 -0.72
N GLN K 50 13.71 42.86 0.19
CA GLN K 50 12.99 41.60 0.05
C GLN K 50 11.97 41.62 -1.08
N ALA K 51 11.67 42.80 -1.64
CA ALA K 51 10.64 42.94 -2.65
C ALA K 51 11.09 42.56 -4.04
N LEU K 52 12.28 41.96 -4.19
CA LEU K 52 12.74 41.56 -5.51
C LEU K 52 11.78 40.55 -6.15
N ASN K 53 11.20 39.67 -5.34
CA ASN K 53 10.13 38.77 -5.78
C ASN K 53 8.80 39.37 -5.33
N GLY K 54 8.15 40.08 -6.24
CA GLY K 54 6.98 40.88 -5.92
C GLY K 54 5.84 40.17 -5.20
N GLU K 55 5.27 39.15 -5.82
CA GLU K 55 4.09 38.50 -5.24
C GLU K 55 4.45 37.77 -3.95
N GLN K 56 5.61 37.13 -3.91
CA GLN K 56 6.04 36.46 -2.69
C GLN K 56 6.21 37.46 -1.56
N PHE K 57 6.84 38.60 -1.84
CA PHE K 57 7.01 39.62 -0.81
C PHE K 57 5.67 40.17 -0.35
N LEU K 58 4.73 40.36 -1.26
CA LEU K 58 3.44 40.93 -0.88
C LEU K 58 2.64 39.96 -0.01
N ALA K 59 2.65 38.68 -0.34
CA ALA K 59 1.99 37.70 0.51
C ALA K 59 2.66 37.60 1.87
N TRP K 60 4.00 37.58 1.88
CA TRP K 60 4.73 37.59 3.15
C TRP K 60 4.35 38.78 3.99
N TRP K 61 4.26 39.97 3.38
CA TRP K 61 3.95 41.17 4.14
C TRP K 61 2.52 41.14 4.66
N ASN K 62 1.58 40.65 3.85
CA ASN K 62 0.22 40.48 4.34
C ASN K 62 0.20 39.67 5.63
N TYR K 63 0.84 38.50 5.60
CA TYR K 63 0.86 37.63 6.78
C TYR K 63 1.58 38.31 7.95
N PHE K 64 2.78 38.85 7.70
CA PHE K 64 3.58 39.42 8.77
C PHE K 64 2.88 40.61 9.42
N ASN K 65 2.30 41.50 8.60
CA ASN K 65 1.59 42.66 9.11
C ASN K 65 0.40 42.23 9.95
N LEU K 66 -0.38 41.25 9.48
CA LEU K 66 -1.51 40.81 10.29
C LEU K 66 -1.04 40.22 11.61
N LEU K 67 0.04 39.44 11.58
CA LEU K 67 0.46 38.70 12.78
C LEU K 67 1.14 39.59 13.80
N VAL K 68 2.00 40.50 13.37
CA VAL K 68 2.90 41.22 14.27
C VAL K 68 2.38 42.61 14.59
N ASN K 69 1.83 43.31 13.60
CA ASN K 69 1.47 44.71 13.77
C ASN K 69 -0.02 44.93 14.03
N LYS K 70 -0.89 44.24 13.28
CA LYS K 70 -2.31 44.49 13.43
C LYS K 70 -2.83 43.85 14.73
N GLU K 71 -4.11 44.08 15.00
CA GLU K 71 -4.69 43.68 16.27
C GLU K 71 -4.84 42.16 16.34
N GLY K 72 -4.61 41.61 17.53
CA GLY K 72 -4.72 40.19 17.75
C GLY K 72 -4.83 39.87 19.22
N GLY K 73 -4.53 38.61 19.55
CA GLY K 73 -4.63 38.15 20.92
C GLY K 73 -3.55 38.67 21.84
N LEU K 74 -2.46 39.19 21.30
CA LEU K 74 -1.35 39.70 22.08
C LEU K 74 -1.20 41.20 21.86
N SER K 75 -0.74 41.88 22.89
CA SER K 75 -0.40 43.30 22.77
C SER K 75 0.78 43.48 21.83
N ASN K 76 0.91 44.72 21.32
CA ASN K 76 2.09 45.05 20.52
C ASN K 76 3.36 44.91 21.36
N ALA K 77 3.29 45.28 22.64
CA ALA K 77 4.45 45.21 23.50
C ALA K 77 4.93 43.77 23.67
N GLU K 78 4.00 42.83 23.87
CA GLU K 78 4.38 41.44 24.06
C GLU K 78 4.98 40.86 22.78
N ARG K 79 4.37 41.16 21.63
CA ARG K 79 4.90 40.67 20.36
C ARG K 79 6.29 41.23 20.08
N GLU K 80 6.50 42.52 20.38
CA GLU K 80 7.82 43.09 20.17
C GLU K 80 8.84 42.57 21.18
N LEU K 81 8.39 42.21 22.39
CA LEU K 81 9.28 41.55 23.34
C LEU K 81 9.75 40.21 22.78
N LEU K 82 8.83 39.42 22.26
CA LEU K 82 9.19 38.17 21.60
C LEU K 82 10.16 38.41 20.45
N ALA K 83 9.86 39.41 19.62
CA ALA K 83 10.71 39.74 18.48
C ALA K 83 12.14 40.06 18.93
N VAL K 84 12.26 40.90 19.97
CA VAL K 84 13.57 41.33 20.44
C VAL K 84 14.36 40.15 21.00
N VAL K 85 13.70 39.30 21.81
CA VAL K 85 14.40 38.15 22.38
C VAL K 85 14.90 37.23 21.27
N VAL K 86 14.03 36.90 20.32
CA VAL K 86 14.42 35.98 19.25
C VAL K 86 15.53 36.59 18.40
N SER K 87 15.41 37.88 18.07
CA SER K 87 16.41 38.53 17.23
C SER K 87 17.77 38.61 17.93
N GLY K 88 17.77 38.80 19.26
CA GLY K 88 19.01 38.74 20.00
C GLY K 88 19.62 37.34 19.98
N LEU K 89 18.78 36.31 20.10
CA LEU K 89 19.29 34.94 20.08
C LEU K 89 19.88 34.59 18.73
N ASN K 90 19.18 34.92 17.65
CA ASN K 90 19.67 34.61 16.31
C ASN K 90 20.71 35.60 15.81
N ARG K 91 20.92 36.71 16.54
CA ARG K 91 21.94 37.70 16.19
C ARG K 91 21.71 38.27 14.79
N CYS K 92 20.49 38.76 14.57
CA CYS K 92 20.12 39.43 13.33
C CYS K 92 20.07 40.93 13.59
N VAL K 93 20.97 41.68 12.93
CA VAL K 93 21.11 43.10 13.24
C VAL K 93 19.85 43.87 12.83
N TYR K 94 19.31 43.56 11.64
CA TYR K 94 18.13 44.28 11.16
C TYR K 94 16.97 44.17 12.15
N CYS K 95 16.59 42.94 12.49
CA CYS K 95 15.42 42.78 13.34
C CYS K 95 15.71 43.26 14.75
N ALA K 96 16.94 43.05 15.25
CA ALA K 96 17.30 43.56 16.56
C ALA K 96 17.09 45.07 16.63
N VAL K 97 17.65 45.80 15.67
CA VAL K 97 17.55 47.26 15.70
C VAL K 97 16.10 47.71 15.55
N SER K 98 15.42 47.23 14.51
CA SER K 98 14.08 47.75 14.22
C SER K 98 13.08 47.39 15.30
N HIS K 99 13.05 46.13 15.72
CA HIS K 99 12.09 45.75 16.74
C HIS K 99 12.53 46.16 18.14
N GLY K 100 13.81 46.51 18.34
CA GLY K 100 14.17 47.18 19.57
C GLY K 100 13.61 48.58 19.63
N ALA K 101 13.65 49.30 18.50
CA ALA K 101 12.96 50.59 18.43
C ALA K 101 11.47 50.42 18.70
N ALA K 102 10.86 49.40 18.09
CA ALA K 102 9.43 49.16 18.31
C ALA K 102 9.13 48.84 19.78
N LEU K 103 9.98 48.04 20.42
CA LEU K 103 9.77 47.67 21.81
C LEU K 103 9.96 48.88 22.73
N ARG K 104 10.96 49.72 22.43
CA ARG K 104 11.11 50.97 23.17
C ARG K 104 9.87 51.83 23.06
N GLU K 105 9.29 51.91 21.86
CA GLU K 105 8.08 52.71 21.69
C GLU K 105 6.92 52.14 22.48
N PHE K 106 6.62 50.85 22.29
CA PHE K 106 5.41 50.28 22.85
C PHE K 106 5.51 50.06 24.36
N SER K 107 6.72 49.85 24.88
CA SER K 107 6.87 49.61 26.32
C SER K 107 7.17 50.89 27.09
N GLY K 108 7.74 51.90 26.43
CA GLY K 108 8.16 53.09 27.15
C GLY K 108 9.30 52.90 28.12
N ASP K 109 10.00 51.76 28.03
CA ASP K 109 11.07 51.42 28.97
C ASP K 109 12.30 51.01 28.15
N ALA K 110 13.16 52.00 27.84
CA ALA K 110 14.36 51.72 27.06
C ALA K 110 15.30 50.80 27.82
N VAL K 111 15.38 50.94 29.15
CA VAL K 111 16.25 50.07 29.94
C VAL K 111 15.79 48.62 29.82
N LYS K 112 14.49 48.39 29.97
CA LYS K 112 13.96 47.03 29.85
C LYS K 112 14.17 46.47 28.46
N ALA K 113 13.98 47.29 27.43
CA ALA K 113 14.18 46.82 26.06
C ALA K 113 15.65 46.44 25.82
N ASP K 114 16.57 47.30 26.26
CA ASP K 114 17.99 47.01 26.11
C ASP K 114 18.37 45.74 26.88
N ALA K 115 17.78 45.56 28.07
CA ALA K 115 18.11 44.39 28.87
C ALA K 115 17.61 43.10 28.23
N VAL K 116 16.35 43.10 27.76
CA VAL K 116 15.82 41.89 27.14
C VAL K 116 16.54 41.61 25.82
N ALA K 117 17.05 42.65 25.15
CA ALA K 117 17.79 42.43 23.91
C ALA K 117 19.03 41.58 24.15
N VAL K 118 19.59 41.62 25.36
CA VAL K 118 20.80 40.89 25.69
C VAL K 118 20.46 39.60 26.42
N ASN K 119 19.76 39.72 27.55
CA ASN K 119 19.42 38.56 28.36
C ASN K 119 18.18 38.89 29.18
N TRP K 120 17.06 38.26 28.85
CA TRP K 120 15.83 38.49 29.59
C TRP K 120 15.94 38.06 31.04
N ARG K 121 16.86 37.14 31.35
CA ARG K 121 17.05 36.75 32.75
C ARG K 121 17.56 37.91 33.59
N GLN K 122 18.27 38.85 32.97
CA GLN K 122 18.86 40.00 33.64
C GLN K 122 18.07 41.27 33.37
N ALA K 123 16.80 41.09 33.05
CA ALA K 123 15.86 42.18 32.94
C ALA K 123 14.86 42.12 34.07
N GLU K 124 14.19 43.24 34.19
CA GLU K 124 13.23 43.57 35.22
C GLU K 124 11.87 43.18 34.65
N LEU K 125 11.44 41.93 34.80
CA LEU K 125 10.27 41.43 34.11
C LEU K 125 9.20 40.86 35.04
N SER K 126 7.95 41.03 34.61
CA SER K 126 6.81 40.34 35.21
C SER K 126 6.89 38.84 34.94
N GLU K 127 5.92 38.11 35.50
CA GLU K 127 5.87 36.67 35.29
C GLU K 127 5.32 36.26 33.94
N ARG K 128 4.37 37.00 33.40
CA ARG K 128 3.93 36.65 32.06
C ARG K 128 5.09 36.84 31.08
N GLU K 129 5.85 37.93 31.26
CA GLU K 129 7.01 38.20 30.43
C GLU K 129 8.11 37.16 30.60
N GLN K 130 8.39 36.73 31.84
CA GLN K 130 9.42 35.72 32.05
C GLN K 130 9.05 34.40 31.37
N ALA K 131 7.81 33.96 31.56
CA ALA K 131 7.35 32.73 30.92
C ALA K 131 7.45 32.83 29.40
N MET K 132 6.99 33.96 28.85
CA MET K 132 6.99 34.13 27.39
C MET K 132 8.41 34.13 26.84
N CYS K 133 9.34 34.78 27.53
CA CYS K 133 10.71 34.87 27.02
C CYS K 133 11.44 33.55 27.13
N ALA K 134 11.20 32.81 28.24
CA ALA K 134 11.78 31.47 28.35
C ALA K 134 11.27 30.56 27.24
N TYR K 135 9.96 30.63 26.96
CA TYR K 135 9.39 29.82 25.88
C TYR K 135 10.00 30.20 24.55
N ALA K 136 10.13 31.50 24.27
CA ALA K 136 10.71 31.95 23.02
C ALA K 136 12.14 31.46 22.87
N GLU K 137 12.93 31.54 23.95
CA GLU K 137 14.32 31.09 23.89
C GLU K 137 14.40 29.59 23.61
N LYS K 138 13.58 28.78 24.30
CA LYS K 138 13.63 27.35 24.05
C LYS K 138 13.20 27.02 22.63
N LEU K 139 12.15 27.68 22.13
CA LEU K 139 11.67 27.40 20.78
C LEU K 139 12.66 27.85 19.72
N THR K 140 13.43 28.90 20.00
CA THR K 140 14.42 29.38 19.04
C THR K 140 15.66 28.48 19.04
N LEU K 141 16.17 28.13 20.22
CA LEU K 141 17.43 27.43 20.31
C LEU K 141 17.30 25.91 20.32
N ARG K 142 16.20 25.36 20.85
CA ARG K 142 16.02 23.93 20.98
C ARG K 142 14.63 23.51 20.51
N PRO K 143 14.28 23.77 19.25
CA PRO K 143 12.92 23.45 18.79
C PRO K 143 12.57 21.97 18.85
N ALA K 144 13.56 21.08 18.73
CA ALA K 144 13.28 19.65 18.77
C ALA K 144 12.83 19.15 20.14
N GLU K 145 13.02 19.94 21.18
CA GLU K 145 12.75 19.53 22.55
C GLU K 145 11.41 20.03 23.08
N MET K 146 10.55 20.58 22.20
CA MET K 146 9.25 21.08 22.63
C MET K 146 8.36 19.94 23.12
N THR K 147 7.68 20.17 24.24
CA THR K 147 6.69 19.25 24.78
C THR K 147 5.42 20.01 25.13
N GLU K 148 4.35 19.26 25.39
CA GLU K 148 3.11 19.88 25.83
C GLU K 148 3.30 20.58 27.18
N ALA K 149 4.13 20.00 28.05
CA ALA K 149 4.36 20.59 29.36
C ALA K 149 4.94 21.99 29.25
N ASP K 150 5.68 22.28 28.18
CA ASP K 150 6.24 23.62 27.98
C ASP K 150 5.16 24.68 27.87
N LEU K 151 3.92 24.30 27.57
CA LEU K 151 2.83 25.26 27.50
C LEU K 151 2.30 25.64 28.88
N ALA K 152 2.61 24.85 29.91
CA ALA K 152 2.04 25.10 31.24
C ALA K 152 2.36 26.49 31.77
N PRO K 153 3.60 26.98 31.74
CA PRO K 153 3.83 28.37 32.21
C PRO K 153 3.05 29.40 31.42
N LEU K 154 2.99 29.24 30.09
CA LEU K 154 2.22 30.18 29.26
C LEU K 154 0.78 30.23 29.70
N ARG K 155 0.16 29.06 29.91
CA ARG K 155 -1.21 29.03 30.40
C ARG K 155 -1.29 29.53 31.84
N ALA K 156 -0.21 29.35 32.63
CA ALA K 156 -0.22 29.85 33.99
C ALA K 156 -0.18 31.38 34.02
N ALA K 157 0.37 31.99 32.98
CA ALA K 157 0.43 33.45 32.88
C ALA K 157 -0.86 34.05 32.32
N GLY K 158 -1.89 33.23 32.13
CA GLY K 158 -3.17 33.70 31.65
C GLY K 158 -3.33 33.79 30.16
N LEU K 159 -2.48 33.11 29.39
CA LEU K 159 -2.57 33.15 27.94
C LEU K 159 -3.59 32.12 27.46
N SER K 160 -4.58 32.59 26.69
CA SER K 160 -5.54 31.70 26.07
C SER K 160 -4.88 30.87 24.98
N ASP K 161 -5.61 29.85 24.50
CA ASP K 161 -5.10 29.03 23.41
C ASP K 161 -4.86 29.86 22.16
N GLU K 162 -5.75 30.82 21.88
CA GLU K 162 -5.55 31.71 20.73
C GLU K 162 -4.29 32.54 20.91
N ALA K 163 -4.09 33.09 22.11
CA ALA K 163 -2.89 33.87 22.38
C ALA K 163 -1.64 33.01 22.29
N ILE K 164 -1.73 31.74 22.69
CA ILE K 164 -0.59 30.84 22.57
C ILE K 164 -0.26 30.58 21.11
N LEU K 165 -1.29 30.36 20.28
CA LEU K 165 -1.06 30.17 18.86
C LEU K 165 -0.40 31.41 18.25
N GLU K 166 -0.87 32.60 18.64
CA GLU K 166 -0.26 33.83 18.14
C GLU K 166 1.18 33.98 18.58
N ALA K 167 1.47 33.67 19.86
CA ALA K 167 2.84 33.81 20.37
C ALA K 167 3.79 32.83 19.69
N VAL K 168 3.36 31.58 19.52
CA VAL K 168 4.17 30.60 18.81
C VAL K 168 4.41 31.06 17.38
N GLN K 169 3.36 31.57 16.72
CA GLN K 169 3.51 32.08 15.37
C GLN K 169 4.52 33.22 15.32
N VAL K 170 4.50 34.12 16.30
CA VAL K 170 5.42 35.25 16.29
C VAL K 170 6.85 34.78 16.48
N ILE K 171 7.07 33.87 17.43
CA ILE K 171 8.42 33.35 17.65
C ILE K 171 8.94 32.68 16.38
N ALA K 172 8.11 31.86 15.74
CA ALA K 172 8.57 31.16 14.54
C ALA K 172 8.76 32.11 13.37
N MET K 173 7.90 33.13 13.26
CA MET K 173 8.03 34.09 12.18
C MET K 173 9.29 34.93 12.33
N PHE K 174 9.71 35.20 13.55
CA PHE K 174 10.96 35.93 13.70
C PHE K 174 12.16 35.01 13.55
N ASN K 175 12.00 33.72 13.87
CA ASN K 175 13.02 32.75 13.46
C ASN K 175 13.15 32.70 11.94
N MET K 176 12.09 33.05 11.22
CA MET K 176 12.16 33.11 9.76
C MET K 176 12.79 34.41 9.26
N THR K 177 12.35 35.56 9.80
CA THR K 177 12.84 36.84 9.32
C THR K 177 14.30 37.06 9.70
N ASN K 178 14.72 36.57 10.88
CA ASN K 178 16.14 36.62 11.24
C ASN K 178 16.97 35.94 10.17
N ARG K 179 16.55 34.74 9.75
CA ARG K 179 17.32 33.99 8.79
C ARG K 179 17.34 34.67 7.43
N VAL K 180 16.19 35.20 6.98
CA VAL K 180 16.15 35.88 5.69
C VAL K 180 17.08 37.10 5.71
N SER K 181 16.92 37.97 6.72
CA SER K 181 17.67 39.22 6.75
C SER K 181 19.16 38.98 6.93
N SER K 182 19.55 37.99 7.73
CA SER K 182 20.96 37.73 7.94
C SER K 182 21.59 37.03 6.75
N ALA K 183 20.86 36.14 6.09
CA ALA K 183 21.39 35.46 4.93
C ALA K 183 21.59 36.43 3.77
N LEU K 184 20.71 37.42 3.63
CA LEU K 184 20.78 38.31 2.48
C LEU K 184 21.34 39.69 2.82
N GLY K 185 21.86 39.87 4.03
CA GLY K 185 22.56 41.09 4.38
C GLY K 185 21.71 42.35 4.41
N PHE K 186 20.51 42.28 4.95
CA PHE K 186 19.68 43.47 5.07
C PHE K 186 20.23 44.39 6.16
N VAL K 187 20.09 45.69 5.94
CA VAL K 187 20.65 46.71 6.82
C VAL K 187 19.51 47.58 7.34
N PRO K 188 19.37 47.75 8.65
CA PRO K 188 18.27 48.58 9.17
C PRO K 188 18.49 50.06 8.89
N ASN K 189 17.38 50.77 8.68
CA ASN K 189 17.44 52.19 8.45
C ASN K 189 18.03 52.91 9.65
N PRO K 190 18.83 53.95 9.45
CA PRO K 190 19.43 54.67 10.60
C PRO K 190 18.40 55.19 11.60
N GLU K 191 17.20 55.57 11.13
CA GLU K 191 16.21 56.18 12.02
C GLU K 191 15.90 55.27 13.19
N TYR K 192 15.86 53.96 12.96
CA TYR K 192 15.49 53.02 14.01
C TYR K 192 16.41 53.15 15.22
N HIS K 193 17.67 53.53 15.02
CA HIS K 193 18.59 53.59 16.15
C HIS K 193 18.20 54.65 17.16
N ILE K 194 17.61 55.76 16.72
CA ILE K 194 17.33 56.89 17.62
C ILE K 194 15.85 57.00 18.05
N GLN K 195 14.95 56.21 17.48
CA GLN K 195 13.52 56.52 17.53
C GLN K 195 12.93 56.80 18.91
N SER K 196 12.79 55.80 19.78
CA SER K 196 12.22 56.05 21.11
C SER K 196 13.23 55.89 22.25
N ARG K 197 14.47 56.34 22.02
CA ARG K 197 15.46 56.43 23.09
C ARG K 197 14.88 57.12 24.32
N PRO L 12 33.10 -0.31 48.14
CA PRO L 12 33.41 0.20 46.80
C PRO L 12 32.37 -0.27 45.82
N ARG L 13 31.54 0.61 45.29
CA ARG L 13 30.50 0.12 44.39
C ARG L 13 30.92 0.26 42.94
N LEU L 14 31.48 -0.83 42.43
CA LEU L 14 31.96 -0.97 41.06
C LEU L 14 30.94 -0.59 40.00
N SER L 15 29.64 -0.57 40.33
CA SER L 15 28.63 -0.37 39.31
C SER L 15 27.35 0.16 39.94
N PHE L 16 26.52 0.81 39.09
CA PHE L 16 25.15 1.18 39.45
C PHE L 16 24.19 0.01 39.39
N LEU L 17 24.58 -1.10 38.78
CA LEU L 17 23.77 -2.30 38.69
C LEU L 17 24.38 -3.39 39.54
N ALA L 18 23.67 -4.51 39.64
CA ALA L 18 24.20 -5.66 40.35
C ALA L 18 25.45 -6.16 39.66
N VAL L 19 26.42 -6.61 40.45
CA VAL L 19 27.68 -7.13 39.95
C VAL L 19 27.70 -8.63 40.20
N PRO L 20 28.06 -9.45 39.21
CA PRO L 20 28.06 -10.90 39.44
C PRO L 20 29.06 -11.32 40.49
N THR L 21 28.64 -12.25 41.33
CA THR L 21 29.54 -12.81 42.32
C THR L 21 30.19 -14.01 41.66
N GLU L 22 31.06 -14.67 42.38
CA GLU L 22 31.79 -15.87 42.02
C GLU L 22 30.88 -17.04 42.23
N ASP L 23 29.72 -16.69 42.75
CA ASP L 23 28.62 -17.54 43.15
C ASP L 23 27.68 -17.74 41.95
N ASN L 24 27.36 -16.64 41.24
CA ASN L 24 26.48 -16.63 40.08
C ASN L 24 27.18 -16.34 38.75
N ALA L 25 28.49 -16.11 38.74
CA ALA L 25 29.14 -15.69 37.50
C ALA L 25 29.24 -16.82 36.49
N HIS L 26 29.19 -16.44 35.22
CA HIS L 26 29.48 -17.35 34.13
C HIS L 26 30.92 -17.85 34.22
N GLU L 27 31.13 -19.13 33.86
CA GLU L 27 32.46 -19.59 33.45
C GLU L 27 32.84 -19.04 32.10
N GLY L 28 33.76 -18.10 32.14
CA GLY L 28 34.36 -17.49 30.98
C GLY L 28 34.58 -16.10 31.52
N VAL L 29 33.63 -15.67 32.36
CA VAL L 29 33.82 -14.49 33.19
C VAL L 29 34.80 -14.79 34.32
N LYS L 30 34.61 -15.91 35.01
CA LYS L 30 35.55 -16.32 36.05
C LYS L 30 36.89 -16.64 35.43
N LYS L 31 36.83 -17.23 34.23
CA LYS L 31 38.00 -17.77 33.57
C LYS L 31 38.88 -16.57 33.16
N LEU L 32 38.21 -15.50 32.70
CA LEU L 32 38.83 -14.21 32.36
C LEU L 32 39.31 -13.46 33.60
N TRP L 33 38.55 -13.54 34.70
CA TRP L 33 39.01 -12.93 35.95
C TRP L 33 40.35 -13.51 36.35
N SER L 34 40.45 -14.85 36.30
CA SER L 34 41.66 -15.51 36.76
C SER L 34 42.84 -15.19 35.84
N LYS L 35 42.62 -15.19 34.52
CA LYS L 35 43.76 -14.87 33.67
C LYS L 35 44.13 -13.39 33.71
N ALA L 36 43.14 -12.49 33.81
CA ALA L 36 43.44 -11.08 33.86
C ALA L 36 44.31 -10.78 35.05
N GLU L 37 44.03 -11.42 36.18
CA GLU L 37 44.89 -11.24 37.33
C GLU L 37 46.23 -11.95 37.23
N ALA L 38 46.27 -13.12 36.60
CA ALA L 38 47.56 -13.78 36.51
C ALA L 38 48.51 -12.93 35.70
N ASN L 39 47.99 -12.16 34.74
CA ASN L 39 48.84 -11.38 33.87
C ASN L 39 48.98 -9.89 34.22
N MET L 40 48.05 -9.26 34.94
CA MET L 40 48.11 -7.80 35.11
C MET L 40 48.24 -7.25 36.52
N GLY L 41 48.05 -8.07 37.56
CA GLY L 41 48.16 -7.68 38.97
C GLY L 41 46.88 -7.15 39.61
N PHE L 42 45.78 -7.06 38.88
CA PHE L 42 44.49 -6.71 39.45
C PHE L 42 43.48 -7.20 38.44
N VAL L 43 42.21 -7.22 38.82
CA VAL L 43 41.14 -7.59 37.91
C VAL L 43 40.40 -6.32 37.53
N PRO L 44 40.39 -5.93 36.26
CA PRO L 44 39.69 -4.70 35.86
C PRO L 44 38.25 -4.67 36.35
N ASN L 45 37.87 -3.55 36.94
CA ASN L 45 36.54 -3.42 37.50
C ASN L 45 35.46 -3.54 36.43
N VAL L 46 35.80 -3.24 35.17
CA VAL L 46 34.84 -3.44 34.10
C VAL L 46 34.53 -4.92 33.93
N PHE L 47 35.54 -5.78 34.09
CA PHE L 47 35.33 -7.22 33.97
C PHE L 47 34.38 -7.75 35.04
N ARG L 48 34.27 -7.07 36.17
CA ARG L 48 33.31 -7.44 37.20
C ARG L 48 31.95 -6.81 36.95
N ALA L 49 31.93 -5.52 36.62
CA ALA L 49 30.66 -4.81 36.52
C ALA L 49 29.88 -5.20 35.27
N GLN L 50 30.51 -5.13 34.10
CA GLN L 50 29.83 -5.39 32.84
C GLN L 50 29.47 -6.85 32.64
N ALA L 51 30.00 -7.74 33.48
CA ALA L 51 29.80 -9.17 33.29
C ALA L 51 28.48 -9.69 33.84
N LEU L 52 27.56 -8.80 34.24
CA LEU L 52 26.25 -9.27 34.72
C LEU L 52 25.51 -10.02 33.62
N ASN L 53 25.65 -9.58 32.38
CA ASN L 53 25.13 -10.32 31.23
C ASN L 53 26.28 -11.12 30.62
N GLY L 54 26.35 -12.42 30.97
CA GLY L 54 27.46 -13.30 30.64
C GLY L 54 27.89 -13.38 29.19
N GLU L 55 26.98 -13.84 28.30
CA GLU L 55 27.39 -14.10 26.92
C GLU L 55 27.82 -12.80 26.31
N GLN L 56 26.99 -11.78 26.54
CA GLN L 56 27.16 -10.47 25.94
C GLN L 56 28.47 -9.85 26.34
N PHE L 57 28.81 -9.94 27.62
CA PHE L 57 30.10 -9.44 28.06
C PHE L 57 31.22 -10.23 27.40
N LEU L 58 31.05 -11.54 27.26
CA LEU L 58 32.13 -12.34 26.70
C LEU L 58 32.34 -12.02 25.22
N ALA L 59 31.25 -11.84 24.47
CA ALA L 59 31.37 -11.46 23.07
C ALA L 59 31.97 -10.05 22.93
N TRP L 60 31.50 -9.12 23.77
CA TRP L 60 32.07 -7.79 23.76
C TRP L 60 33.56 -7.84 24.03
N TRP L 61 33.99 -8.64 25.01
CA TRP L 61 35.40 -8.71 25.36
C TRP L 61 36.21 -9.34 24.25
N ASN L 62 35.67 -10.39 23.61
CA ASN L 62 36.34 -10.97 22.45
C ASN L 62 36.63 -9.89 21.42
N TYR L 63 35.60 -9.14 21.03
CA TYR L 63 35.78 -8.11 20.00
C TYR L 63 36.74 -7.03 20.47
N PHE L 64 36.54 -6.51 21.68
CA PHE L 64 37.35 -5.41 22.18
C PHE L 64 38.82 -5.81 22.31
N ASN L 65 39.08 -6.98 22.87
CA ASN L 65 40.45 -7.46 23.01
C ASN L 65 41.11 -7.63 21.65
N LEU L 66 40.41 -8.21 20.68
CA LEU L 66 40.99 -8.35 19.34
C LEU L 66 41.28 -6.99 18.73
N LEU L 67 40.37 -6.03 18.91
CA LEU L 67 40.47 -4.75 18.21
C LEU L 67 41.53 -3.83 18.83
N VAL L 68 41.59 -3.76 20.16
CA VAL L 68 42.37 -2.75 20.85
C VAL L 68 43.71 -3.29 21.35
N ASN L 69 43.74 -4.52 21.85
CA ASN L 69 44.94 -5.07 22.49
C ASN L 69 45.73 -5.98 21.56
N LYS L 70 45.05 -6.87 20.85
CA LYS L 70 45.76 -7.83 20.02
C LYS L 70 46.33 -7.12 18.80
N GLU L 71 47.05 -7.89 18.00
CA GLU L 71 47.86 -7.26 16.99
C GLU L 71 47.02 -6.95 15.75
N GLY L 72 47.32 -5.82 15.13
CA GLY L 72 46.57 -5.37 13.99
C GLY L 72 47.31 -4.32 13.19
N GLY L 73 46.53 -3.56 12.41
CA GLY L 73 47.13 -2.57 11.52
C GLY L 73 47.70 -1.35 12.23
N LEU L 74 47.34 -1.10 13.48
CA LEU L 74 47.82 0.05 14.22
C LEU L 74 48.66 -0.39 15.42
N SER L 75 49.63 0.44 15.78
CA SER L 75 50.41 0.19 16.99
C SER L 75 49.51 0.34 18.22
N ASN L 76 49.96 -0.26 19.33
CA ASN L 76 49.25 -0.08 20.58
C ASN L 76 49.24 1.38 21.02
N ALA L 77 50.35 2.10 20.76
CA ALA L 77 50.44 3.50 21.17
C ALA L 77 49.42 4.36 20.44
N GLU L 78 49.25 4.15 19.13
CA GLU L 78 48.28 4.94 18.37
C GLU L 78 46.85 4.63 18.81
N ARG L 79 46.54 3.36 19.04
CA ARG L 79 45.21 3.01 19.48
C ARG L 79 44.92 3.61 20.85
N GLU L 80 45.90 3.60 21.75
CA GLU L 80 45.70 4.21 23.06
C GLU L 80 45.62 5.73 22.96
N LEU L 81 46.30 6.33 21.98
CA LEU L 81 46.15 7.76 21.74
C LEU L 81 44.71 8.08 21.35
N LEU L 82 44.15 7.32 20.41
CA LEU L 82 42.74 7.49 20.04
C LEU L 82 41.84 7.32 21.25
N ALA L 83 42.09 6.28 22.05
CA ALA L 83 41.28 6.02 23.24
C ALA L 83 41.32 7.20 24.20
N VAL L 84 42.52 7.73 24.45
CA VAL L 84 42.67 8.82 25.41
C VAL L 84 41.95 10.07 24.92
N VAL L 85 42.09 10.39 23.63
CA VAL L 85 41.41 11.56 23.08
C VAL L 85 39.90 11.42 23.21
N VAL L 86 39.35 10.26 22.81
CA VAL L 86 37.91 10.07 22.83
C VAL L 86 37.38 10.10 24.26
N SER L 87 38.07 9.43 25.19
CA SER L 87 37.61 9.40 26.57
C SER L 87 37.70 10.77 27.22
N GLY L 88 38.70 11.58 26.85
CA GLY L 88 38.72 12.95 27.32
C GLY L 88 37.56 13.76 26.79
N LEU L 89 37.21 13.56 25.52
CA LEU L 89 36.10 14.31 24.94
C LEU L 89 34.77 13.95 25.58
N ASN L 90 34.52 12.65 25.76
CA ASN L 90 33.28 12.21 26.38
C ASN L 90 33.31 12.31 27.90
N ARG L 91 34.46 12.63 28.48
CA ARG L 91 34.60 12.82 29.92
C ARG L 91 34.18 11.59 30.71
N CYS L 92 34.75 10.45 30.33
CA CYS L 92 34.54 9.18 31.03
C CYS L 92 35.77 8.89 31.87
N VAL L 93 35.60 8.89 33.19
CA VAL L 93 36.74 8.78 34.10
C VAL L 93 37.38 7.41 33.99
N TYR L 94 36.58 6.35 33.90
CA TYR L 94 37.13 4.99 33.83
C TYR L 94 38.09 4.83 32.68
N CYS L 95 37.63 5.13 31.46
CA CYS L 95 38.45 4.90 30.28
C CYS L 95 39.60 5.88 30.23
N ALA L 96 39.36 7.12 30.66
CA ALA L 96 40.45 8.10 30.74
C ALA L 96 41.59 7.59 31.60
N VAL L 97 41.29 7.14 32.81
CA VAL L 97 42.33 6.69 33.73
C VAL L 97 43.04 5.45 33.18
N SER L 98 42.25 4.42 32.83
CA SER L 98 42.87 3.14 32.45
C SER L 98 43.70 3.28 31.17
N HIS L 99 43.12 3.90 30.13
CA HIS L 99 43.85 4.02 28.89
C HIS L 99 44.87 5.14 28.91
N GLY L 100 44.80 6.07 29.87
CA GLY L 100 45.93 6.95 30.08
C GLY L 100 47.11 6.22 30.66
N ALA L 101 46.86 5.30 31.60
CA ALA L 101 47.93 4.42 32.07
C ALA L 101 48.52 3.61 30.91
N ALA L 102 47.65 3.05 30.08
CA ALA L 102 48.12 2.26 28.94
C ALA L 102 48.93 3.11 27.96
N LEU L 103 48.49 4.35 27.72
CA LEU L 103 49.21 5.23 26.79
C LEU L 103 50.55 5.65 27.36
N ARG L 104 50.60 5.94 28.67
CA ARG L 104 51.87 6.24 29.31
C ARG L 104 52.83 5.06 29.17
N GLU L 105 52.32 3.83 29.33
CA GLU L 105 53.18 2.66 29.20
C GLU L 105 53.69 2.50 27.77
N PHE L 106 52.77 2.50 26.80
CA PHE L 106 53.14 2.17 25.42
C PHE L 106 53.93 3.28 24.74
N SER L 107 53.71 4.54 25.16
CA SER L 107 54.40 5.66 24.55
C SER L 107 55.70 6.02 25.28
N GLY L 108 55.79 5.70 26.57
CA GLY L 108 56.93 6.10 27.37
C GLY L 108 57.04 7.59 27.57
N ASP L 109 55.98 8.35 27.27
CA ASP L 109 55.99 9.82 27.31
C ASP L 109 54.80 10.26 28.15
N ALA L 110 55.02 10.43 29.46
CA ALA L 110 53.93 10.80 30.36
C ALA L 110 53.41 12.21 30.09
N VAL L 111 54.30 13.14 29.77
CA VAL L 111 53.86 14.51 29.51
C VAL L 111 52.96 14.56 28.28
N LYS L 112 53.35 13.87 27.20
CA LYS L 112 52.54 13.85 25.99
C LYS L 112 51.18 13.22 26.25
N ALA L 113 51.14 12.13 27.03
CA ALA L 113 49.88 11.48 27.36
C ALA L 113 48.98 12.42 28.18
N ASP L 114 49.55 13.07 29.19
CA ASP L 114 48.78 14.01 29.98
C ASP L 114 48.24 15.14 29.12
N ALA L 115 49.04 15.62 28.17
CA ALA L 115 48.61 16.71 27.32
C ALA L 115 47.48 16.28 26.38
N VAL L 116 47.62 15.12 25.74
CA VAL L 116 46.59 14.67 24.80
C VAL L 116 45.30 14.33 25.54
N ALA L 117 45.39 13.93 26.82
CA ALA L 117 44.17 13.66 27.57
C ALA L 117 43.31 14.91 27.71
N VAL L 118 43.91 16.09 27.68
CA VAL L 118 43.19 17.34 27.87
C VAL L 118 42.91 17.99 26.52
N ASN L 119 43.96 18.26 25.75
CA ASN L 119 43.82 18.93 24.46
C ASN L 119 44.99 18.52 23.58
N TRP L 120 44.73 17.72 22.55
CA TRP L 120 45.79 17.28 21.64
C TRP L 120 46.40 18.45 20.87
N ARG L 121 45.67 19.57 20.72
CA ARG L 121 46.24 20.72 20.04
C ARG L 121 47.41 21.32 20.80
N GLN L 122 47.46 21.13 22.11
CA GLN L 122 48.52 21.69 22.94
C GLN L 122 49.55 20.64 23.35
N ALA L 123 49.68 19.57 22.57
CA ALA L 123 50.72 18.58 22.74
C ALA L 123 51.67 18.64 21.56
N GLU L 124 52.84 18.03 21.73
CA GLU L 124 53.83 17.95 20.64
C GLU L 124 53.65 16.61 19.95
N LEU L 125 52.94 16.62 18.83
CA LEU L 125 52.56 15.42 18.12
C LEU L 125 53.16 15.44 16.72
N SER L 126 53.46 14.24 16.20
CA SER L 126 53.87 14.11 14.81
C SER L 126 52.72 14.50 13.88
N GLU L 127 52.97 14.49 12.59
CA GLU L 127 51.88 14.78 11.66
C GLU L 127 50.88 13.65 11.56
N ARG L 128 51.35 12.40 11.70
CA ARG L 128 50.38 11.33 11.69
C ARG L 128 49.49 11.40 12.92
N GLU L 129 50.09 11.66 14.09
CA GLU L 129 49.33 11.74 15.32
C GLU L 129 48.36 12.91 15.30
N GLN L 130 48.78 14.06 14.76
CA GLN L 130 47.88 15.20 14.65
C GLN L 130 46.68 14.87 13.78
N ALA L 131 46.93 14.27 12.62
CA ALA L 131 45.83 13.91 11.73
C ALA L 131 44.86 12.94 12.41
N MET L 132 45.41 11.90 13.07
CA MET L 132 44.56 10.90 13.71
C MET L 132 43.72 11.51 14.82
N CYS L 133 44.31 12.43 15.59
CA CYS L 133 43.58 13.00 16.72
C CYS L 133 42.52 13.98 16.25
N ALA L 134 42.79 14.76 15.19
CA ALA L 134 41.77 15.63 14.64
C ALA L 134 40.60 14.80 14.10
N TYR L 135 40.90 13.70 13.41
CA TYR L 135 39.84 12.83 12.92
C TYR L 135 39.03 12.25 14.07
N ALA L 136 39.71 11.79 15.13
CA ALA L 136 39.02 11.23 16.28
C ALA L 136 38.09 12.25 16.93
N GLU L 137 38.57 13.49 17.10
CA GLU L 137 37.74 14.51 17.72
C GLU L 137 36.51 14.82 16.86
N LYS L 138 36.70 14.93 15.55
CA LYS L 138 35.56 15.21 14.69
C LYS L 138 34.55 14.07 14.72
N LEU L 139 35.04 12.82 14.68
CA LEU L 139 34.13 11.68 14.67
C LEU L 139 33.42 11.52 16.01
N THR L 140 34.04 11.95 17.11
CA THR L 140 33.39 11.86 18.42
C THR L 140 32.35 12.96 18.60
N LEU L 141 32.69 14.20 18.24
CA LEU L 141 31.83 15.33 18.57
C LEU L 141 30.82 15.67 17.47
N ARG L 142 31.16 15.41 16.21
CA ARG L 142 30.29 15.78 15.08
C ARG L 142 30.17 14.62 14.09
N PRO L 143 29.64 13.48 14.52
CA PRO L 143 29.58 12.31 13.61
C PRO L 143 28.73 12.56 12.37
N ALA L 144 27.74 13.44 12.44
CA ALA L 144 26.89 13.69 11.28
C ALA L 144 27.62 14.40 10.16
N GLU L 145 28.78 14.99 10.42
CA GLU L 145 29.50 15.80 9.46
C GLU L 145 30.65 15.07 8.77
N MET L 146 30.76 13.76 8.96
CA MET L 146 31.83 13.01 8.30
C MET L 146 31.66 13.03 6.79
N THR L 147 32.76 13.24 6.08
CA THR L 147 32.81 13.15 4.63
C THR L 147 34.00 12.31 4.22
N GLU L 148 34.03 11.93 2.94
CA GLU L 148 35.18 11.21 2.41
C GLU L 148 36.45 12.04 2.47
N ALA L 149 36.32 13.36 2.29
CA ALA L 149 37.49 14.24 2.32
C ALA L 149 38.21 14.18 3.66
N ASP L 150 37.48 13.87 4.74
CA ASP L 150 38.10 13.76 6.05
C ASP L 150 39.14 12.66 6.11
N LEU L 151 39.08 11.70 5.17
CA LEU L 151 40.10 10.65 5.12
C LEU L 151 41.39 11.11 4.47
N ALA L 152 41.36 12.25 3.77
CA ALA L 152 42.56 12.70 3.06
C ALA L 152 43.77 12.91 3.96
N PRO L 153 43.68 13.58 5.11
CA PRO L 153 44.86 13.67 5.97
C PRO L 153 45.35 12.31 6.45
N LEU L 154 44.45 11.42 6.83
CA LEU L 154 44.85 10.08 7.30
C LEU L 154 45.67 9.36 6.24
N ARG L 155 45.21 9.39 4.99
CA ARG L 155 45.97 8.78 3.91
C ARG L 155 47.28 9.51 3.64
N ALA L 156 47.30 10.83 3.88
CA ALA L 156 48.55 11.57 3.71
C ALA L 156 49.58 11.21 4.77
N ALA L 157 49.13 10.75 5.93
CA ALA L 157 50.02 10.31 6.99
C ALA L 157 50.48 8.87 6.83
N GLY L 158 50.13 8.21 5.71
CA GLY L 158 50.59 6.87 5.45
C GLY L 158 49.72 5.76 6.00
N LEU L 159 48.47 6.04 6.35
CA LEU L 159 47.57 5.02 6.87
C LEU L 159 46.93 4.27 5.71
N SER L 160 47.08 2.95 5.69
CA SER L 160 46.41 2.12 4.70
C SER L 160 44.90 2.11 4.96
N ASP L 161 44.16 1.57 4.00
CA ASP L 161 42.72 1.42 4.16
C ASP L 161 42.39 0.52 5.35
N GLU L 162 43.18 -0.54 5.53
CA GLU L 162 42.99 -1.41 6.69
C GLU L 162 43.26 -0.65 7.99
N ALA L 163 44.34 0.14 8.02
CA ALA L 163 44.63 0.93 9.22
C ALA L 163 43.55 1.98 9.47
N ILE L 164 43.00 2.55 8.40
CA ILE L 164 41.91 3.51 8.57
C ILE L 164 40.67 2.84 9.14
N LEU L 165 40.34 1.64 8.64
CA LEU L 165 39.22 0.89 9.19
C LEU L 165 39.44 0.57 10.66
N GLU L 166 40.66 0.17 11.02
CA GLU L 166 40.95 -0.12 12.42
C GLU L 166 40.83 1.14 13.28
N ALA L 167 41.34 2.27 12.80
CA ALA L 167 41.28 3.50 13.57
C ALA L 167 39.84 3.97 13.78
N VAL L 168 39.03 3.91 12.72
CA VAL L 168 37.62 4.27 12.85
C VAL L 168 36.93 3.34 13.85
N GLN L 169 37.22 2.04 13.77
CA GLN L 169 36.66 1.09 14.72
C GLN L 169 37.07 1.44 16.15
N VAL L 170 38.32 1.85 16.35
CA VAL L 170 38.79 2.17 17.69
C VAL L 170 38.06 3.39 18.23
N ILE L 171 37.95 4.44 17.41
CA ILE L 171 37.26 5.66 17.83
C ILE L 171 35.81 5.34 18.21
N ALA L 172 35.11 4.60 17.36
CA ALA L 172 33.71 4.30 17.63
C ALA L 172 33.56 3.36 18.82
N MET L 173 34.47 2.40 18.97
CA MET L 173 34.40 1.47 20.08
C MET L 173 34.62 2.17 21.41
N PHE L 174 35.45 3.21 21.42
CA PHE L 174 35.60 3.95 22.67
C PHE L 174 34.46 4.93 22.87
N ASN L 175 33.85 5.43 21.79
CA ASN L 175 32.58 6.14 21.94
C ASN L 175 31.51 5.23 22.55
N MET L 176 31.64 3.92 22.37
CA MET L 176 30.70 3.00 23.01
C MET L 176 31.07 2.73 24.48
N THR L 177 32.35 2.44 24.73
CA THR L 177 32.76 2.07 26.09
C THR L 177 32.65 3.26 27.04
N ASN L 178 32.96 4.47 26.56
CA ASN L 178 32.75 5.67 27.37
C ASN L 178 31.31 5.76 27.84
N ARG L 179 30.37 5.55 26.91
CA ARG L 179 28.95 5.67 27.24
C ARG L 179 28.52 4.60 28.23
N VAL L 180 28.95 3.36 28.02
CA VAL L 180 28.59 2.29 28.94
C VAL L 180 29.11 2.60 30.35
N SER L 181 30.41 2.93 30.45
CA SER L 181 31.02 3.13 31.76
C SER L 181 30.44 4.35 32.47
N SER L 182 30.12 5.41 31.71
CA SER L 182 29.58 6.61 32.35
C SER L 182 28.12 6.42 32.75
N ALA L 183 27.34 5.69 31.93
CA ALA L 183 25.94 5.46 32.28
C ALA L 183 25.81 4.53 33.47
N LEU L 184 26.69 3.55 33.60
CA LEU L 184 26.54 2.52 34.63
C LEU L 184 27.49 2.71 35.81
N GLY L 185 28.19 3.84 35.87
CA GLY L 185 28.98 4.16 37.05
C GLY L 185 30.15 3.24 37.30
N PHE L 186 30.89 2.87 36.25
CA PHE L 186 32.07 2.05 36.46
C PHE L 186 33.17 2.89 37.08
N VAL L 187 33.97 2.28 37.94
CA VAL L 187 35.02 2.98 38.69
C VAL L 187 36.35 2.33 38.32
N PRO L 188 37.34 3.10 37.88
CA PRO L 188 38.62 2.50 37.51
C PRO L 188 39.38 2.00 38.73
N ASN L 189 40.12 0.91 38.53
CA ASN L 189 40.90 0.33 39.61
C ASN L 189 41.97 1.34 40.07
N PRO L 190 42.25 1.42 41.37
CA PRO L 190 43.27 2.37 41.85
C PRO L 190 44.64 2.14 41.23
N GLU L 191 44.97 0.89 40.90
CA GLU L 191 46.31 0.59 40.39
C GLU L 191 46.63 1.39 39.14
N TYR L 192 45.62 1.63 38.30
CA TYR L 192 45.83 2.35 37.04
C TYR L 192 46.45 3.72 37.28
N HIS L 193 46.14 4.34 38.42
CA HIS L 193 46.63 5.69 38.69
C HIS L 193 48.15 5.75 38.78
N ILE L 194 48.81 4.66 39.17
CA ILE L 194 50.25 4.71 39.40
C ILE L 194 51.06 4.32 38.16
N GLN L 195 50.44 3.69 37.17
CA GLN L 195 51.17 3.04 36.10
C GLN L 195 51.97 4.02 35.24
N SER L 196 53.25 3.71 35.04
CA SER L 196 54.12 4.40 34.08
C SER L 196 54.33 5.88 34.37
N ARG L 197 54.00 6.36 35.57
CA ARG L 197 54.33 7.73 35.97
C ARG L 197 55.77 8.10 35.63
C1 GOL M . -21.15 1.90 -16.61
O1 GOL M . -20.81 2.75 -15.57
C2 GOL M . -20.63 2.53 -17.93
O2 GOL M . -21.65 2.90 -18.78
C3 GOL M . -19.74 3.73 -17.51
O3 GOL M . -19.38 4.38 -18.68
C1 GOL N . -4.14 -10.20 -9.03
O1 GOL N . -4.17 -8.82 -9.19
C2 GOL N . -4.67 -10.86 -10.36
O2 GOL N . -5.85 -11.56 -10.16
C3 GOL N . -4.83 -9.69 -11.35
O3 GOL N . -5.42 -10.24 -12.49
C1 GOL O . -27.35 -51.63 -19.74
O1 GOL O . -28.69 -51.99 -19.91
C2 GOL O . -27.11 -50.36 -20.58
O2 GOL O . -28.06 -49.37 -20.33
C3 GOL O . -25.67 -49.90 -20.23
O3 GOL O . -25.47 -48.68 -20.88
C1 GOL P . -50.43 -30.95 -34.08
O1 GOL P . -51.16 -31.29 -35.22
C2 GOL P . -48.96 -31.24 -34.39
O2 GOL P . -48.61 -30.74 -35.64
C3 GOL P . -48.18 -30.56 -33.24
O3 GOL P . -48.14 -29.20 -33.53
C1 GOL Q . -31.30 -20.59 -26.06
O1 GOL Q . -31.03 -19.38 -26.71
C2 GOL Q . -32.20 -21.42 -27.01
O2 GOL Q . -33.44 -20.83 -27.19
C3 GOL Q . -32.30 -22.84 -26.37
O3 GOL Q . -33.60 -22.99 -25.88
C1 GOL R . -14.61 -40.58 -4.99
O1 GOL R . -15.87 -40.73 -4.38
C2 GOL R . -13.58 -41.22 -4.04
O2 GOL R . -13.16 -42.47 -4.48
C3 GOL R . -12.42 -40.19 -3.98
O3 GOL R . -11.37 -40.75 -3.24
C1 PEG S . -24.50 -31.86 -18.94
O1 PEG S . -25.66 -31.69 -19.70
C2 PEG S . -24.54 -30.92 -17.74
O2 PEG S . -23.43 -30.07 -17.80
C3 PEG S . -23.31 -29.19 -16.72
C4 PEG S . -22.78 -29.95 -15.50
O4 PEG S . -21.79 -29.20 -14.85
C1 GOL T . -42.60 -8.92 -39.01
O1 GOL T . -42.85 -7.92 -39.95
C2 GOL T . -41.12 -9.37 -39.22
O2 GOL T . -40.34 -9.12 -38.10
C3 GOL T . -41.21 -10.88 -39.52
O3 GOL T . -39.89 -11.36 -39.53
C TRS U . -55.67 4.81 -44.38
C1 TRS U . -55.62 3.33 -44.05
C2 TRS U . -54.81 5.09 -45.61
C3 TRS U . -55.23 5.63 -43.17
N TRS U . -57.06 5.19 -44.70
O1 TRS U . -54.27 2.93 -43.84
O2 TRS U . -55.29 4.33 -46.69
O3 TRS U . -55.11 6.99 -43.49
C1 GOL V . 49.17 29.28 37.07
O1 GOL V . 48.74 30.50 37.59
C2 GOL V . 48.49 29.12 35.69
O2 GOL V . 47.60 28.06 35.66
C3 GOL V . 47.80 30.47 35.37
O3 GOL V . 47.09 30.27 34.18
C1 GOL W . 31.66 46.35 33.10
O1 GOL W . 31.04 45.16 33.43
C2 GOL W . 33.11 46.26 33.62
O2 GOL W . 33.36 47.20 34.62
C3 GOL W . 33.27 44.81 34.11
O3 GOL W . 34.52 44.72 34.70
C1 GOL X . 3.05 22.34 8.44
O1 GOL X . 3.10 23.69 8.77
C2 GOL X . 3.64 22.20 7.02
O2 GOL X . 4.31 21.00 6.86
C3 GOL X . 2.43 22.33 6.07
O3 GOL X . 2.91 22.08 4.79
C TRS Y . -19.21 29.91 11.93
C1 TRS Y . -18.97 30.75 10.69
C2 TRS Y . -18.49 30.53 13.11
C3 TRS Y . -20.71 29.84 12.19
N TRS Y . -18.70 28.57 11.70
O1 TRS Y . -20.08 30.63 9.82
O2 TRS Y . -17.16 30.09 13.08
O3 TRS Y . -21.00 28.61 12.82
C1 GOL Z . 22.82 -3.51 10.86
O1 GOL Z . 22.32 -2.78 9.77
C2 GOL Z . 24.20 -2.92 11.22
O2 GOL Z . 25.23 -3.52 10.51
C3 GOL Z . 24.11 -1.40 10.95
O3 GOL Z . 25.40 -0.89 11.13
C1 PEG AA . 29.06 14.51 22.35
O1 PEG AA . 29.25 15.25 23.53
C2 PEG AA . 28.04 15.20 21.47
O2 PEG AA . 27.71 14.37 20.39
C3 PEG AA . 26.55 14.76 19.70
C4 PEG AA . 26.52 14.08 18.33
O4 PEG AA . 25.67 14.79 17.47
C1 GOL BA . 12.57 42.52 9.88
O1 GOL BA . 12.41 42.82 11.24
C2 GOL BA . 11.25 42.82 9.16
O2 GOL BA . 10.67 41.66 8.67
C3 GOL BA . 10.36 43.55 10.19
O3 GOL BA . 9.11 43.72 9.59
C1 GOL CA . 35.30 -0.03 29.11
O1 GOL CA . 34.54 0.06 30.27
C2 GOL CA . 36.77 -0.12 29.55
O2 GOL CA . 37.17 -1.43 29.77
C3 GOL CA . 37.56 0.55 28.41
O3 GOL CA . 38.91 0.36 28.72
#